data_1G4G
# 
_entry.id   1G4G 
# 
_audit_conform.dict_name       mmcif_pdbx.dic 
_audit_conform.dict_version    5.398 
_audit_conform.dict_location   http://mmcif.pdb.org/dictionaries/ascii/mmcif_pdbx.dic 
# 
loop_
_database_2.database_id 
_database_2.database_code 
_database_2.pdbx_database_accession 
_database_2.pdbx_DOI 
PDB   1G4G         pdb_00001g4g 10.2210/pdb1g4g/pdb 
RCSB  RCSB012220   ?            ?                   
WWPDB D_1000012220 ?            ?                   
# 
loop_
_pdbx_audit_revision_history.ordinal 
_pdbx_audit_revision_history.data_content_type 
_pdbx_audit_revision_history.major_revision 
_pdbx_audit_revision_history.minor_revision 
_pdbx_audit_revision_history.revision_date 
1 'Structure model' 1 0 2000-11-15 
2 'Structure model' 1 1 2008-04-27 
3 'Structure model' 1 2 2011-07-13 
4 'Structure model' 1 3 2022-02-23 
5 'Structure model' 1 4 2024-11-06 
# 
_pdbx_audit_revision_details.ordinal             1 
_pdbx_audit_revision_details.revision_ordinal    1 
_pdbx_audit_revision_details.data_content_type   'Structure model' 
_pdbx_audit_revision_details.provider            repository 
_pdbx_audit_revision_details.type                'Initial release' 
_pdbx_audit_revision_details.description         ? 
_pdbx_audit_revision_details.details             ? 
# 
loop_
_pdbx_audit_revision_group.ordinal 
_pdbx_audit_revision_group.revision_ordinal 
_pdbx_audit_revision_group.data_content_type 
_pdbx_audit_revision_group.group 
1 2 'Structure model' 'Version format compliance' 
2 3 'Structure model' 'Version format compliance' 
3 4 'Structure model' 'Database references'       
4 4 'Structure model' 'Derived calculations'      
5 5 'Structure model' 'Data collection'           
6 5 'Structure model' 'Structure summary'         
# 
loop_
_pdbx_audit_revision_category.ordinal 
_pdbx_audit_revision_category.revision_ordinal 
_pdbx_audit_revision_category.data_content_type 
_pdbx_audit_revision_category.category 
1 4 'Structure model' database_2                
2 4 'Structure model' pdbx_struct_assembly      
3 4 'Structure model' pdbx_struct_oper_list     
4 4 'Structure model' struct_ref_seq_dif        
5 5 'Structure model' chem_comp_atom            
6 5 'Structure model' chem_comp_bond            
7 5 'Structure model' pdbx_entry_details        
8 5 'Structure model' pdbx_modification_feature 
# 
loop_
_pdbx_audit_revision_item.ordinal 
_pdbx_audit_revision_item.revision_ordinal 
_pdbx_audit_revision_item.data_content_type 
_pdbx_audit_revision_item.item 
1 4 'Structure model' '_database_2.pdbx_DOI'                
2 4 'Structure model' '_database_2.pdbx_database_accession' 
3 4 'Structure model' '_struct_ref_seq_dif.details'         
# 
_pdbx_database_status.status_code                     REL 
_pdbx_database_status.entry_id                        1G4G 
_pdbx_database_status.recvd_initial_deposition_date   2000-10-27 
_pdbx_database_status.deposit_site                    RCSB 
_pdbx_database_status.process_site                    RCSB 
_pdbx_database_status.SG_entry                        . 
_pdbx_database_status.pdb_format_compatible           Y 
_pdbx_database_status.status_code_mr                  ? 
_pdbx_database_status.status_code_sf                  ? 
_pdbx_database_status.status_code_cs                  ? 
_pdbx_database_status.status_code_nmr_data            ? 
_pdbx_database_status.methods_development_category    ? 
# 
_pdbx_database_related.db_name        PDB 
_pdbx_database_related.db_id          1G4F 
_pdbx_database_related.details        'ENSEMBLE OF 20 STRUCTURES' 
_pdbx_database_related.content_type   unspecified 
# 
loop_
_audit_author.name 
_audit_author.pdbx_ordinal 
'Hoshino, M.'  1 
'Hagihara, Y.' 2 
'Nishii, I.'   3 
'Yamazaki, T.' 4 
'Kato, H.'     5 
'Goto, Y.'     6 
# 
_citation.id                        primary 
_citation.title                     
'Identification of the phospholipid-binding site of human beta(2)-glycoprotein I domain V by heteronuclear magnetic resonance.' 
_citation.journal_abbrev            J.Mol.Biol. 
_citation.journal_volume            304 
_citation.page_first                927 
_citation.page_last                 939 
_citation.year                      2000 
_citation.journal_id_ASTM           JMOBAK 
_citation.country                   UK 
_citation.journal_id_ISSN           0022-2836 
_citation.journal_id_CSD            0070 
_citation.book_publisher            ? 
_citation.pdbx_database_id_PubMed   11124037 
_citation.pdbx_database_id_DOI      10.1006/jmbi.2000.4243 
# 
loop_
_citation_author.citation_id 
_citation_author.name 
_citation_author.ordinal 
_citation_author.identifier_ORCID 
primary 'Hoshino, M.'  1 ? 
primary 'Hagihara, Y.' 2 ? 
primary 'Nishii, I.'   3 ? 
primary 'Yamazaki, T.' 4 ? 
primary 'Kato, H.'     5 ? 
primary 'Goto, Y.'     6 ? 
# 
_entity.id                         1 
_entity.type                       polymer 
_entity.src_method                 man 
_entity.pdbx_description           'BETA2-GLYCOPROTEIN I' 
_entity.formula_weight             9755.360 
_entity.pdbx_number_of_molecules   1 
_entity.pdbx_ec                    ? 
_entity.pdbx_mutation              ? 
_entity.pdbx_fragment              ? 
_entity.details                    ? 
# 
_entity_poly.entity_id                      1 
_entity_poly.type                           'polypeptide(L)' 
_entity_poly.nstd_linkage                   no 
_entity_poly.nstd_monomer                   no 
_entity_poly.pdbx_seq_one_letter_code       
;TKASCKLPVKKATVVYQGERVKIQEKFKNGMLHGDKVSFFCKNKEKKCSYTEDAQCIDGTIEVPKCFKEHSSLAFWKTDA
SDVKPC
;
_entity_poly.pdbx_seq_one_letter_code_can   
;TKASCKLPVKKATVVYQGERVKIQEKFKNGMLHGDKVSFFCKNKEKKCSYTEDAQCIDGTIEVPKCFKEHSSLAFWKTDA
SDVKPC
;
_entity_poly.pdbx_strand_id                 A 
_entity_poly.pdbx_target_identifier         ? 
# 
loop_
_entity_poly_seq.entity_id 
_entity_poly_seq.num 
_entity_poly_seq.mon_id 
_entity_poly_seq.hetero 
1 1  THR n 
1 2  LYS n 
1 3  ALA n 
1 4  SER n 
1 5  CYS n 
1 6  LYS n 
1 7  LEU n 
1 8  PRO n 
1 9  VAL n 
1 10 LYS n 
1 11 LYS n 
1 12 ALA n 
1 13 THR n 
1 14 VAL n 
1 15 VAL n 
1 16 TYR n 
1 17 GLN n 
1 18 GLY n 
1 19 GLU n 
1 20 ARG n 
1 21 VAL n 
1 22 LYS n 
1 23 ILE n 
1 24 GLN n 
1 25 GLU n 
1 26 LYS n 
1 27 PHE n 
1 28 LYS n 
1 29 ASN n 
1 30 GLY n 
1 31 MET n 
1 32 LEU n 
1 33 HIS n 
1 34 GLY n 
1 35 ASP n 
1 36 LYS n 
1 37 VAL n 
1 38 SER n 
1 39 PHE n 
1 40 PHE n 
1 41 CYS n 
1 42 LYS n 
1 43 ASN n 
1 44 LYS n 
1 45 GLU n 
1 46 LYS n 
1 47 LYS n 
1 48 CYS n 
1 49 SER n 
1 50 TYR n 
1 51 THR n 
1 52 GLU n 
1 53 ASP n 
1 54 ALA n 
1 55 GLN n 
1 56 CYS n 
1 57 ILE n 
1 58 ASP n 
1 59 GLY n 
1 60 THR n 
1 61 ILE n 
1 62 GLU n 
1 63 VAL n 
1 64 PRO n 
1 65 LYS n 
1 66 CYS n 
1 67 PHE n 
1 68 LYS n 
1 69 GLU n 
1 70 HIS n 
1 71 SER n 
1 72 SER n 
1 73 LEU n 
1 74 ALA n 
1 75 PHE n 
1 76 TRP n 
1 77 LYS n 
1 78 THR n 
1 79 ASP n 
1 80 ALA n 
1 81 SER n 
1 82 ASP n 
1 83 VAL n 
1 84 LYS n 
1 85 PRO n 
1 86 CYS n 
# 
_entity_src_gen.entity_id                          1 
_entity_src_gen.pdbx_src_id                        1 
_entity_src_gen.pdbx_alt_source_flag               sample 
_entity_src_gen.pdbx_seq_type                      ? 
_entity_src_gen.pdbx_beg_seq_num                   ? 
_entity_src_gen.pdbx_end_seq_num                   ? 
_entity_src_gen.gene_src_common_name               human 
_entity_src_gen.gene_src_genus                     Homo 
_entity_src_gen.pdbx_gene_src_gene                 ? 
_entity_src_gen.gene_src_species                   ? 
_entity_src_gen.gene_src_strain                    ? 
_entity_src_gen.gene_src_tissue                    ? 
_entity_src_gen.gene_src_tissue_fraction           ? 
_entity_src_gen.gene_src_details                   ? 
_entity_src_gen.pdbx_gene_src_fragment             ? 
_entity_src_gen.pdbx_gene_src_scientific_name      'Homo sapiens' 
_entity_src_gen.pdbx_gene_src_ncbi_taxonomy_id     9606 
_entity_src_gen.pdbx_gene_src_variant              ? 
_entity_src_gen.pdbx_gene_src_cell_line            ? 
_entity_src_gen.pdbx_gene_src_atcc                 ? 
_entity_src_gen.pdbx_gene_src_organ                ? 
_entity_src_gen.pdbx_gene_src_organelle            ? 
_entity_src_gen.pdbx_gene_src_cell                 ? 
_entity_src_gen.pdbx_gene_src_cellular_location    ? 
_entity_src_gen.host_org_common_name               ? 
_entity_src_gen.pdbx_host_org_scientific_name      'Pichia pastoris' 
_entity_src_gen.pdbx_host_org_ncbi_taxonomy_id     4922 
_entity_src_gen.host_org_genus                     Pichia 
_entity_src_gen.pdbx_host_org_gene                 ? 
_entity_src_gen.pdbx_host_org_organ                ? 
_entity_src_gen.host_org_species                   ? 
_entity_src_gen.pdbx_host_org_tissue               ? 
_entity_src_gen.pdbx_host_org_tissue_fraction      ? 
_entity_src_gen.pdbx_host_org_strain               ? 
_entity_src_gen.pdbx_host_org_variant              ? 
_entity_src_gen.pdbx_host_org_cell_line            ? 
_entity_src_gen.pdbx_host_org_atcc                 ? 
_entity_src_gen.pdbx_host_org_culture_collection   ? 
_entity_src_gen.pdbx_host_org_cell                 ? 
_entity_src_gen.pdbx_host_org_organelle            ? 
_entity_src_gen.pdbx_host_org_cellular_location    ? 
_entity_src_gen.pdbx_host_org_vector_type          ? 
_entity_src_gen.pdbx_host_org_vector               ? 
_entity_src_gen.host_org_details                   ? 
_entity_src_gen.expression_system_id               ? 
_entity_src_gen.plasmid_name                       ? 
_entity_src_gen.plasmid_details                    ? 
_entity_src_gen.pdbx_description                   ? 
# 
loop_
_chem_comp.id 
_chem_comp.type 
_chem_comp.mon_nstd_flag 
_chem_comp.name 
_chem_comp.pdbx_synonyms 
_chem_comp.formula 
_chem_comp.formula_weight 
ALA 'L-peptide linking' y ALANINE         ? 'C3 H7 N O2'     89.093  
ARG 'L-peptide linking' y ARGININE        ? 'C6 H15 N4 O2 1' 175.209 
ASN 'L-peptide linking' y ASPARAGINE      ? 'C4 H8 N2 O3'    132.118 
ASP 'L-peptide linking' y 'ASPARTIC ACID' ? 'C4 H7 N O4'     133.103 
CYS 'L-peptide linking' y CYSTEINE        ? 'C3 H7 N O2 S'   121.158 
GLN 'L-peptide linking' y GLUTAMINE       ? 'C5 H10 N2 O3'   146.144 
GLU 'L-peptide linking' y 'GLUTAMIC ACID' ? 'C5 H9 N O4'     147.129 
GLY 'peptide linking'   y GLYCINE         ? 'C2 H5 N O2'     75.067  
HIS 'L-peptide linking' y HISTIDINE       ? 'C6 H10 N3 O2 1' 156.162 
ILE 'L-peptide linking' y ISOLEUCINE      ? 'C6 H13 N O2'    131.173 
LEU 'L-peptide linking' y LEUCINE         ? 'C6 H13 N O2'    131.173 
LYS 'L-peptide linking' y LYSINE          ? 'C6 H15 N2 O2 1' 147.195 
MET 'L-peptide linking' y METHIONINE      ? 'C5 H11 N O2 S'  149.211 
PHE 'L-peptide linking' y PHENYLALANINE   ? 'C9 H11 N O2'    165.189 
PRO 'L-peptide linking' y PROLINE         ? 'C5 H9 N O2'     115.130 
SER 'L-peptide linking' y SERINE          ? 'C3 H7 N O3'     105.093 
THR 'L-peptide linking' y THREONINE       ? 'C4 H9 N O3'     119.119 
TRP 'L-peptide linking' y TRYPTOPHAN      ? 'C11 H12 N2 O2'  204.225 
TYR 'L-peptide linking' y TYROSINE        ? 'C9 H11 N O3'    181.189 
VAL 'L-peptide linking' y VALINE          ? 'C5 H11 N O2'    117.146 
# 
loop_
_pdbx_poly_seq_scheme.asym_id 
_pdbx_poly_seq_scheme.entity_id 
_pdbx_poly_seq_scheme.seq_id 
_pdbx_poly_seq_scheme.mon_id 
_pdbx_poly_seq_scheme.ndb_seq_num 
_pdbx_poly_seq_scheme.pdb_seq_num 
_pdbx_poly_seq_scheme.auth_seq_num 
_pdbx_poly_seq_scheme.pdb_mon_id 
_pdbx_poly_seq_scheme.auth_mon_id 
_pdbx_poly_seq_scheme.pdb_strand_id 
_pdbx_poly_seq_scheme.pdb_ins_code 
_pdbx_poly_seq_scheme.hetero 
A 1 1  THR 1  1  1  THR THR A . n 
A 1 2  LYS 2  2  2  LYS LYS A . n 
A 1 3  ALA 3  3  3  ALA ALA A . n 
A 1 4  SER 4  4  4  SER SER A . n 
A 1 5  CYS 5  5  5  CYS CYS A . n 
A 1 6  LYS 6  6  6  LYS LYS A . n 
A 1 7  LEU 7  7  7  LEU LEU A . n 
A 1 8  PRO 8  8  8  PRO PRO A . n 
A 1 9  VAL 9  9  9  VAL VAL A . n 
A 1 10 LYS 10 10 10 LYS LYS A . n 
A 1 11 LYS 11 11 11 LYS LYS A . n 
A 1 12 ALA 12 12 12 ALA ALA A . n 
A 1 13 THR 13 13 13 THR THR A . n 
A 1 14 VAL 14 14 14 VAL VAL A . n 
A 1 15 VAL 15 15 15 VAL VAL A . n 
A 1 16 TYR 16 16 16 TYR TYR A . n 
A 1 17 GLN 17 17 17 GLN GLN A . n 
A 1 18 GLY 18 18 18 GLY GLY A . n 
A 1 19 GLU 19 19 19 GLU GLU A . n 
A 1 20 ARG 20 20 20 ARG ARG A . n 
A 1 21 VAL 21 21 21 VAL VAL A . n 
A 1 22 LYS 22 22 22 LYS LYS A . n 
A 1 23 ILE 23 23 23 ILE ILE A . n 
A 1 24 GLN 24 24 24 GLN GLN A . n 
A 1 25 GLU 25 25 25 GLU GLU A . n 
A 1 26 LYS 26 26 26 LYS LYS A . n 
A 1 27 PHE 27 27 27 PHE PHE A . n 
A 1 28 LYS 28 28 28 LYS LYS A . n 
A 1 29 ASN 29 29 29 ASN ASN A . n 
A 1 30 GLY 30 30 30 GLY GLY A . n 
A 1 31 MET 31 31 31 MET MET A . n 
A 1 32 LEU 32 32 32 LEU LEU A . n 
A 1 33 HIS 33 33 33 HIS HIS A . n 
A 1 34 GLY 34 34 34 GLY GLY A . n 
A 1 35 ASP 35 35 35 ASP ASP A . n 
A 1 36 LYS 36 36 36 LYS LYS A . n 
A 1 37 VAL 37 37 37 VAL VAL A . n 
A 1 38 SER 38 38 38 SER SER A . n 
A 1 39 PHE 39 39 39 PHE PHE A . n 
A 1 40 PHE 40 40 40 PHE PHE A . n 
A 1 41 CYS 41 41 41 CYS CYS A . n 
A 1 42 LYS 42 42 42 LYS LYS A . n 
A 1 43 ASN 43 43 43 ASN ASN A . n 
A 1 44 LYS 44 44 44 LYS LYS A . n 
A 1 45 GLU 45 45 45 GLU GLU A . n 
A 1 46 LYS 46 46 46 LYS LYS A . n 
A 1 47 LYS 47 47 47 LYS LYS A . n 
A 1 48 CYS 48 48 48 CYS CYS A . n 
A 1 49 SER 49 49 49 SER SER A . n 
A 1 50 TYR 50 50 50 TYR TYR A . n 
A 1 51 THR 51 51 51 THR THR A . n 
A 1 52 GLU 52 52 52 GLU GLU A . n 
A 1 53 ASP 53 53 53 ASP ASP A . n 
A 1 54 ALA 54 54 54 ALA ALA A . n 
A 1 55 GLN 55 55 55 GLN GLN A . n 
A 1 56 CYS 56 56 56 CYS CYS A . n 
A 1 57 ILE 57 57 57 ILE ILE A . n 
A 1 58 ASP 58 58 58 ASP ASP A . n 
A 1 59 GLY 59 59 59 GLY GLY A . n 
A 1 60 THR 60 60 60 THR THR A . n 
A 1 61 ILE 61 61 61 ILE ILE A . n 
A 1 62 GLU 62 62 62 GLU GLU A . n 
A 1 63 VAL 63 63 63 VAL VAL A . n 
A 1 64 PRO 64 64 64 PRO PRO A . n 
A 1 65 LYS 65 65 65 LYS LYS A . n 
A 1 66 CYS 66 66 66 CYS CYS A . n 
A 1 67 PHE 67 67 67 PHE PHE A . n 
A 1 68 LYS 68 68 68 LYS LYS A . n 
A 1 69 GLU 69 69 69 GLU GLU A . n 
A 1 70 HIS 70 70 70 HIS HIS A . n 
A 1 71 SER 71 71 71 SER SER A . n 
A 1 72 SER 72 72 72 SER SER A . n 
A 1 73 LEU 73 73 73 LEU LEU A . n 
A 1 74 ALA 74 74 74 ALA ALA A . n 
A 1 75 PHE 75 75 75 PHE PHE A . n 
A 1 76 TRP 76 76 76 TRP TRP A . n 
A 1 77 LYS 77 77 77 LYS LYS A . n 
A 1 78 THR 78 78 78 THR THR A . n 
A 1 79 ASP 79 79 79 ASP ASP A . n 
A 1 80 ALA 80 80 80 ALA ALA A . n 
A 1 81 SER 81 81 81 SER SER A . n 
A 1 82 ASP 82 82 82 ASP ASP A . n 
A 1 83 VAL 83 83 83 VAL VAL A . n 
A 1 84 LYS 84 84 84 LYS LYS A . n 
A 1 85 PRO 85 85 85 PRO PRO A . n 
A 1 86 CYS 86 86 86 CYS CYS A . n 
# 
_cell.entry_id           1G4G 
_cell.length_a           1.000 
_cell.length_b           1.000 
_cell.length_c           1.000 
_cell.angle_alpha        90.00 
_cell.angle_beta         90.00 
_cell.angle_gamma        90.00 
_cell.Z_PDB              1 
_cell.pdbx_unique_axis   ? 
# 
_symmetry.entry_id                         1G4G 
_symmetry.space_group_name_H-M             'P 1' 
_symmetry.pdbx_full_space_group_name_H-M   ? 
_symmetry.cell_setting                     ? 
_symmetry.Int_Tables_number                1 
# 
_exptl.entry_id          1G4G 
_exptl.method            'SOLUTION NMR' 
_exptl.crystals_number   ? 
# 
_struct.entry_id                  1G4G 
_struct.title                     'NMR STRUCTURE OF THE FIFTH DOMAIN OF HUMAN BETA2-GLYCOPROTEIN I' 
_struct.pdbx_model_details        ? 
_struct.pdbx_CASP_flag            ? 
_struct.pdbx_model_type_details   'minimized average' 
# 
_struct_keywords.entry_id        1G4G 
_struct_keywords.pdbx_keywords   'SIGNALING PROTEIN' 
_struct_keywords.text            'short consensus repeat, sushi-domain, SIGNALING PROTEIN' 
# 
_struct_asym.id                            A 
_struct_asym.pdbx_blank_PDB_chainid_flag   N 
_struct_asym.pdbx_modified                 N 
_struct_asym.entity_id                     1 
_struct_asym.details                       ? 
# 
_struct_ref.id                         1 
_struct_ref.db_name                    UNP 
_struct_ref.db_code                    APOH_HUMAN 
_struct_ref.entity_id                  1 
_struct_ref.pdbx_seq_one_letter_code   
;CKASCKVPVKKATVVYQGERVKIQEKFKNGMLHGDKVSFFCKNKEKKCSYTEDAQCIDGTIEVPKCFKEHSSLAFWKTDA
SDVKPC
;
_struct_ref.pdbx_align_begin           260 
_struct_ref.pdbx_db_accession          P02749 
_struct_ref.pdbx_db_isoform            ? 
# 
_struct_ref_seq.align_id                      1 
_struct_ref_seq.ref_id                        1 
_struct_ref_seq.pdbx_PDB_id_code              1G4G 
_struct_ref_seq.pdbx_strand_id                A 
_struct_ref_seq.seq_align_beg                 1 
_struct_ref_seq.pdbx_seq_align_beg_ins_code   ? 
_struct_ref_seq.seq_align_end                 86 
_struct_ref_seq.pdbx_seq_align_end_ins_code   ? 
_struct_ref_seq.pdbx_db_accession             P02749 
_struct_ref_seq.db_align_beg                  260 
_struct_ref_seq.pdbx_db_align_beg_ins_code    ? 
_struct_ref_seq.db_align_end                  345 
_struct_ref_seq.pdbx_db_align_end_ins_code    ? 
_struct_ref_seq.pdbx_auth_seq_align_beg       1 
_struct_ref_seq.pdbx_auth_seq_align_end       86 
# 
loop_
_struct_ref_seq_dif.align_id 
_struct_ref_seq_dif.pdbx_pdb_id_code 
_struct_ref_seq_dif.mon_id 
_struct_ref_seq_dif.pdbx_pdb_strand_id 
_struct_ref_seq_dif.seq_num 
_struct_ref_seq_dif.pdbx_pdb_ins_code 
_struct_ref_seq_dif.pdbx_seq_db_name 
_struct_ref_seq_dif.pdbx_seq_db_accession_code 
_struct_ref_seq_dif.db_mon_id 
_struct_ref_seq_dif.pdbx_seq_db_seq_num 
_struct_ref_seq_dif.details 
_struct_ref_seq_dif.pdbx_auth_seq_num 
_struct_ref_seq_dif.pdbx_ordinal 
1 1G4G THR A 1 ? UNP P02749 CYS 260 conflict 1 1 
1 1G4G LEU A 7 ? UNP P02749 VAL 266 variant  7 2 
# 
_pdbx_struct_assembly.id                   1 
_pdbx_struct_assembly.details              author_defined_assembly 
_pdbx_struct_assembly.method_details       ? 
_pdbx_struct_assembly.oligomeric_details   monomeric 
_pdbx_struct_assembly.oligomeric_count     1 
# 
_pdbx_struct_assembly_gen.assembly_id       1 
_pdbx_struct_assembly_gen.oper_expression   1 
_pdbx_struct_assembly_gen.asym_id_list      A 
# 
_pdbx_struct_oper_list.id                   1 
_pdbx_struct_oper_list.type                 'identity operation' 
_pdbx_struct_oper_list.name                 1_555 
_pdbx_struct_oper_list.symmetry_operation   x,y,z 
_pdbx_struct_oper_list.matrix[1][1]         1.0000000000 
_pdbx_struct_oper_list.matrix[1][2]         0.0000000000 
_pdbx_struct_oper_list.matrix[1][3]         0.0000000000 
_pdbx_struct_oper_list.vector[1]            0.0000000000 
_pdbx_struct_oper_list.matrix[2][1]         0.0000000000 
_pdbx_struct_oper_list.matrix[2][2]         1.0000000000 
_pdbx_struct_oper_list.matrix[2][3]         0.0000000000 
_pdbx_struct_oper_list.vector[2]            0.0000000000 
_pdbx_struct_oper_list.matrix[3][1]         0.0000000000 
_pdbx_struct_oper_list.matrix[3][2]         0.0000000000 
_pdbx_struct_oper_list.matrix[3][3]         1.0000000000 
_pdbx_struct_oper_list.vector[3]            0.0000000000 
# 
_struct_biol.id                    1 
_struct_biol.pdbx_parent_biol_id   ? 
_struct_biol.details               ? 
# 
loop_
_struct_conf.conf_type_id 
_struct_conf.id 
_struct_conf.pdbx_PDB_helix_id 
_struct_conf.beg_label_comp_id 
_struct_conf.beg_label_asym_id 
_struct_conf.beg_label_seq_id 
_struct_conf.pdbx_beg_PDB_ins_code 
_struct_conf.end_label_comp_id 
_struct_conf.end_label_asym_id 
_struct_conf.end_label_seq_id 
_struct_conf.pdbx_end_PDB_ins_code 
_struct_conf.beg_auth_comp_id 
_struct_conf.beg_auth_asym_id 
_struct_conf.beg_auth_seq_id 
_struct_conf.end_auth_comp_id 
_struct_conf.end_auth_asym_id 
_struct_conf.end_auth_seq_id 
_struct_conf.pdbx_PDB_helix_class 
_struct_conf.details 
_struct_conf.pdbx_PDB_helix_length 
HELX_P HELX_P1 1 ILE A 23 ? PHE A 27 ? ILE A 23 PHE A 27 1 ? 5 
HELX_P HELX_P2 2 ASP A 79 ? VAL A 83 ? ASP A 79 VAL A 83 5 ? 5 
# 
_struct_conf_type.id          HELX_P 
_struct_conf_type.criteria    ? 
_struct_conf_type.reference   ? 
# 
loop_
_struct_conn.id 
_struct_conn.conn_type_id 
_struct_conn.pdbx_leaving_atom_flag 
_struct_conn.pdbx_PDB_id 
_struct_conn.ptnr1_label_asym_id 
_struct_conn.ptnr1_label_comp_id 
_struct_conn.ptnr1_label_seq_id 
_struct_conn.ptnr1_label_atom_id 
_struct_conn.pdbx_ptnr1_label_alt_id 
_struct_conn.pdbx_ptnr1_PDB_ins_code 
_struct_conn.pdbx_ptnr1_standard_comp_id 
_struct_conn.ptnr1_symmetry 
_struct_conn.ptnr2_label_asym_id 
_struct_conn.ptnr2_label_comp_id 
_struct_conn.ptnr2_label_seq_id 
_struct_conn.ptnr2_label_atom_id 
_struct_conn.pdbx_ptnr2_label_alt_id 
_struct_conn.pdbx_ptnr2_PDB_ins_code 
_struct_conn.ptnr1_auth_asym_id 
_struct_conn.ptnr1_auth_comp_id 
_struct_conn.ptnr1_auth_seq_id 
_struct_conn.ptnr2_auth_asym_id 
_struct_conn.ptnr2_auth_comp_id 
_struct_conn.ptnr2_auth_seq_id 
_struct_conn.ptnr2_symmetry 
_struct_conn.pdbx_ptnr3_label_atom_id 
_struct_conn.pdbx_ptnr3_label_seq_id 
_struct_conn.pdbx_ptnr3_label_comp_id 
_struct_conn.pdbx_ptnr3_label_asym_id 
_struct_conn.pdbx_ptnr3_label_alt_id 
_struct_conn.pdbx_ptnr3_PDB_ins_code 
_struct_conn.details 
_struct_conn.pdbx_dist_value 
_struct_conn.pdbx_value_order 
_struct_conn.pdbx_role 
disulf1 disulf ? ? A CYS 5  SG ? ? ? 1_555 A CYS 56 SG ? ? A CYS 5  A CYS 56 1_555 ? ? ? ? ? ? ? 2.020 ? ? 
disulf2 disulf ? ? A CYS 41 SG ? ? ? 1_555 A CYS 66 SG ? ? A CYS 41 A CYS 66 1_555 ? ? ? ? ? ? ? 2.021 ? ? 
disulf3 disulf ? ? A CYS 48 SG ? ? ? 1_555 A CYS 86 SG ? ? A CYS 48 A CYS 86 1_555 ? ? ? ? ? ? ? 2.022 ? ? 
# 
_struct_conn_type.id          disulf 
_struct_conn_type.criteria    ? 
_struct_conn_type.reference   ? 
# 
loop_
_pdbx_modification_feature.ordinal 
_pdbx_modification_feature.label_comp_id 
_pdbx_modification_feature.label_asym_id 
_pdbx_modification_feature.label_seq_id 
_pdbx_modification_feature.label_alt_id 
_pdbx_modification_feature.modified_residue_label_comp_id 
_pdbx_modification_feature.modified_residue_label_asym_id 
_pdbx_modification_feature.modified_residue_label_seq_id 
_pdbx_modification_feature.modified_residue_label_alt_id 
_pdbx_modification_feature.auth_comp_id 
_pdbx_modification_feature.auth_asym_id 
_pdbx_modification_feature.auth_seq_id 
_pdbx_modification_feature.PDB_ins_code 
_pdbx_modification_feature.symmetry 
_pdbx_modification_feature.modified_residue_auth_comp_id 
_pdbx_modification_feature.modified_residue_auth_asym_id 
_pdbx_modification_feature.modified_residue_auth_seq_id 
_pdbx_modification_feature.modified_residue_PDB_ins_code 
_pdbx_modification_feature.modified_residue_symmetry 
_pdbx_modification_feature.comp_id_linking_atom 
_pdbx_modification_feature.modified_residue_id_linking_atom 
_pdbx_modification_feature.modified_residue_id 
_pdbx_modification_feature.ref_pcm_id 
_pdbx_modification_feature.ref_comp_id 
_pdbx_modification_feature.type 
_pdbx_modification_feature.category 
1 CYS A 5  ? CYS A 56 ? CYS A 5  ? 1_555 CYS A 56 ? 1_555 SG SG . . . None 'Disulfide bridge' 
2 CYS A 41 ? CYS A 66 ? CYS A 41 ? 1_555 CYS A 66 ? 1_555 SG SG . . . None 'Disulfide bridge' 
3 CYS A 48 ? CYS A 86 ? CYS A 48 ? 1_555 CYS A 86 ? 1_555 SG SG . . . None 'Disulfide bridge' 
# 
loop_
_struct_sheet.id 
_struct_sheet.type 
_struct_sheet.number_strands 
_struct_sheet.details 
A ? 2 ? 
B ? 3 ? 
# 
loop_
_struct_sheet_order.sheet_id 
_struct_sheet_order.range_id_1 
_struct_sheet_order.range_id_2 
_struct_sheet_order.offset 
_struct_sheet_order.sense 
A 1 2 ? anti-parallel 
B 1 2 ? anti-parallel 
B 2 3 ? anti-parallel 
# 
loop_
_struct_sheet_range.sheet_id 
_struct_sheet_range.id 
_struct_sheet_range.beg_label_comp_id 
_struct_sheet_range.beg_label_asym_id 
_struct_sheet_range.beg_label_seq_id 
_struct_sheet_range.pdbx_beg_PDB_ins_code 
_struct_sheet_range.end_label_comp_id 
_struct_sheet_range.end_label_asym_id 
_struct_sheet_range.end_label_seq_id 
_struct_sheet_range.pdbx_end_PDB_ins_code 
_struct_sheet_range.beg_auth_comp_id 
_struct_sheet_range.beg_auth_asym_id 
_struct_sheet_range.beg_auth_seq_id 
_struct_sheet_range.end_auth_comp_id 
_struct_sheet_range.end_auth_asym_id 
_struct_sheet_range.end_auth_seq_id 
A 1 THR A 13 ? VAL A 15 ? THR A 13 VAL A 15 
A 2 ARG A 20 ? LYS A 22 ? ARG A 20 LYS A 22 
B 1 LYS A 36 ? ASN A 43 ? LYS A 36 ASN A 43 
B 2 CYS A 48 ? ILE A 57 ? CYS A 48 ILE A 57 
B 3 THR A 60 ? ILE A 61 ? THR A 60 ILE A 61 
# 
loop_
_pdbx_struct_sheet_hbond.sheet_id 
_pdbx_struct_sheet_hbond.range_id_1 
_pdbx_struct_sheet_hbond.range_id_2 
_pdbx_struct_sheet_hbond.range_1_label_atom_id 
_pdbx_struct_sheet_hbond.range_1_label_comp_id 
_pdbx_struct_sheet_hbond.range_1_label_asym_id 
_pdbx_struct_sheet_hbond.range_1_label_seq_id 
_pdbx_struct_sheet_hbond.range_1_PDB_ins_code 
_pdbx_struct_sheet_hbond.range_1_auth_atom_id 
_pdbx_struct_sheet_hbond.range_1_auth_comp_id 
_pdbx_struct_sheet_hbond.range_1_auth_asym_id 
_pdbx_struct_sheet_hbond.range_1_auth_seq_id 
_pdbx_struct_sheet_hbond.range_2_label_atom_id 
_pdbx_struct_sheet_hbond.range_2_label_comp_id 
_pdbx_struct_sheet_hbond.range_2_label_asym_id 
_pdbx_struct_sheet_hbond.range_2_label_seq_id 
_pdbx_struct_sheet_hbond.range_2_PDB_ins_code 
_pdbx_struct_sheet_hbond.range_2_auth_atom_id 
_pdbx_struct_sheet_hbond.range_2_auth_comp_id 
_pdbx_struct_sheet_hbond.range_2_auth_asym_id 
_pdbx_struct_sheet_hbond.range_2_auth_seq_id 
A 1 2 O VAL A 14 ? O VAL A 14 N VAL A 21 ? N VAL A 21 
B 1 2 N ASN A 43 ? N ASN A 43 O CYS A 48 ? O CYS A 48 
B 2 3 N ILE A 57 ? N ILE A 57 O THR A 60 ? O THR A 60 
# 
_pdbx_entry_details.entry_id                   1G4G 
_pdbx_entry_details.compound_details           ? 
_pdbx_entry_details.source_details             ? 
_pdbx_entry_details.nonpolymer_details         ? 
_pdbx_entry_details.sequence_details           ? 
_pdbx_entry_details.has_ligand_of_interest     ? 
_pdbx_entry_details.has_protein_modification   Y 
# 
loop_
_pdbx_validate_close_contact.id 
_pdbx_validate_close_contact.PDB_model_num 
_pdbx_validate_close_contact.auth_atom_id_1 
_pdbx_validate_close_contact.auth_asym_id_1 
_pdbx_validate_close_contact.auth_comp_id_1 
_pdbx_validate_close_contact.auth_seq_id_1 
_pdbx_validate_close_contact.PDB_ins_code_1 
_pdbx_validate_close_contact.label_alt_id_1 
_pdbx_validate_close_contact.auth_atom_id_2 
_pdbx_validate_close_contact.auth_asym_id_2 
_pdbx_validate_close_contact.auth_comp_id_2 
_pdbx_validate_close_contact.auth_seq_id_2 
_pdbx_validate_close_contact.PDB_ins_code_2 
_pdbx_validate_close_contact.label_alt_id_2 
_pdbx_validate_close_contact.dist 
1 1 O A ASP 79 ? ? H   A ASP 82 ? ? 1.49 
2 1 H A ASN 43 ? ? O   A CYS 48 ? ? 1.52 
3 1 H A CYS 5  ? ? O   A MET 31 ? ? 1.54 
4 1 H A ALA 3  ? ? OD1 A ASP 58 ? ? 1.56 
5 1 O A LYS 22 ? ? H   A GLU 25 ? ? 1.59 
# 
loop_
_pdbx_validate_torsion.id 
_pdbx_validate_torsion.PDB_model_num 
_pdbx_validate_torsion.auth_comp_id 
_pdbx_validate_torsion.auth_asym_id 
_pdbx_validate_torsion.auth_seq_id 
_pdbx_validate_torsion.PDB_ins_code 
_pdbx_validate_torsion.label_alt_id 
_pdbx_validate_torsion.phi 
_pdbx_validate_torsion.psi 
1  1 SER A 4  ? ? -54.67  -178.47 
2  1 CYS A 5  ? ? -101.78 -145.10 
3  1 LEU A 7  ? ? -39.65  100.65  
4  1 LYS A 11 ? ? -148.21 43.13   
5  1 ASN A 29 ? ? -100.24 51.79   
6  1 ASP A 58 ? ? -53.60  97.33   
7  1 PHE A 67 ? ? -55.10  172.65  
8  1 HIS A 70 ? ? -160.12 -35.87  
9  1 SER A 71 ? ? 46.44   95.53   
10 1 SER A 72 ? ? -55.34  -164.08 
11 1 LEU A 73 ? ? 57.40   71.13   
12 1 PHE A 75 ? ? -106.34 -159.58 
13 1 TRP A 76 ? ? -60.20  94.18   
14 1 LYS A 77 ? ? -178.87 108.41  
# 
_pdbx_validate_planes.id              1 
_pdbx_validate_planes.PDB_model_num   1 
_pdbx_validate_planes.auth_comp_id    ARG 
_pdbx_validate_planes.auth_asym_id    A 
_pdbx_validate_planes.auth_seq_id     20 
_pdbx_validate_planes.PDB_ins_code    ? 
_pdbx_validate_planes.label_alt_id    ? 
_pdbx_validate_planes.rmsd            0.153 
_pdbx_validate_planes.type            'SIDE CHAIN' 
# 
_pdbx_nmr_ensemble.entry_id                             1G4G 
_pdbx_nmr_ensemble.conformers_calculated_total_number   ? 
_pdbx_nmr_ensemble.conformers_submitted_total_number    1 
_pdbx_nmr_ensemble.conformer_selection_criteria         ? 
# 
_pdbx_nmr_representative.entry_id             1G4G 
_pdbx_nmr_representative.conformer_id         ? 
_pdbx_nmr_representative.selection_criteria   'minimized average structure' 
# 
loop_
_pdbx_nmr_sample_details.solution_id 
_pdbx_nmr_sample_details.contents 
_pdbx_nmr_sample_details.solvent_system 
1 '1mM beta2-glycoprotein I domain V U-15N; 20mM Na-phosphate buffer, pH 6.0; 90% H2O, 10% D2O' '90% H2O/10% D2O' 
2 '1mM beta2-glycoprotein I domain V U-15N,13C; 20mM Na-phosphate buffer, pD 6.0; 100% D2O'     '100% D2O'        
# 
_pdbx_nmr_exptl_sample_conditions.conditions_id       1 
_pdbx_nmr_exptl_sample_conditions.temperature         298 
_pdbx_nmr_exptl_sample_conditions.pressure            ambient 
_pdbx_nmr_exptl_sample_conditions.pH                  6.0 
_pdbx_nmr_exptl_sample_conditions.ionic_strength      0.12 
_pdbx_nmr_exptl_sample_conditions.pressure_units      ? 
_pdbx_nmr_exptl_sample_conditions.temperature_units   K 
# 
loop_
_pdbx_nmr_exptl.experiment_id 
_pdbx_nmr_exptl.solution_id 
_pdbx_nmr_exptl.conditions_id 
_pdbx_nmr_exptl.type 
1 1 1 3D_15N-separated_NOESY 
2 2 1 3D_13C-separated_NOESY 
3 1 1 HNCO-TROSY             
4 1 1 HMQC-J                 
5 1 1 HNHB                   
6 1 1 'HN(CO)HB'             
7 1 1 N15-TOCSY              
# 
_pdbx_nmr_refine.entry_id           1G4G 
_pdbx_nmr_refine.method             'simulated annealing' 
_pdbx_nmr_refine.details            
;the structures are based on a total of 1402 restraints, 1288 are NOE-derived distance constraints, 88 dihedral angle restraints, 26 distance restraints from hydrogen bonds
;
_pdbx_nmr_refine.software_ordinal   1 
# 
loop_
_pdbx_nmr_software.name 
_pdbx_nmr_software.version 
_pdbx_nmr_software.classification 
_pdbx_nmr_software.authors 
_pdbx_nmr_software.ordinal 
X-PLOR 3.841 'structure solution' Brunger 1 
X-PLOR 3.841 refinement           Brunger 2 
# 
loop_
_chem_comp_atom.comp_id 
_chem_comp_atom.atom_id 
_chem_comp_atom.type_symbol 
_chem_comp_atom.pdbx_aromatic_flag 
_chem_comp_atom.pdbx_stereo_config 
_chem_comp_atom.pdbx_ordinal 
ALA N    N N N 1   
ALA CA   C N S 2   
ALA C    C N N 3   
ALA O    O N N 4   
ALA CB   C N N 5   
ALA OXT  O N N 6   
ALA H    H N N 7   
ALA H2   H N N 8   
ALA HA   H N N 9   
ALA HB1  H N N 10  
ALA HB2  H N N 11  
ALA HB3  H N N 12  
ALA HXT  H N N 13  
ARG N    N N N 14  
ARG CA   C N S 15  
ARG C    C N N 16  
ARG O    O N N 17  
ARG CB   C N N 18  
ARG CG   C N N 19  
ARG CD   C N N 20  
ARG NE   N N N 21  
ARG CZ   C N N 22  
ARG NH1  N N N 23  
ARG NH2  N N N 24  
ARG OXT  O N N 25  
ARG H    H N N 26  
ARG H2   H N N 27  
ARG HA   H N N 28  
ARG HB2  H N N 29  
ARG HB3  H N N 30  
ARG HG2  H N N 31  
ARG HG3  H N N 32  
ARG HD2  H N N 33  
ARG HD3  H N N 34  
ARG HE   H N N 35  
ARG HH11 H N N 36  
ARG HH12 H N N 37  
ARG HH21 H N N 38  
ARG HH22 H N N 39  
ARG HXT  H N N 40  
ASN N    N N N 41  
ASN CA   C N S 42  
ASN C    C N N 43  
ASN O    O N N 44  
ASN CB   C N N 45  
ASN CG   C N N 46  
ASN OD1  O N N 47  
ASN ND2  N N N 48  
ASN OXT  O N N 49  
ASN H    H N N 50  
ASN H2   H N N 51  
ASN HA   H N N 52  
ASN HB2  H N N 53  
ASN HB3  H N N 54  
ASN HD21 H N N 55  
ASN HD22 H N N 56  
ASN HXT  H N N 57  
ASP N    N N N 58  
ASP CA   C N S 59  
ASP C    C N N 60  
ASP O    O N N 61  
ASP CB   C N N 62  
ASP CG   C N N 63  
ASP OD1  O N N 64  
ASP OD2  O N N 65  
ASP OXT  O N N 66  
ASP H    H N N 67  
ASP H2   H N N 68  
ASP HA   H N N 69  
ASP HB2  H N N 70  
ASP HB3  H N N 71  
ASP HD2  H N N 72  
ASP HXT  H N N 73  
CYS N    N N N 74  
CYS CA   C N R 75  
CYS C    C N N 76  
CYS O    O N N 77  
CYS CB   C N N 78  
CYS SG   S N N 79  
CYS OXT  O N N 80  
CYS H    H N N 81  
CYS H2   H N N 82  
CYS HA   H N N 83  
CYS HB2  H N N 84  
CYS HB3  H N N 85  
CYS HG   H N N 86  
CYS HXT  H N N 87  
GLN N    N N N 88  
GLN CA   C N S 89  
GLN C    C N N 90  
GLN O    O N N 91  
GLN CB   C N N 92  
GLN CG   C N N 93  
GLN CD   C N N 94  
GLN OE1  O N N 95  
GLN NE2  N N N 96  
GLN OXT  O N N 97  
GLN H    H N N 98  
GLN H2   H N N 99  
GLN HA   H N N 100 
GLN HB2  H N N 101 
GLN HB3  H N N 102 
GLN HG2  H N N 103 
GLN HG3  H N N 104 
GLN HE21 H N N 105 
GLN HE22 H N N 106 
GLN HXT  H N N 107 
GLU N    N N N 108 
GLU CA   C N S 109 
GLU C    C N N 110 
GLU O    O N N 111 
GLU CB   C N N 112 
GLU CG   C N N 113 
GLU CD   C N N 114 
GLU OE1  O N N 115 
GLU OE2  O N N 116 
GLU OXT  O N N 117 
GLU H    H N N 118 
GLU H2   H N N 119 
GLU HA   H N N 120 
GLU HB2  H N N 121 
GLU HB3  H N N 122 
GLU HG2  H N N 123 
GLU HG3  H N N 124 
GLU HE2  H N N 125 
GLU HXT  H N N 126 
GLY N    N N N 127 
GLY CA   C N N 128 
GLY C    C N N 129 
GLY O    O N N 130 
GLY OXT  O N N 131 
GLY H    H N N 132 
GLY H2   H N N 133 
GLY HA2  H N N 134 
GLY HA3  H N N 135 
GLY HXT  H N N 136 
HIS N    N N N 137 
HIS CA   C N S 138 
HIS C    C N N 139 
HIS O    O N N 140 
HIS CB   C N N 141 
HIS CG   C Y N 142 
HIS ND1  N Y N 143 
HIS CD2  C Y N 144 
HIS CE1  C Y N 145 
HIS NE2  N Y N 146 
HIS OXT  O N N 147 
HIS H    H N N 148 
HIS H2   H N N 149 
HIS HA   H N N 150 
HIS HB2  H N N 151 
HIS HB3  H N N 152 
HIS HD1  H N N 153 
HIS HD2  H N N 154 
HIS HE1  H N N 155 
HIS HE2  H N N 156 
HIS HXT  H N N 157 
ILE N    N N N 158 
ILE CA   C N S 159 
ILE C    C N N 160 
ILE O    O N N 161 
ILE CB   C N S 162 
ILE CG1  C N N 163 
ILE CG2  C N N 164 
ILE CD1  C N N 165 
ILE OXT  O N N 166 
ILE H    H N N 167 
ILE H2   H N N 168 
ILE HA   H N N 169 
ILE HB   H N N 170 
ILE HG12 H N N 171 
ILE HG13 H N N 172 
ILE HG21 H N N 173 
ILE HG22 H N N 174 
ILE HG23 H N N 175 
ILE HD11 H N N 176 
ILE HD12 H N N 177 
ILE HD13 H N N 178 
ILE HXT  H N N 179 
LEU N    N N N 180 
LEU CA   C N S 181 
LEU C    C N N 182 
LEU O    O N N 183 
LEU CB   C N N 184 
LEU CG   C N N 185 
LEU CD1  C N N 186 
LEU CD2  C N N 187 
LEU OXT  O N N 188 
LEU H    H N N 189 
LEU H2   H N N 190 
LEU HA   H N N 191 
LEU HB2  H N N 192 
LEU HB3  H N N 193 
LEU HG   H N N 194 
LEU HD11 H N N 195 
LEU HD12 H N N 196 
LEU HD13 H N N 197 
LEU HD21 H N N 198 
LEU HD22 H N N 199 
LEU HD23 H N N 200 
LEU HXT  H N N 201 
LYS N    N N N 202 
LYS CA   C N S 203 
LYS C    C N N 204 
LYS O    O N N 205 
LYS CB   C N N 206 
LYS CG   C N N 207 
LYS CD   C N N 208 
LYS CE   C N N 209 
LYS NZ   N N N 210 
LYS OXT  O N N 211 
LYS H    H N N 212 
LYS H2   H N N 213 
LYS HA   H N N 214 
LYS HB2  H N N 215 
LYS HB3  H N N 216 
LYS HG2  H N N 217 
LYS HG3  H N N 218 
LYS HD2  H N N 219 
LYS HD3  H N N 220 
LYS HE2  H N N 221 
LYS HE3  H N N 222 
LYS HZ1  H N N 223 
LYS HZ2  H N N 224 
LYS HZ3  H N N 225 
LYS HXT  H N N 226 
MET N    N N N 227 
MET CA   C N S 228 
MET C    C N N 229 
MET O    O N N 230 
MET CB   C N N 231 
MET CG   C N N 232 
MET SD   S N N 233 
MET CE   C N N 234 
MET OXT  O N N 235 
MET H    H N N 236 
MET H2   H N N 237 
MET HA   H N N 238 
MET HB2  H N N 239 
MET HB3  H N N 240 
MET HG2  H N N 241 
MET HG3  H N N 242 
MET HE1  H N N 243 
MET HE2  H N N 244 
MET HE3  H N N 245 
MET HXT  H N N 246 
PHE N    N N N 247 
PHE CA   C N S 248 
PHE C    C N N 249 
PHE O    O N N 250 
PHE CB   C N N 251 
PHE CG   C Y N 252 
PHE CD1  C Y N 253 
PHE CD2  C Y N 254 
PHE CE1  C Y N 255 
PHE CE2  C Y N 256 
PHE CZ   C Y N 257 
PHE OXT  O N N 258 
PHE H    H N N 259 
PHE H2   H N N 260 
PHE HA   H N N 261 
PHE HB2  H N N 262 
PHE HB3  H N N 263 
PHE HD1  H N N 264 
PHE HD2  H N N 265 
PHE HE1  H N N 266 
PHE HE2  H N N 267 
PHE HZ   H N N 268 
PHE HXT  H N N 269 
PRO N    N N N 270 
PRO CA   C N S 271 
PRO C    C N N 272 
PRO O    O N N 273 
PRO CB   C N N 274 
PRO CG   C N N 275 
PRO CD   C N N 276 
PRO OXT  O N N 277 
PRO H    H N N 278 
PRO HA   H N N 279 
PRO HB2  H N N 280 
PRO HB3  H N N 281 
PRO HG2  H N N 282 
PRO HG3  H N N 283 
PRO HD2  H N N 284 
PRO HD3  H N N 285 
PRO HXT  H N N 286 
SER N    N N N 287 
SER CA   C N S 288 
SER C    C N N 289 
SER O    O N N 290 
SER CB   C N N 291 
SER OG   O N N 292 
SER OXT  O N N 293 
SER H    H N N 294 
SER H2   H N N 295 
SER HA   H N N 296 
SER HB2  H N N 297 
SER HB3  H N N 298 
SER HG   H N N 299 
SER HXT  H N N 300 
THR N    N N N 301 
THR CA   C N S 302 
THR C    C N N 303 
THR O    O N N 304 
THR CB   C N R 305 
THR OG1  O N N 306 
THR CG2  C N N 307 
THR OXT  O N N 308 
THR H    H N N 309 
THR H2   H N N 310 
THR HA   H N N 311 
THR HB   H N N 312 
THR HG1  H N N 313 
THR HG21 H N N 314 
THR HG22 H N N 315 
THR HG23 H N N 316 
THR HXT  H N N 317 
TRP N    N N N 318 
TRP CA   C N S 319 
TRP C    C N N 320 
TRP O    O N N 321 
TRP CB   C N N 322 
TRP CG   C Y N 323 
TRP CD1  C Y N 324 
TRP CD2  C Y N 325 
TRP NE1  N Y N 326 
TRP CE2  C Y N 327 
TRP CE3  C Y N 328 
TRP CZ2  C Y N 329 
TRP CZ3  C Y N 330 
TRP CH2  C Y N 331 
TRP OXT  O N N 332 
TRP H    H N N 333 
TRP H2   H N N 334 
TRP HA   H N N 335 
TRP HB2  H N N 336 
TRP HB3  H N N 337 
TRP HD1  H N N 338 
TRP HE1  H N N 339 
TRP HE3  H N N 340 
TRP HZ2  H N N 341 
TRP HZ3  H N N 342 
TRP HH2  H N N 343 
TRP HXT  H N N 344 
TYR N    N N N 345 
TYR CA   C N S 346 
TYR C    C N N 347 
TYR O    O N N 348 
TYR CB   C N N 349 
TYR CG   C Y N 350 
TYR CD1  C Y N 351 
TYR CD2  C Y N 352 
TYR CE1  C Y N 353 
TYR CE2  C Y N 354 
TYR CZ   C Y N 355 
TYR OH   O N N 356 
TYR OXT  O N N 357 
TYR H    H N N 358 
TYR H2   H N N 359 
TYR HA   H N N 360 
TYR HB2  H N N 361 
TYR HB3  H N N 362 
TYR HD1  H N N 363 
TYR HD2  H N N 364 
TYR HE1  H N N 365 
TYR HE2  H N N 366 
TYR HH   H N N 367 
TYR HXT  H N N 368 
VAL N    N N N 369 
VAL CA   C N S 370 
VAL C    C N N 371 
VAL O    O N N 372 
VAL CB   C N N 373 
VAL CG1  C N N 374 
VAL CG2  C N N 375 
VAL OXT  O N N 376 
VAL H    H N N 377 
VAL H2   H N N 378 
VAL HA   H N N 379 
VAL HB   H N N 380 
VAL HG11 H N N 381 
VAL HG12 H N N 382 
VAL HG13 H N N 383 
VAL HG21 H N N 384 
VAL HG22 H N N 385 
VAL HG23 H N N 386 
VAL HXT  H N N 387 
# 
loop_
_chem_comp_bond.comp_id 
_chem_comp_bond.atom_id_1 
_chem_comp_bond.atom_id_2 
_chem_comp_bond.value_order 
_chem_comp_bond.pdbx_aromatic_flag 
_chem_comp_bond.pdbx_stereo_config 
_chem_comp_bond.pdbx_ordinal 
ALA N   CA   sing N N 1   
ALA N   H    sing N N 2   
ALA N   H2   sing N N 3   
ALA CA  C    sing N N 4   
ALA CA  CB   sing N N 5   
ALA CA  HA   sing N N 6   
ALA C   O    doub N N 7   
ALA C   OXT  sing N N 8   
ALA CB  HB1  sing N N 9   
ALA CB  HB2  sing N N 10  
ALA CB  HB3  sing N N 11  
ALA OXT HXT  sing N N 12  
ARG N   CA   sing N N 13  
ARG N   H    sing N N 14  
ARG N   H2   sing N N 15  
ARG CA  C    sing N N 16  
ARG CA  CB   sing N N 17  
ARG CA  HA   sing N N 18  
ARG C   O    doub N N 19  
ARG C   OXT  sing N N 20  
ARG CB  CG   sing N N 21  
ARG CB  HB2  sing N N 22  
ARG CB  HB3  sing N N 23  
ARG CG  CD   sing N N 24  
ARG CG  HG2  sing N N 25  
ARG CG  HG3  sing N N 26  
ARG CD  NE   sing N N 27  
ARG CD  HD2  sing N N 28  
ARG CD  HD3  sing N N 29  
ARG NE  CZ   sing N N 30  
ARG NE  HE   sing N N 31  
ARG CZ  NH1  sing N N 32  
ARG CZ  NH2  doub N N 33  
ARG NH1 HH11 sing N N 34  
ARG NH1 HH12 sing N N 35  
ARG NH2 HH21 sing N N 36  
ARG NH2 HH22 sing N N 37  
ARG OXT HXT  sing N N 38  
ASN N   CA   sing N N 39  
ASN N   H    sing N N 40  
ASN N   H2   sing N N 41  
ASN CA  C    sing N N 42  
ASN CA  CB   sing N N 43  
ASN CA  HA   sing N N 44  
ASN C   O    doub N N 45  
ASN C   OXT  sing N N 46  
ASN CB  CG   sing N N 47  
ASN CB  HB2  sing N N 48  
ASN CB  HB3  sing N N 49  
ASN CG  OD1  doub N N 50  
ASN CG  ND2  sing N N 51  
ASN ND2 HD21 sing N N 52  
ASN ND2 HD22 sing N N 53  
ASN OXT HXT  sing N N 54  
ASP N   CA   sing N N 55  
ASP N   H    sing N N 56  
ASP N   H2   sing N N 57  
ASP CA  C    sing N N 58  
ASP CA  CB   sing N N 59  
ASP CA  HA   sing N N 60  
ASP C   O    doub N N 61  
ASP C   OXT  sing N N 62  
ASP CB  CG   sing N N 63  
ASP CB  HB2  sing N N 64  
ASP CB  HB3  sing N N 65  
ASP CG  OD1  doub N N 66  
ASP CG  OD2  sing N N 67  
ASP OD2 HD2  sing N N 68  
ASP OXT HXT  sing N N 69  
CYS N   CA   sing N N 70  
CYS N   H    sing N N 71  
CYS N   H2   sing N N 72  
CYS CA  C    sing N N 73  
CYS CA  CB   sing N N 74  
CYS CA  HA   sing N N 75  
CYS C   O    doub N N 76  
CYS C   OXT  sing N N 77  
CYS CB  SG   sing N N 78  
CYS CB  HB2  sing N N 79  
CYS CB  HB3  sing N N 80  
CYS SG  HG   sing N N 81  
CYS OXT HXT  sing N N 82  
GLN N   CA   sing N N 83  
GLN N   H    sing N N 84  
GLN N   H2   sing N N 85  
GLN CA  C    sing N N 86  
GLN CA  CB   sing N N 87  
GLN CA  HA   sing N N 88  
GLN C   O    doub N N 89  
GLN C   OXT  sing N N 90  
GLN CB  CG   sing N N 91  
GLN CB  HB2  sing N N 92  
GLN CB  HB3  sing N N 93  
GLN CG  CD   sing N N 94  
GLN CG  HG2  sing N N 95  
GLN CG  HG3  sing N N 96  
GLN CD  OE1  doub N N 97  
GLN CD  NE2  sing N N 98  
GLN NE2 HE21 sing N N 99  
GLN NE2 HE22 sing N N 100 
GLN OXT HXT  sing N N 101 
GLU N   CA   sing N N 102 
GLU N   H    sing N N 103 
GLU N   H2   sing N N 104 
GLU CA  C    sing N N 105 
GLU CA  CB   sing N N 106 
GLU CA  HA   sing N N 107 
GLU C   O    doub N N 108 
GLU C   OXT  sing N N 109 
GLU CB  CG   sing N N 110 
GLU CB  HB2  sing N N 111 
GLU CB  HB3  sing N N 112 
GLU CG  CD   sing N N 113 
GLU CG  HG2  sing N N 114 
GLU CG  HG3  sing N N 115 
GLU CD  OE1  doub N N 116 
GLU CD  OE2  sing N N 117 
GLU OE2 HE2  sing N N 118 
GLU OXT HXT  sing N N 119 
GLY N   CA   sing N N 120 
GLY N   H    sing N N 121 
GLY N   H2   sing N N 122 
GLY CA  C    sing N N 123 
GLY CA  HA2  sing N N 124 
GLY CA  HA3  sing N N 125 
GLY C   O    doub N N 126 
GLY C   OXT  sing N N 127 
GLY OXT HXT  sing N N 128 
HIS N   CA   sing N N 129 
HIS N   H    sing N N 130 
HIS N   H2   sing N N 131 
HIS CA  C    sing N N 132 
HIS CA  CB   sing N N 133 
HIS CA  HA   sing N N 134 
HIS C   O    doub N N 135 
HIS C   OXT  sing N N 136 
HIS CB  CG   sing N N 137 
HIS CB  HB2  sing N N 138 
HIS CB  HB3  sing N N 139 
HIS CG  ND1  sing Y N 140 
HIS CG  CD2  doub Y N 141 
HIS ND1 CE1  doub Y N 142 
HIS ND1 HD1  sing N N 143 
HIS CD2 NE2  sing Y N 144 
HIS CD2 HD2  sing N N 145 
HIS CE1 NE2  sing Y N 146 
HIS CE1 HE1  sing N N 147 
HIS NE2 HE2  sing N N 148 
HIS OXT HXT  sing N N 149 
ILE N   CA   sing N N 150 
ILE N   H    sing N N 151 
ILE N   H2   sing N N 152 
ILE CA  C    sing N N 153 
ILE CA  CB   sing N N 154 
ILE CA  HA   sing N N 155 
ILE C   O    doub N N 156 
ILE C   OXT  sing N N 157 
ILE CB  CG1  sing N N 158 
ILE CB  CG2  sing N N 159 
ILE CB  HB   sing N N 160 
ILE CG1 CD1  sing N N 161 
ILE CG1 HG12 sing N N 162 
ILE CG1 HG13 sing N N 163 
ILE CG2 HG21 sing N N 164 
ILE CG2 HG22 sing N N 165 
ILE CG2 HG23 sing N N 166 
ILE CD1 HD11 sing N N 167 
ILE CD1 HD12 sing N N 168 
ILE CD1 HD13 sing N N 169 
ILE OXT HXT  sing N N 170 
LEU N   CA   sing N N 171 
LEU N   H    sing N N 172 
LEU N   H2   sing N N 173 
LEU CA  C    sing N N 174 
LEU CA  CB   sing N N 175 
LEU CA  HA   sing N N 176 
LEU C   O    doub N N 177 
LEU C   OXT  sing N N 178 
LEU CB  CG   sing N N 179 
LEU CB  HB2  sing N N 180 
LEU CB  HB3  sing N N 181 
LEU CG  CD1  sing N N 182 
LEU CG  CD2  sing N N 183 
LEU CG  HG   sing N N 184 
LEU CD1 HD11 sing N N 185 
LEU CD1 HD12 sing N N 186 
LEU CD1 HD13 sing N N 187 
LEU CD2 HD21 sing N N 188 
LEU CD2 HD22 sing N N 189 
LEU CD2 HD23 sing N N 190 
LEU OXT HXT  sing N N 191 
LYS N   CA   sing N N 192 
LYS N   H    sing N N 193 
LYS N   H2   sing N N 194 
LYS CA  C    sing N N 195 
LYS CA  CB   sing N N 196 
LYS CA  HA   sing N N 197 
LYS C   O    doub N N 198 
LYS C   OXT  sing N N 199 
LYS CB  CG   sing N N 200 
LYS CB  HB2  sing N N 201 
LYS CB  HB3  sing N N 202 
LYS CG  CD   sing N N 203 
LYS CG  HG2  sing N N 204 
LYS CG  HG3  sing N N 205 
LYS CD  CE   sing N N 206 
LYS CD  HD2  sing N N 207 
LYS CD  HD3  sing N N 208 
LYS CE  NZ   sing N N 209 
LYS CE  HE2  sing N N 210 
LYS CE  HE3  sing N N 211 
LYS NZ  HZ1  sing N N 212 
LYS NZ  HZ2  sing N N 213 
LYS NZ  HZ3  sing N N 214 
LYS OXT HXT  sing N N 215 
MET N   CA   sing N N 216 
MET N   H    sing N N 217 
MET N   H2   sing N N 218 
MET CA  C    sing N N 219 
MET CA  CB   sing N N 220 
MET CA  HA   sing N N 221 
MET C   O    doub N N 222 
MET C   OXT  sing N N 223 
MET CB  CG   sing N N 224 
MET CB  HB2  sing N N 225 
MET CB  HB3  sing N N 226 
MET CG  SD   sing N N 227 
MET CG  HG2  sing N N 228 
MET CG  HG3  sing N N 229 
MET SD  CE   sing N N 230 
MET CE  HE1  sing N N 231 
MET CE  HE2  sing N N 232 
MET CE  HE3  sing N N 233 
MET OXT HXT  sing N N 234 
PHE N   CA   sing N N 235 
PHE N   H    sing N N 236 
PHE N   H2   sing N N 237 
PHE CA  C    sing N N 238 
PHE CA  CB   sing N N 239 
PHE CA  HA   sing N N 240 
PHE C   O    doub N N 241 
PHE C   OXT  sing N N 242 
PHE CB  CG   sing N N 243 
PHE CB  HB2  sing N N 244 
PHE CB  HB3  sing N N 245 
PHE CG  CD1  doub Y N 246 
PHE CG  CD2  sing Y N 247 
PHE CD1 CE1  sing Y N 248 
PHE CD1 HD1  sing N N 249 
PHE CD2 CE2  doub Y N 250 
PHE CD2 HD2  sing N N 251 
PHE CE1 CZ   doub Y N 252 
PHE CE1 HE1  sing N N 253 
PHE CE2 CZ   sing Y N 254 
PHE CE2 HE2  sing N N 255 
PHE CZ  HZ   sing N N 256 
PHE OXT HXT  sing N N 257 
PRO N   CA   sing N N 258 
PRO N   CD   sing N N 259 
PRO N   H    sing N N 260 
PRO CA  C    sing N N 261 
PRO CA  CB   sing N N 262 
PRO CA  HA   sing N N 263 
PRO C   O    doub N N 264 
PRO C   OXT  sing N N 265 
PRO CB  CG   sing N N 266 
PRO CB  HB2  sing N N 267 
PRO CB  HB3  sing N N 268 
PRO CG  CD   sing N N 269 
PRO CG  HG2  sing N N 270 
PRO CG  HG3  sing N N 271 
PRO CD  HD2  sing N N 272 
PRO CD  HD3  sing N N 273 
PRO OXT HXT  sing N N 274 
SER N   CA   sing N N 275 
SER N   H    sing N N 276 
SER N   H2   sing N N 277 
SER CA  C    sing N N 278 
SER CA  CB   sing N N 279 
SER CA  HA   sing N N 280 
SER C   O    doub N N 281 
SER C   OXT  sing N N 282 
SER CB  OG   sing N N 283 
SER CB  HB2  sing N N 284 
SER CB  HB3  sing N N 285 
SER OG  HG   sing N N 286 
SER OXT HXT  sing N N 287 
THR N   CA   sing N N 288 
THR N   H    sing N N 289 
THR N   H2   sing N N 290 
THR CA  C    sing N N 291 
THR CA  CB   sing N N 292 
THR CA  HA   sing N N 293 
THR C   O    doub N N 294 
THR C   OXT  sing N N 295 
THR CB  OG1  sing N N 296 
THR CB  CG2  sing N N 297 
THR CB  HB   sing N N 298 
THR OG1 HG1  sing N N 299 
THR CG2 HG21 sing N N 300 
THR CG2 HG22 sing N N 301 
THR CG2 HG23 sing N N 302 
THR OXT HXT  sing N N 303 
TRP N   CA   sing N N 304 
TRP N   H    sing N N 305 
TRP N   H2   sing N N 306 
TRP CA  C    sing N N 307 
TRP CA  CB   sing N N 308 
TRP CA  HA   sing N N 309 
TRP C   O    doub N N 310 
TRP C   OXT  sing N N 311 
TRP CB  CG   sing N N 312 
TRP CB  HB2  sing N N 313 
TRP CB  HB3  sing N N 314 
TRP CG  CD1  doub Y N 315 
TRP CG  CD2  sing Y N 316 
TRP CD1 NE1  sing Y N 317 
TRP CD1 HD1  sing N N 318 
TRP CD2 CE2  doub Y N 319 
TRP CD2 CE3  sing Y N 320 
TRP NE1 CE2  sing Y N 321 
TRP NE1 HE1  sing N N 322 
TRP CE2 CZ2  sing Y N 323 
TRP CE3 CZ3  doub Y N 324 
TRP CE3 HE3  sing N N 325 
TRP CZ2 CH2  doub Y N 326 
TRP CZ2 HZ2  sing N N 327 
TRP CZ3 CH2  sing Y N 328 
TRP CZ3 HZ3  sing N N 329 
TRP CH2 HH2  sing N N 330 
TRP OXT HXT  sing N N 331 
TYR N   CA   sing N N 332 
TYR N   H    sing N N 333 
TYR N   H2   sing N N 334 
TYR CA  C    sing N N 335 
TYR CA  CB   sing N N 336 
TYR CA  HA   sing N N 337 
TYR C   O    doub N N 338 
TYR C   OXT  sing N N 339 
TYR CB  CG   sing N N 340 
TYR CB  HB2  sing N N 341 
TYR CB  HB3  sing N N 342 
TYR CG  CD1  doub Y N 343 
TYR CG  CD2  sing Y N 344 
TYR CD1 CE1  sing Y N 345 
TYR CD1 HD1  sing N N 346 
TYR CD2 CE2  doub Y N 347 
TYR CD2 HD2  sing N N 348 
TYR CE1 CZ   doub Y N 349 
TYR CE1 HE1  sing N N 350 
TYR CE2 CZ   sing Y N 351 
TYR CE2 HE2  sing N N 352 
TYR CZ  OH   sing N N 353 
TYR OH  HH   sing N N 354 
TYR OXT HXT  sing N N 355 
VAL N   CA   sing N N 356 
VAL N   H    sing N N 357 
VAL N   H2   sing N N 358 
VAL CA  C    sing N N 359 
VAL CA  CB   sing N N 360 
VAL CA  HA   sing N N 361 
VAL C   O    doub N N 362 
VAL C   OXT  sing N N 363 
VAL CB  CG1  sing N N 364 
VAL CB  CG2  sing N N 365 
VAL CB  HB   sing N N 366 
VAL CG1 HG11 sing N N 367 
VAL CG1 HG12 sing N N 368 
VAL CG1 HG13 sing N N 369 
VAL CG2 HG21 sing N N 370 
VAL CG2 HG22 sing N N 371 
VAL CG2 HG23 sing N N 372 
VAL OXT HXT  sing N N 373 
# 
loop_
_pdbx_nmr_spectrometer.spectrometer_id 
_pdbx_nmr_spectrometer.type 
_pdbx_nmr_spectrometer.manufacturer 
_pdbx_nmr_spectrometer.model 
_pdbx_nmr_spectrometer.field_strength 
1 ? Bruker DRX 600 
2 ? Bruker DMX 800 
# 
_atom_sites.entry_id                    1G4G 
_atom_sites.fract_transf_matrix[1][1]   1.000000 
_atom_sites.fract_transf_matrix[1][2]   0.000000 
_atom_sites.fract_transf_matrix[1][3]   0.000000 
_atom_sites.fract_transf_matrix[2][1]   0.000000 
_atom_sites.fract_transf_matrix[2][2]   1.000000 
_atom_sites.fract_transf_matrix[2][3]   0.000000 
_atom_sites.fract_transf_matrix[3][1]   0.000000 
_atom_sites.fract_transf_matrix[3][2]   0.000000 
_atom_sites.fract_transf_matrix[3][3]   1.000000 
_atom_sites.fract_transf_vector[1]      0.00000 
_atom_sites.fract_transf_vector[2]      0.00000 
_atom_sites.fract_transf_vector[3]      0.00000 
# 
loop_
_atom_type.symbol 
C 
H 
N 
O 
S 
# 
loop_
_atom_site.group_PDB 
_atom_site.id 
_atom_site.type_symbol 
_atom_site.label_atom_id 
_atom_site.label_alt_id 
_atom_site.label_comp_id 
_atom_site.label_asym_id 
_atom_site.label_entity_id 
_atom_site.label_seq_id 
_atom_site.pdbx_PDB_ins_code 
_atom_site.Cartn_x 
_atom_site.Cartn_y 
_atom_site.Cartn_z 
_atom_site.occupancy 
_atom_site.B_iso_or_equiv 
_atom_site.pdbx_formal_charge 
_atom_site.auth_seq_id 
_atom_site.auth_comp_id 
_atom_site.auth_asym_id 
_atom_site.auth_atom_id 
_atom_site.pdbx_PDB_model_num 
ATOM 1    N N    . THR A 1 1  ? 16.290  -18.930 1.598   1.00 2.14 ? 1  THR A N    1 
ATOM 2    C CA   . THR A 1 1  ? 15.086  -18.927 2.479   1.00 1.61 ? 1  THR A CA   1 
ATOM 3    C C    . THR A 1 1  ? 14.122  -17.814 2.056   1.00 1.42 ? 1  THR A C    1 
ATOM 4    O O    . THR A 1 1  ? 14.455  -16.965 1.255   1.00 2.00 ? 1  THR A O    1 
ATOM 5    C CB   . THR A 1 1  ? 15.625  -18.665 3.886   1.00 2.13 ? 1  THR A CB   1 
ATOM 6    O OG1  . THR A 1 1  ? 16.204  -17.369 3.935   1.00 2.74 ? 1  THR A OG1  1 
ATOM 7    C CG2  . THR A 1 1  ? 16.684  -19.714 4.233   1.00 2.72 ? 1  THR A CG2  1 
ATOM 8    H H1   . THR A 1 1  ? 16.014  -18.663 0.632   1.00 2.33 ? 1  THR A H1   1 
ATOM 9    H H2   . THR A 1 1  ? 16.711  -19.880 1.589   1.00 2.58 ? 1  THR A H2   1 
ATOM 10   H H3   . THR A 1 1  ? 16.984  -18.245 1.958   1.00 2.71 ? 1  THR A H3   1 
ATOM 11   H HA   . THR A 1 1  ? 14.594  -19.887 2.446   1.00 2.03 ? 1  THR A HA   1 
ATOM 12   H HB   . THR A 1 1  ? 14.817  -18.727 4.599   1.00 2.50 ? 1  THR A HB   1 
ATOM 13   H HG1  . THR A 1 1  ? 17.143  -17.457 3.761   1.00 3.19 ? 1  THR A HG1  1 
ATOM 14   H HG21 . THR A 1 1  ? 16.950  -19.624 5.275   1.00 3.15 ? 1  THR A HG21 1 
ATOM 15   H HG22 . THR A 1 1  ? 17.560  -19.554 3.622   1.00 2.97 ? 1  THR A HG22 1 
ATOM 16   H HG23 . THR A 1 1  ? 16.289  -20.701 4.044   1.00 3.15 ? 1  THR A HG23 1 
ATOM 17   N N    . LYS A 1 2  ? 12.931  -17.814 2.590   1.00 1.03 ? 2  LYS A N    1 
ATOM 18   C CA   . LYS A 1 2  ? 11.949  -16.757 2.217   1.00 0.90 ? 2  LYS A CA   1 
ATOM 19   C C    . LYS A 1 2  ? 11.145  -16.324 3.447   1.00 0.85 ? 2  LYS A C    1 
ATOM 20   O O    . LYS A 1 2  ? 10.005  -16.706 3.620   1.00 0.96 ? 2  LYS A O    1 
ATOM 21   C CB   . LYS A 1 2  ? 11.034  -17.412 1.181   1.00 1.02 ? 2  LYS A CB   1 
ATOM 22   C CG   . LYS A 1 2  ? 11.883  -18.119 0.124   1.00 1.79 ? 2  LYS A CG   1 
ATOM 23   C CD   . LYS A 1 2  ? 10.971  -18.893 -0.829  1.00 2.30 ? 2  LYS A CD   1 
ATOM 24   C CE   . LYS A 1 2  ? 10.478  -20.168 -0.142  1.00 2.92 ? 2  LYS A CE   1 
ATOM 25   N NZ   . LYS A 1 2  ? 9.402   -20.693 -1.030  1.00 3.45 ? 2  LYS A NZ   1 
ATOM 26   H H    . LYS A 1 2  ? 12.683  -18.510 3.234   1.00 1.30 ? 2  LYS A H    1 
ATOM 27   H HA   . LYS A 1 2  ? 12.453  -15.910 1.779   1.00 0.95 ? 2  LYS A HA   1 
ATOM 28   H HB2  . LYS A 1 2  ? 10.394  -18.132 1.672   1.00 1.29 ? 2  LYS A HB2  1 
ATOM 29   H HB3  . LYS A 1 2  ? 10.428  -16.656 0.708   1.00 1.36 ? 2  LYS A HB3  1 
ATOM 30   H HG2  . LYS A 1 2  ? 12.449  -17.385 -0.433  1.00 2.33 ? 2  LYS A HG2  1 
ATOM 31   H HG3  . LYS A 1 2  ? 12.561  -18.806 0.607   1.00 2.17 ? 2  LYS A HG3  1 
ATOM 32   H HD2  . LYS A 1 2  ? 10.125  -18.277 -1.097  1.00 2.42 ? 2  LYS A HD2  1 
ATOM 33   H HD3  . LYS A 1 2  ? 11.521  -19.157 -1.721  1.00 2.75 ? 2  LYS A HD3  1 
ATOM 34   H HE2  . LYS A 1 2  ? 11.284  -20.886 -0.060  1.00 3.20 ? 2  LYS A HE2  1 
ATOM 35   H HE3  . LYS A 1 2  ? 10.075  -19.939 0.832   1.00 3.29 ? 2  LYS A HE3  1 
ATOM 36   H HZ1  . LYS A 1 2  ? 8.933   -19.900 -1.511  1.00 3.69 ? 2  LYS A HZ1  1 
ATOM 37   H HZ2  . LYS A 1 2  ? 8.706   -21.215 -0.459  1.00 3.73 ? 2  LYS A HZ2  1 
ATOM 38   H HZ3  . LYS A 1 2  ? 9.818   -21.328 -1.740  1.00 3.85 ? 2  LYS A HZ3  1 
ATOM 39   N N    . ALA A 1 3  ? 11.731  -15.530 4.300   1.00 0.77 ? 3  ALA A N    1 
ATOM 40   C CA   . ALA A 1 3  ? 10.999  -15.074 5.518   1.00 0.76 ? 3  ALA A CA   1 
ATOM 41   C C    . ALA A 1 3  ? 9.922   -14.054 5.136   1.00 0.75 ? 3  ALA A C    1 
ATOM 42   O O    . ALA A 1 3  ? 10.178  -13.105 4.422   1.00 1.32 ? 3  ALA A O    1 
ATOM 43   C CB   . ALA A 1 3  ? 12.064  -14.424 6.400   1.00 0.75 ? 3  ALA A CB   1 
ATOM 44   H H    . ALA A 1 3  ? 12.650  -15.233 4.141   1.00 0.78 ? 3  ALA A H    1 
ATOM 45   H HA   . ALA A 1 3  ? 10.559  -15.914 6.029   1.00 0.83 ? 3  ALA A HA   1 
ATOM 46   H HB1  . ALA A 1 3  ? 13.036  -14.818 6.141   1.00 1.25 ? 3  ALA A HB1  1 
ATOM 47   H HB2  . ALA A 1 3  ? 11.853  -14.638 7.437   1.00 1.22 ? 3  ALA A HB2  1 
ATOM 48   H HB3  . ALA A 1 3  ? 12.058  -13.355 6.245   1.00 1.19 ? 3  ALA A HB3  1 
ATOM 49   N N    . SER A 1 4  ? 8.720   -14.243 5.607   1.00 0.53 ? 4  SER A N    1 
ATOM 50   C CA   . SER A 1 4  ? 7.630   -13.283 5.273   1.00 0.46 ? 4  SER A CA   1 
ATOM 51   C C    . SER A 1 4  ? 8.045   -11.859 5.647   1.00 0.45 ? 4  SER A C    1 
ATOM 52   O O    . SER A 1 4  ? 9.141   -11.625 6.118   1.00 0.63 ? 4  SER A O    1 
ATOM 53   C CB   . SER A 1 4  ? 6.435   -13.732 6.113   1.00 0.53 ? 4  SER A CB   1 
ATOM 54   O OG   . SER A 1 4  ? 6.903   -14.450 7.247   1.00 1.48 ? 4  SER A OG   1 
ATOM 55   H H    . SER A 1 4  ? 8.535   -15.015 6.181   1.00 0.90 ? 4  SER A H    1 
ATOM 56   H HA   . SER A 1 4  ? 7.385   -13.341 4.223   1.00 0.44 ? 4  SER A HA   1 
ATOM 57   H HB2  . SER A 1 4  ? 5.881   -12.869 6.445   1.00 1.02 ? 4  SER A HB2  1 
ATOM 58   H HB3  . SER A 1 4  ? 5.791   -14.361 5.514   1.00 1.04 ? 4  SER A HB3  1 
ATOM 59   H HG   . SER A 1 4  ? 6.139   -14.759 7.738   1.00 1.85 ? 4  SER A HG   1 
ATOM 60   N N    . CYS A 1 5  ? 7.179   -10.904 5.442   1.00 0.39 ? 5  CYS A N    1 
ATOM 61   C CA   . CYS A 1 5  ? 7.526   -9.495  5.787   1.00 0.38 ? 5  CYS A CA   1 
ATOM 62   C C    . CYS A 1 5  ? 6.868   -9.099  7.112   1.00 0.43 ? 5  CYS A C    1 
ATOM 63   O O    . CYS A 1 5  ? 6.728   -9.901  8.013   1.00 0.61 ? 5  CYS A O    1 
ATOM 64   C CB   . CYS A 1 5  ? 6.963   -8.655  4.642   1.00 0.37 ? 5  CYS A CB   1 
ATOM 65   S SG   . CYS A 1 5  ? 7.447   -9.384  3.057   1.00 0.70 ? 5  CYS A SG   1 
ATOM 66   H H    . CYS A 1 5  ? 6.301   -11.113 5.062   1.00 0.47 ? 5  CYS A H    1 
ATOM 67   H HA   . CYS A 1 5  ? 8.594   -9.372  5.845   1.00 0.40 ? 5  CYS A HA   1 
ATOM 68   H HB2  . CYS A 1 5  ? 5.886   -8.629  4.712   1.00 0.49 ? 5  CYS A HB2  1 
ATOM 69   H HB3  . CYS A 1 5  ? 7.354   -7.648  4.708   1.00 0.43 ? 5  CYS A HB3  1 
ATOM 70   N N    . LYS A 1 6  ? 6.460   -7.865  7.234   1.00 0.49 ? 6  LYS A N    1 
ATOM 71   C CA   . LYS A 1 6  ? 5.808   -7.413  8.495   1.00 0.54 ? 6  LYS A CA   1 
ATOM 72   C C    . LYS A 1 6  ? 4.915   -6.202  8.220   1.00 0.52 ? 6  LYS A C    1 
ATOM 73   O O    . LYS A 1 6  ? 5.390   -5.115  7.959   1.00 0.53 ? 6  LYS A O    1 
ATOM 74   C CB   . LYS A 1 6  ? 6.963   -7.028  9.421   1.00 0.62 ? 6  LYS A CB   1 
ATOM 75   C CG   . LYS A 1 6  ? 6.604   -7.394  10.863  1.00 1.39 ? 6  LYS A CG   1 
ATOM 76   C CD   . LYS A 1 6  ? 7.514   -6.627  11.826  1.00 1.85 ? 6  LYS A CD   1 
ATOM 77   C CE   . LYS A 1 6  ? 7.531   -7.333  13.184  1.00 2.49 ? 6  LYS A CE   1 
ATOM 78   N NZ   . LYS A 1 6  ? 8.974   -7.474  13.525  1.00 3.31 ? 6  LYS A NZ   1 
ATOM 79   H H    . LYS A 1 6  ? 6.582   -7.235  6.493   1.00 0.63 ? 6  LYS A H    1 
ATOM 80   H HA   . LYS A 1 6  ? 5.236   -8.215  8.933   1.00 0.57 ? 6  LYS A HA   1 
ATOM 81   H HB2  . LYS A 1 6  ? 7.855   -7.561  9.125   1.00 1.14 ? 6  LYS A HB2  1 
ATOM 82   H HB3  . LYS A 1 6  ? 7.139   -5.964  9.355   1.00 1.02 ? 6  LYS A HB3  1 
ATOM 83   H HG2  . LYS A 1 6  ? 5.574   -7.133  11.055  1.00 2.00 ? 6  LYS A HG2  1 
ATOM 84   H HG3  . LYS A 1 6  ? 6.741   -8.455  11.011  1.00 2.02 ? 6  LYS A HG3  1 
ATOM 85   H HD2  . LYS A 1 6  ? 8.517   -6.593  11.425  1.00 2.30 ? 6  LYS A HD2  1 
ATOM 86   H HD3  . LYS A 1 6  ? 7.142   -5.621  11.950  1.00 2.21 ? 6  LYS A HD3  1 
ATOM 87   H HE2  . LYS A 1 6  ? 7.023   -6.730  13.925  1.00 2.73 ? 6  LYS A HE2  1 
ATOM 88   H HE3  . LYS A 1 6  ? 7.071   -8.306  13.109  1.00 2.81 ? 6  LYS A HE3  1 
ATOM 89   H HZ1  . LYS A 1 6  ? 9.354   -6.552  13.816  1.00 3.67 ? 6  LYS A HZ1  1 
ATOM 90   H HZ2  . LYS A 1 6  ? 9.494   -7.818  12.692  1.00 3.73 ? 6  LYS A HZ2  1 
ATOM 91   H HZ3  . LYS A 1 6  ? 9.081   -8.153  14.306  1.00 3.63 ? 6  LYS A HZ3  1 
ATOM 92   N N    . LEU A 1 7  ? 3.620   -6.384  8.272   1.00 0.51 ? 7  LEU A N    1 
ATOM 93   C CA   . LEU A 1 7  ? 2.687   -5.248  8.010   1.00 0.51 ? 7  LEU A CA   1 
ATOM 94   C C    . LEU A 1 7  ? 3.221   -3.956  8.644   1.00 0.54 ? 7  LEU A C    1 
ATOM 95   O O    . LEU A 1 7  ? 3.083   -3.754  9.834   1.00 0.59 ? 7  LEU A O    1 
ATOM 96   C CB   . LEU A 1 7  ? 1.372   -5.661  8.671   1.00 0.54 ? 7  LEU A CB   1 
ATOM 97   C CG   . LEU A 1 7  ? 1.639   -6.101  10.112  1.00 0.56 ? 7  LEU A CG   1 
ATOM 98   C CD1  . LEU A 1 7  ? 0.785   -5.265  11.068  1.00 0.66 ? 7  LEU A CD1  1 
ATOM 99   C CD2  . LEU A 1 7  ? 1.279   -7.579  10.269  1.00 0.61 ? 7  LEU A CD2  1 
ATOM 100  H H    . LEU A 1 7  ? 3.262   -7.272  8.482   1.00 0.52 ? 7  LEU A H    1 
ATOM 101  H HA   . LEU A 1 7  ? 2.538   -5.120  6.950   1.00 0.51 ? 7  LEU A HA   1 
ATOM 102  H HB2  . LEU A 1 7  ? 0.689   -4.822  8.671   1.00 0.57 ? 7  LEU A HB2  1 
ATOM 103  H HB3  . LEU A 1 7  ? 0.935   -6.483  8.123   1.00 0.55 ? 7  LEU A HB3  1 
ATOM 104  H HG   . LEU A 1 7  ? 2.685   -5.955  10.344  1.00 0.55 ? 7  LEU A HG   1 
ATOM 105  H HD11 . LEU A 1 7  ? 0.992   -5.557  12.086  1.00 1.08 ? 7  LEU A HD11 1 
ATOM 106  H HD12 . LEU A 1 7  ? -0.261  -5.429  10.851  1.00 1.24 ? 7  LEU A HD12 1 
ATOM 107  H HD13 . LEU A 1 7  ? 1.018   -4.219  10.939  1.00 1.21 ? 7  LEU A HD13 1 
ATOM 108  H HD21 . LEU A 1 7  ? 0.428   -7.810  9.646   1.00 1.18 ? 7  LEU A HD21 1 
ATOM 109  H HD22 . LEU A 1 7  ? 1.037   -7.783  11.302  1.00 1.17 ? 7  LEU A HD22 1 
ATOM 110  H HD23 . LEU A 1 7  ? 2.121   -8.188  9.968   1.00 1.25 ? 7  LEU A HD23 1 
ATOM 111  N N    . PRO A 1 8  ? 3.819   -3.117  7.829   1.00 0.56 ? 8  PRO A N    1 
ATOM 112  C CA   . PRO A 1 8  ? 4.375   -1.838  8.327   1.00 0.63 ? 8  PRO A CA   1 
ATOM 113  C C    . PRO A 1 8  ? 3.262   -0.951  8.893   1.00 0.64 ? 8  PRO A C    1 
ATOM 114  O O    . PRO A 1 8  ? 3.491   -0.121  9.751   1.00 0.78 ? 8  PRO A O    1 
ATOM 115  C CB   . PRO A 1 8  ? 4.982   -1.219  7.064   1.00 0.68 ? 8  PRO A CB   1 
ATOM 116  C CG   . PRO A 1 8  ? 4.746   -2.176  5.879   1.00 0.63 ? 8  PRO A CG   1 
ATOM 117  C CD   . PRO A 1 8  ? 3.967   -3.399  6.382   1.00 0.54 ? 8  PRO A CD   1 
ATOM 118  H HA   . PRO A 1 8  ? 5.144   -2.011  9.062   1.00 0.67 ? 8  PRO A HA   1 
ATOM 119  H HB2  . PRO A 1 8  ? 4.509   -0.267  6.863   1.00 0.71 ? 8  PRO A HB2  1 
ATOM 120  H HB3  . PRO A 1 8  ? 6.044   -1.076  7.203   1.00 0.73 ? 8  PRO A HB3  1 
ATOM 121  H HG2  . PRO A 1 8  ? 4.174   -1.670  5.114   1.00 0.65 ? 8  PRO A HG2  1 
ATOM 122  H HG3  . PRO A 1 8  ? 5.694   -2.494  5.474   1.00 0.67 ? 8  PRO A HG3  1 
ATOM 123  H HD2  . PRO A 1 8  ? 3.002   -3.461  5.897   1.00 0.52 ? 8  PRO A HD2  1 
ATOM 124  H HD3  . PRO A 1 8  ? 4.535   -4.303  6.230   1.00 0.52 ? 8  PRO A HD3  1 
ATOM 125  N N    . VAL A 1 9  ? 2.058   -1.121  8.420   1.00 0.55 ? 9  VAL A N    1 
ATOM 126  C CA   . VAL A 1 9  ? 0.932   -0.286  8.930   1.00 0.57 ? 9  VAL A CA   1 
ATOM 127  C C    . VAL A 1 9  ? -0.236  -1.181  9.363   1.00 0.60 ? 9  VAL A C    1 
ATOM 128  O O    . VAL A 1 9  ? -0.202  -2.384  9.195   1.00 1.00 ? 9  VAL A O    1 
ATOM 129  C CB   . VAL A 1 9  ? 0.523   0.594   7.751   1.00 0.55 ? 9  VAL A CB   1 
ATOM 130  C CG1  . VAL A 1 9  ? -0.367  1.735   8.249   1.00 0.60 ? 9  VAL A CG1  1 
ATOM 131  C CG2  . VAL A 1 9  ? 1.775   1.178   7.093   1.00 0.60 ? 9  VAL A CG2  1 
ATOM 132  H H    . VAL A 1 9  ? 1.894   -1.794  7.728   1.00 0.53 ? 9  VAL A H    1 
ATOM 133  H HA   . VAL A 1 9  ? 1.259   0.328   9.753   1.00 0.62 ? 9  VAL A HA   1 
ATOM 134  H HB   . VAL A 1 9  ? -0.021  0.001   7.033   1.00 0.53 ? 9  VAL A HB   1 
ATOM 135  H HG11 . VAL A 1 9  ? -0.278  1.819   9.322   1.00 1.19 ? 9  VAL A HG11 1 
ATOM 136  H HG12 . VAL A 1 9  ? -1.395  1.529   7.988   1.00 1.17 ? 9  VAL A HG12 1 
ATOM 137  H HG13 . VAL A 1 9  ? -0.057  2.660   7.788   1.00 1.16 ? 9  VAL A HG13 1 
ATOM 138  H HG21 . VAL A 1 9  ? 1.485   1.814   6.270   1.00 1.18 ? 9  VAL A HG21 1 
ATOM 139  H HG22 . VAL A 1 9  ? 2.397   0.374   6.726   1.00 1.26 ? 9  VAL A HG22 1 
ATOM 140  H HG23 . VAL A 1 9  ? 2.327   1.757   7.818   1.00 1.08 ? 9  VAL A HG23 1 
ATOM 141  N N    . LYS A 1 10 ? -1.265  -0.602  9.916   1.00 0.55 ? 10 LYS A N    1 
ATOM 142  C CA   . LYS A 1 10 ? -2.432  -1.419  10.358  1.00 0.55 ? 10 LYS A CA   1 
ATOM 143  C C    . LYS A 1 10 ? -3.650  -1.122  9.480   1.00 0.47 ? 10 LYS A C    1 
ATOM 144  O O    . LYS A 1 10 ? -4.716  -1.669  9.675   1.00 0.54 ? 10 LYS A O    1 
ATOM 145  C CB   . LYS A 1 10 ? -2.693  -0.988  11.801  1.00 0.67 ? 10 LYS A CB   1 
ATOM 146  C CG   . LYS A 1 10 ? -2.682  -2.219  12.711  1.00 1.40 ? 10 LYS A CG   1 
ATOM 147  C CD   . LYS A 1 10 ? -2.774  -1.775  14.172  1.00 1.75 ? 10 LYS A CD   1 
ATOM 148  C CE   . LYS A 1 10 ? -1.630  -0.808  14.486  1.00 2.50 ? 10 LYS A CE   1 
ATOM 149  N NZ   . LYS A 1 10 ? -1.370  -0.978  15.943  1.00 3.05 ? 10 LYS A NZ   1 
ATOM 150  H H    . LYS A 1 10 ? -1.271  0.370   10.043  1.00 0.83 ? 10 LYS A H    1 
ATOM 151  H HA   . LYS A 1 10 ? -2.189  -2.470  10.325  1.00 0.59 ? 10 LYS A HA   1 
ATOM 152  H HB2  . LYS A 1 10 ? -1.923  -0.300  12.118  1.00 1.22 ? 10 LYS A HB2  1 
ATOM 153  H HB3  . LYS A 1 10 ? -3.656  -0.506  11.865  1.00 1.31 ? 10 LYS A HB3  1 
ATOM 154  H HG2  . LYS A 1 10 ? -3.525  -2.850  12.473  1.00 2.10 ? 10 LYS A HG2  1 
ATOM 155  H HG3  . LYS A 1 10 ? -1.766  -2.769  12.562  1.00 2.04 ? 10 LYS A HG3  1 
ATOM 156  H HD2  . LYS A 1 10 ? -3.720  -1.280  14.340  1.00 2.14 ? 10 LYS A HD2  1 
ATOM 157  H HD3  . LYS A 1 10 ? -2.699  -2.638  14.817  1.00 2.08 ? 10 LYS A HD3  1 
ATOM 158  H HE2  . LYS A 1 10 ? -0.752  -1.069  13.911  1.00 2.90 ? 10 LYS A HE2  1 
ATOM 159  H HE3  . LYS A 1 10 ? -1.929  0.208   14.279  1.00 2.91 ? 10 LYS A HE3  1 
ATOM 160  H HZ1  . LYS A 1 10 ? -2.274  -1.065  16.448  1.00 3.32 ? 10 LYS A HZ1  1 
ATOM 161  H HZ2  . LYS A 1 10 ? -0.850  -0.151  16.300  1.00 3.40 ? 10 LYS A HZ2  1 
ATOM 162  H HZ3  . LYS A 1 10 ? -0.805  -1.838  16.096  1.00 3.42 ? 10 LYS A HZ3  1 
ATOM 163  N N    . LYS A 1 11 ? -3.500  -0.258  8.514   1.00 0.43 ? 11 LYS A N    1 
ATOM 164  C CA   . LYS A 1 11 ? -4.650  0.075   7.625   1.00 0.43 ? 11 LYS A CA   1 
ATOM 165  C C    . LYS A 1 11 ? -4.149  0.410   6.217   1.00 0.39 ? 11 LYS A C    1 
ATOM 166  O O    . LYS A 1 11 ? -4.603  1.350   5.594   1.00 0.42 ? 11 LYS A O    1 
ATOM 167  C CB   . LYS A 1 11 ? -5.306  1.298   8.266   1.00 0.54 ? 11 LYS A CB   1 
ATOM 168  C CG   . LYS A 1 11 ? -6.142  0.856   9.469   1.00 1.51 ? 11 LYS A CG   1 
ATOM 169  C CD   . LYS A 1 11 ? -6.585  2.088   10.262  1.00 1.79 ? 11 LYS A CD   1 
ATOM 170  C CE   . LYS A 1 11 ? -8.021  1.893   10.752  1.00 2.55 ? 11 LYS A CE   1 
ATOM 171  N NZ   . LYS A 1 11 ? -8.532  3.269   11.003  1.00 2.82 ? 11 LYS A NZ   1 
ATOM 172  H H    . LYS A 1 11 ? -2.630  0.173   8.372   1.00 0.48 ? 11 LYS A H    1 
ATOM 173  H HA   . LYS A 1 11 ? -5.350  -0.745  7.590   1.00 0.46 ? 11 LYS A HA   1 
ATOM 174  H HB2  . LYS A 1 11 ? -4.541  1.988   8.590   1.00 0.98 ? 11 LYS A HB2  1 
ATOM 175  H HB3  . LYS A 1 11 ? -5.946  1.782   7.544   1.00 1.24 ? 11 LYS A HB3  1 
ATOM 176  H HG2  . LYS A 1 11 ? -7.013  0.317   9.125   1.00 2.21 ? 11 LYS A HG2  1 
ATOM 177  H HG3  . LYS A 1 11 ? -5.550  0.217   10.104  1.00 2.06 ? 11 LYS A HG3  1 
ATOM 178  H HD2  . LYS A 1 11 ? -5.929  2.224   11.110  1.00 2.15 ? 11 LYS A HD2  1 
ATOM 179  H HD3  . LYS A 1 11 ? -6.539  2.960   9.627   1.00 1.96 ? 11 LYS A HD3  1 
ATOM 180  H HE2  . LYS A 1 11 ? -8.612  1.401   9.992   1.00 2.91 ? 11 LYS A HE2  1 
ATOM 181  H HE3  . LYS A 1 11 ? -8.032  1.321   11.666  1.00 3.13 ? 11 LYS A HE3  1 
ATOM 182  H HZ1  . LYS A 1 11 ? -9.564  3.282   10.887  1.00 3.07 ? 11 LYS A HZ1  1 
ATOM 183  H HZ2  . LYS A 1 11 ? -8.097  3.928   10.325  1.00 3.13 ? 11 LYS A HZ2  1 
ATOM 184  H HZ3  . LYS A 1 11 ? -8.290  3.557   11.972  1.00 3.11 ? 11 LYS A HZ3  1 
ATOM 185  N N    . ALA A 1 12 ? -3.219  -0.352  5.710   1.00 0.36 ? 12 ALA A N    1 
ATOM 186  C CA   . ALA A 1 12 ? -2.690  -0.075  4.344   1.00 0.36 ? 12 ALA A CA   1 
ATOM 187  C C    . ALA A 1 12 ? -3.509  -0.833  3.295   1.00 0.30 ? 12 ALA A C    1 
ATOM 188  O O    . ALA A 1 12 ? -3.679  -2.034  3.377   1.00 0.36 ? 12 ALA A O    1 
ATOM 189  C CB   . ALA A 1 12 ? -1.249  -0.582  4.367   1.00 0.40 ? 12 ALA A CB   1 
ATOM 190  H H    . ALA A 1 12 ? -2.866  -1.105  6.229   1.00 0.37 ? 12 ALA A H    1 
ATOM 191  H HA   . ALA A 1 12 ? -2.705  0.984   4.141   1.00 0.40 ? 12 ALA A HA   1 
ATOM 192  H HB1  . ALA A 1 12 ? -0.575  0.237   4.158   1.00 1.12 ? 12 ALA A HB1  1 
ATOM 193  H HB2  . ALA A 1 12 ? -1.125  -1.351  3.617   1.00 0.98 ? 12 ALA A HB2  1 
ATOM 194  H HB3  . ALA A 1 12 ? -1.026  -0.989  5.342   1.00 1.16 ? 12 ALA A HB3  1 
ATOM 195  N N    . THR A 1 13 ? -4.018  -0.142  2.311   1.00 0.30 ? 13 THR A N    1 
ATOM 196  C CA   . THR A 1 13 ? -4.824  -0.825  1.260   1.00 0.27 ? 13 THR A CA   1 
ATOM 197  C C    . THR A 1 13 ? -4.027  -0.910  -0.044  1.00 0.26 ? 13 THR A C    1 
ATOM 198  O O    . THR A 1 13 ? -3.782  0.084   -0.699  1.00 0.35 ? 13 THR A O    1 
ATOM 199  C CB   . THR A 1 13 ? -6.062  0.054   1.075   1.00 0.33 ? 13 THR A CB   1 
ATOM 200  O OG1  . THR A 1 13 ? -6.430  0.616   2.326   1.00 0.55 ? 13 THR A OG1  1 
ATOM 201  C CG2  . THR A 1 13 ? -7.216  -0.792  0.533   1.00 0.50 ? 13 THR A CG2  1 
ATOM 202  H H    . THR A 1 13 ? -3.869  0.825   2.265   1.00 0.39 ? 13 THR A H    1 
ATOM 203  H HA   . THR A 1 13 ? -5.116  -1.810  1.587   1.00 0.26 ? 13 THR A HA   1 
ATOM 204  H HB   . THR A 1 13 ? -5.840  0.845   0.376   1.00 0.38 ? 13 THR A HB   1 
ATOM 205  H HG1  . THR A 1 13 ? -6.942  1.411   2.155   1.00 0.96 ? 13 THR A HG1  1 
ATOM 206  H HG21 . THR A 1 13 ? -7.412  -0.517  -0.492  1.00 1.26 ? 13 THR A HG21 1 
ATOM 207  H HG22 . THR A 1 13 ? -8.099  -0.619  1.129   1.00 1.00 ? 13 THR A HG22 1 
ATOM 208  H HG23 . THR A 1 13 ? -6.948  -1.837  0.581   1.00 1.14 ? 13 THR A HG23 1 
ATOM 209  N N    . VAL A 1 14 ? -3.618  -2.090  -0.427  1.00 0.25 ? 14 VAL A N    1 
ATOM 210  C CA   . VAL A 1 14 ? -2.836  -2.235  -1.688  1.00 0.27 ? 14 VAL A CA   1 
ATOM 211  C C    . VAL A 1 14 ? -3.626  -3.058  -2.709  1.00 0.28 ? 14 VAL A C    1 
ATOM 212  O O    . VAL A 1 14 ? -4.738  -3.477  -2.456  1.00 0.33 ? 14 VAL A O    1 
ATOM 213  C CB   . VAL A 1 14 ? -1.561  -2.969  -1.279  1.00 0.31 ? 14 VAL A CB   1 
ATOM 214  C CG1  . VAL A 1 14 ? -0.881  -2.216  -0.136  1.00 0.73 ? 14 VAL A CG1  1 
ATOM 215  C CG2  . VAL A 1 14 ? -1.913  -4.385  -0.817  1.00 0.63 ? 14 VAL A CG2  1 
ATOM 216  H H    . VAL A 1 14 ? -3.826  -2.878  0.116   1.00 0.31 ? 14 VAL A H    1 
ATOM 217  H HA   . VAL A 1 14 ? -2.591  -1.267  -2.093  1.00 0.30 ? 14 VAL A HA   1 
ATOM 218  H HB   . VAL A 1 14 ? -0.888  -3.022  -2.125  1.00 0.60 ? 14 VAL A HB   1 
ATOM 219  H HG11 . VAL A 1 14 ? -1.630  -1.844  0.547   1.00 1.31 ? 14 VAL A HG11 1 
ATOM 220  H HG12 . VAL A 1 14 ? -0.315  -1.387  -0.536  1.00 1.27 ? 14 VAL A HG12 1 
ATOM 221  H HG13 . VAL A 1 14 ? -0.215  -2.884  0.392   1.00 1.31 ? 14 VAL A HG13 1 
ATOM 222  H HG21 . VAL A 1 14 ? -2.974  -4.446  -0.625  1.00 1.25 ? 14 VAL A HG21 1 
ATOM 223  H HG22 . VAL A 1 14 ? -1.370  -4.614  0.088   1.00 1.27 ? 14 VAL A HG22 1 
ATOM 224  H HG23 . VAL A 1 14 ? -1.643  -5.092  -1.588  1.00 1.28 ? 14 VAL A HG23 1 
ATOM 225  N N    . VAL A 1 15 ? -3.060  -3.294  -3.861  1.00 0.29 ? 15 VAL A N    1 
ATOM 226  C CA   . VAL A 1 15 ? -3.779  -4.090  -4.896  1.00 0.31 ? 15 VAL A CA   1 
ATOM 227  C C    . VAL A 1 15 ? -2.973  -5.341  -5.255  1.00 0.32 ? 15 VAL A C    1 
ATOM 228  O O    . VAL A 1 15 ? -2.117  -5.316  -6.118  1.00 0.47 ? 15 VAL A O    1 
ATOM 229  C CB   . VAL A 1 15 ? -3.889  -3.160  -6.104  1.00 0.34 ? 15 VAL A CB   1 
ATOM 230  C CG1  . VAL A 1 15 ? -4.482  -3.926  -7.286  1.00 0.45 ? 15 VAL A CG1  1 
ATOM 231  C CG2  . VAL A 1 15 ? -4.797  -1.979  -5.756  1.00 0.44 ? 15 VAL A CG2  1 
ATOM 232  H H    . VAL A 1 15 ? -2.162  -2.948  -4.044  1.00 0.33 ? 15 VAL A H    1 
ATOM 233  H HA   . VAL A 1 15 ? -4.763  -4.361  -4.548  1.00 0.32 ? 15 VAL A HA   1 
ATOM 234  H HB   . VAL A 1 15 ? -2.906  -2.796  -6.368  1.00 0.34 ? 15 VAL A HB   1 
ATOM 235  H HG11 . VAL A 1 15 ? -5.147  -4.696  -6.921  1.00 1.05 ? 15 VAL A HG11 1 
ATOM 236  H HG12 . VAL A 1 15 ? -3.688  -4.380  -7.859  1.00 1.13 ? 15 VAL A HG12 1 
ATOM 237  H HG13 . VAL A 1 15 ? -5.035  -3.244  -7.918  1.00 0.98 ? 15 VAL A HG13 1 
ATOM 238  H HG21 . VAL A 1 15 ? -4.244  -1.261  -5.169  1.00 1.11 ? 15 VAL A HG21 1 
ATOM 239  H HG22 . VAL A 1 15 ? -5.644  -2.332  -5.187  1.00 1.15 ? 15 VAL A HG22 1 
ATOM 240  H HG23 . VAL A 1 15 ? -5.143  -1.511  -6.665  1.00 1.02 ? 15 VAL A HG23 1 
ATOM 241  N N    . TYR A 1 16 ? -3.238  -6.439  -4.599  1.00 0.35 ? 16 TYR A N    1 
ATOM 242  C CA   . TYR A 1 16 ? -2.486  -7.690  -4.903  1.00 0.39 ? 16 TYR A CA   1 
ATOM 243  C C    . TYR A 1 16 ? -3.179  -8.462  -6.029  1.00 0.64 ? 16 TYR A C    1 
ATOM 244  O O    . TYR A 1 16 ? -4.319  -8.862  -5.910  1.00 1.31 ? 16 TYR A O    1 
ATOM 245  C CB   . TYR A 1 16 ? -2.515  -8.495  -3.601  1.00 0.63 ? 16 TYR A CB   1 
ATOM 246  C CG   . TYR A 1 16 ? -1.637  -9.715  -3.739  1.00 0.47 ? 16 TYR A CG   1 
ATOM 247  C CD1  . TYR A 1 16 ? -0.419  -9.631  -4.426  1.00 1.31 ? 16 TYR A CD1  1 
ATOM 248  C CD2  . TYR A 1 16 ? -2.042  -10.934 -3.180  1.00 1.22 ? 16 TYR A CD2  1 
ATOM 249  C CE1  . TYR A 1 16 ? 0.394   -10.763 -4.552  1.00 1.31 ? 16 TYR A CE1  1 
ATOM 250  C CE2  . TYR A 1 16 ? -1.227  -12.067 -3.305  1.00 1.26 ? 16 TYR A CE2  1 
ATOM 251  C CZ   . TYR A 1 16 ? -0.010  -11.982 -3.992  1.00 0.55 ? 16 TYR A CZ   1 
ATOM 252  O OH   . TYR A 1 16 ? 0.792   -13.097 -4.116  1.00 0.74 ? 16 TYR A OH   1 
ATOM 253  H H    . TYR A 1 16 ? -3.932  -6.439  -3.905  1.00 0.46 ? 16 TYR A H    1 
ATOM 254  H HA   . TYR A 1 16 ? -1.467  -7.461  -5.171  1.00 0.33 ? 16 TYR A HA   1 
ATOM 255  H HB2  . TYR A 1 16 ? -2.152  -7.880  -2.791  1.00 0.85 ? 16 TYR A HB2  1 
ATOM 256  H HB3  . TYR A 1 16 ? -3.528  -8.803  -3.393  1.00 0.91 ? 16 TYR A HB3  1 
ATOM 257  H HD1  . TYR A 1 16 ? -0.107  -8.692  -4.858  1.00 2.22 ? 16 TYR A HD1  1 
ATOM 258  H HD2  . TYR A 1 16 ? -2.979  -11.000 -2.651  1.00 2.10 ? 16 TYR A HD2  1 
ATOM 259  H HE1  . TYR A 1 16 ? 1.334   -10.698 -5.081  1.00 2.19 ? 16 TYR A HE1  1 
ATOM 260  H HE2  . TYR A 1 16 ? -1.538  -13.006 -2.872  1.00 2.16 ? 16 TYR A HE2  1 
ATOM 261  H HH   . TYR A 1 16 ? 0.221   -13.867 -4.172  1.00 1.16 ? 16 TYR A HH   1 
ATOM 262  N N    . GLN A 1 17 ? -2.496  -8.673  -7.121  1.00 0.92 ? 17 GLN A N    1 
ATOM 263  C CA   . GLN A 1 17 ? -3.116  -9.420  -8.253  1.00 1.15 ? 17 GLN A CA   1 
ATOM 264  C C    . GLN A 1 17 ? -4.396  -8.716  -8.712  1.00 0.81 ? 17 GLN A C    1 
ATOM 265  O O    . GLN A 1 17 ? -5.352  -9.349  -9.118  1.00 1.03 ? 17 GLN A O    1 
ATOM 266  C CB   . GLN A 1 17 ? -3.434  -10.801 -7.690  1.00 1.63 ? 17 GLN A CB   1 
ATOM 267  C CG   . GLN A 1 17 ? -2.175  -11.397 -7.054  1.00 1.94 ? 17 GLN A CG   1 
ATOM 268  C CD   . GLN A 1 17 ? -1.514  -12.363 -8.037  1.00 2.64 ? 17 GLN A CD   1 
ATOM 269  O OE1  . GLN A 1 17 ? -1.007  -11.953 -9.062  1.00 3.25 ? 17 GLN A OE1  1 
ATOM 270  N NE2  . GLN A 1 17 ? -1.498  -13.640 -7.767  1.00 3.08 ? 17 GLN A NE2  1 
ATOM 271  H H    . GLN A 1 17 ? -1.578  -8.342  -7.197  1.00 1.39 ? 17 GLN A H    1 
ATOM 272  H HA   . GLN A 1 17 ? -2.420  -9.507  -9.072  1.00 1.43 ? 17 GLN A HA   1 
ATOM 273  H HB2  . GLN A 1 17 ? -4.210  -10.715 -6.943  1.00 1.61 ? 17 GLN A HB2  1 
ATOM 274  H HB3  . GLN A 1 17 ? -3.770  -11.448 -8.488  1.00 1.96 ? 17 GLN A HB3  1 
ATOM 275  H HG2  . GLN A 1 17 ? -1.486  -10.601 -6.811  1.00 2.08 ? 17 GLN A HG2  1 
ATOM 276  H HG3  . GLN A 1 17 ? -2.445  -11.929 -6.154  1.00 2.00 ? 17 GLN A HG3  1 
ATOM 277  H HE21 . GLN A 1 17 ? -1.907  -13.972 -6.940  1.00 3.17 ? 17 GLN A HE21 1 
ATOM 278  H HE22 . GLN A 1 17 ? -1.077  -14.268 -8.391  1.00 3.63 ? 17 GLN A HE22 1 
ATOM 279  N N    . GLY A 1 18 ? -4.425  -7.414  -8.651  1.00 0.58 ? 18 GLY A N    1 
ATOM 280  C CA   . GLY A 1 18 ? -5.643  -6.673  -9.085  1.00 0.66 ? 18 GLY A CA   1 
ATOM 281  C C    . GLY A 1 18 ? -6.738  -6.823  -8.026  1.00 0.58 ? 18 GLY A C    1 
ATOM 282  O O    . GLY A 1 18 ? -7.901  -6.976  -8.341  1.00 0.76 ? 18 GLY A O    1 
ATOM 283  H H    . GLY A 1 18 ? -3.644  -6.922  -8.321  1.00 0.73 ? 18 GLY A H    1 
ATOM 284  H HA2  . GLY A 1 18 ? -5.402  -5.626  -9.210  1.00 0.95 ? 18 GLY A HA2  1 
ATOM 285  H HA3  . GLY A 1 18 ? -5.995  -7.076  -10.021 1.00 0.78 ? 18 GLY A HA3  1 
ATOM 286  N N    . GLU A 1 19 ? -6.373  -6.780  -6.773  1.00 0.41 ? 19 GLU A N    1 
ATOM 287  C CA   . GLU A 1 19 ? -7.397  -6.920  -5.697  1.00 0.39 ? 19 GLU A CA   1 
ATOM 288  C C    . GLU A 1 19 ? -7.091  -5.953  -4.549  1.00 0.34 ? 19 GLU A C    1 
ATOM 289  O O    . GLU A 1 19 ? -6.015  -5.961  -3.987  1.00 0.47 ? 19 GLU A O    1 
ATOM 290  C CB   . GLU A 1 19 ? -7.278  -8.368  -5.223  1.00 0.45 ? 19 GLU A CB   1 
ATOM 291  C CG   . GLU A 1 19 ? -7.882  -9.302  -6.274  1.00 0.84 ? 19 GLU A CG   1 
ATOM 292  C CD   . GLU A 1 19 ? -8.316  -10.609 -5.610  1.00 1.50 ? 19 GLU A CD   1 
ATOM 293  O OE1  . GLU A 1 19 ? -8.152  -10.721 -4.406  1.00 2.19 ? 19 GLU A OE1  1 
ATOM 294  O OE2  . GLU A 1 19 ? -8.805  -11.476 -6.316  1.00 2.08 ? 19 GLU A OE2  1 
ATOM 295  H H    . GLU A 1 19 ? -5.431  -6.656  -6.540  1.00 0.44 ? 19 GLU A H    1 
ATOM 296  H HA   . GLU A 1 19 ? -8.385  -6.740  -6.089  1.00 0.48 ? 19 GLU A HA   1 
ATOM 297  H HB2  . GLU A 1 19 ? -6.236  -8.615  -5.077  1.00 0.65 ? 19 GLU A HB2  1 
ATOM 298  H HB3  . GLU A 1 19 ? -7.810  -8.488  -4.291  1.00 0.58 ? 19 GLU A HB3  1 
ATOM 299  H HG2  . GLU A 1 19 ? -8.738  -8.825  -6.729  1.00 1.44 ? 19 GLU A HG2  1 
ATOM 300  H HG3  . GLU A 1 19 ? -7.143  -9.514  -7.033  1.00 1.36 ? 19 GLU A HG3  1 
ATOM 301  N N    . ARG A 1 20 ? -8.032  -5.120  -4.197  1.00 0.35 ? 20 ARG A N    1 
ATOM 302  C CA   . ARG A 1 20 ? -7.796  -4.153  -3.086  1.00 0.34 ? 20 ARG A CA   1 
ATOM 303  C C    . ARG A 1 20 ? -8.037  -4.831  -1.735  1.00 0.29 ? 20 ARG A C    1 
ATOM 304  O O    . ARG A 1 20 ? -9.123  -5.290  -1.445  1.00 0.40 ? 20 ARG A O    1 
ATOM 305  C CB   . ARG A 1 20 ? -8.811  -3.033  -3.314  1.00 0.44 ? 20 ARG A CB   1 
ATOM 306  C CG   . ARG A 1 20 ? -8.420  -2.235  -4.559  1.00 0.60 ? 20 ARG A CG   1 
ATOM 307  C CD   . ARG A 1 20 ? -9.647  -1.494  -5.096  1.00 0.82 ? 20 ARG A CD   1 
ATOM 308  N NE   . ARG A 1 20 ? -9.899  -2.091  -6.437  1.00 1.19 ? 20 ARG A NE   1 
ATOM 309  C CZ   . ARG A 1 20 ? -10.868 -1.635  -7.183  1.00 1.57 ? 20 ARG A CZ   1 
ATOM 310  N NH1  . ARG A 1 20 ? -11.933 -1.124  -6.627  1.00 2.25 ? 20 ARG A NH1  1 
ATOM 311  N NH2  . ARG A 1 20 ? -10.773 -1.690  -8.483  1.00 2.15 ? 20 ARG A NH2  1 
ATOM 312  H H    . ARG A 1 20 ? -8.895  -5.130  -4.663  1.00 0.48 ? 20 ARG A H    1 
ATOM 313  H HA   . ARG A 1 20 ? -6.795  -3.758  -3.138  1.00 0.40 ? 20 ARG A HA   1 
ATOM 314  H HB2  . ARG A 1 20 ? -9.794  -3.464  -3.455  1.00 0.48 ? 20 ARG A HB2  1 
ATOM 315  H HB3  . ARG A 1 20 ? -8.822  -2.377  -2.457  1.00 0.67 ? 20 ARG A HB3  1 
ATOM 316  H HG2  . ARG A 1 20 ? -7.651  -1.522  -4.302  1.00 0.88 ? 20 ARG A HG2  1 
ATOM 317  H HG3  . ARG A 1 20 ? -8.050  -2.909  -5.317  1.00 0.85 ? 20 ARG A HG3  1 
ATOM 318  H HD2  . ARG A 1 20 ? -10.496 -1.653  -4.445  1.00 1.61 ? 20 ARG A HD2  1 
ATOM 319  H HD3  . ARG A 1 20 ? -9.438  -0.440  -5.193  1.00 1.28 ? 20 ARG A HD3  1 
ATOM 320  H HE   . ARG A 1 20 ? -9.337  -2.826  -6.760  1.00 1.89 ? 20 ARG A HE   1 
ATOM 321  H HH11 . ARG A 1 20 ? -12.006 -1.081  -5.631  1.00 2.65 ? 20 ARG A HH11 1 
ATOM 322  H HH12 . ARG A 1 20 ? -12.675 -0.774  -7.198  1.00 2.74 ? 20 ARG A HH12 1 
ATOM 323  H HH21 . ARG A 1 20 ? -9.957  -2.083  -8.908  1.00 2.49 ? 20 ARG A HH21 1 
ATOM 324  H HH22 . ARG A 1 20 ? -11.517 -1.341  -9.054  1.00 2.67 ? 20 ARG A HH22 1 
ATOM 325  N N    . VAL A 1 21 ? -7.031  -4.896  -0.906  1.00 0.24 ? 21 VAL A N    1 
ATOM 326  C CA   . VAL A 1 21 ? -7.204  -5.543  0.426   1.00 0.29 ? 21 VAL A CA   1 
ATOM 327  C C    . VAL A 1 21 ? -6.393  -4.794  1.488   1.00 0.23 ? 21 VAL A C    1 
ATOM 328  O O    . VAL A 1 21 ? -5.468  -4.070  1.179   1.00 0.27 ? 21 VAL A O    1 
ATOM 329  C CB   . VAL A 1 21 ? -6.669  -6.964  0.247   1.00 0.42 ? 21 VAL A CB   1 
ATOM 330  C CG1  . VAL A 1 21 ? -7.654  -7.778  -0.595  1.00 0.53 ? 21 VAL A CG1  1 
ATOM 331  C CG2  . VAL A 1 21 ? -5.315  -6.913  -0.462  1.00 0.47 ? 21 VAL A CG2  1 
ATOM 332  H H    . VAL A 1 21 ? -6.162  -4.519  -1.159  1.00 0.25 ? 21 VAL A H    1 
ATOM 333  H HA   . VAL A 1 21 ? -8.247  -5.573  0.698   1.00 0.39 ? 21 VAL A HA   1 
ATOM 334  H HB   . VAL A 1 21 ? -6.554  -7.430  1.215   1.00 0.52 ? 21 VAL A HB   1 
ATOM 335  H HG11 . VAL A 1 21 ? -8.107  -7.139  -1.337  1.00 1.13 ? 21 VAL A HG11 1 
ATOM 336  H HG12 . VAL A 1 21 ? -8.422  -8.187  0.046   1.00 1.04 ? 21 VAL A HG12 1 
ATOM 337  H HG13 . VAL A 1 21 ? -7.128  -8.584  -1.084  1.00 1.23 ? 21 VAL A HG13 1 
ATOM 338  H HG21 . VAL A 1 21 ? -5.428  -6.424  -1.418  1.00 1.07 ? 21 VAL A HG21 1 
ATOM 339  H HG22 . VAL A 1 21 ? -4.949  -7.916  -0.612  1.00 1.18 ? 21 VAL A HG22 1 
ATOM 340  H HG23 . VAL A 1 21 ? -4.612  -6.361  0.143   1.00 1.12 ? 21 VAL A HG23 1 
ATOM 341  N N    . LYS A 1 22 ? -6.732  -4.964  2.736   1.00 0.27 ? 22 LYS A N    1 
ATOM 342  C CA   . LYS A 1 22 ? -5.980  -4.262  3.816   1.00 0.26 ? 22 LYS A CA   1 
ATOM 343  C C    . LYS A 1 22 ? -4.832  -5.141  4.318   1.00 0.28 ? 22 LYS A C    1 
ATOM 344  O O    . LYS A 1 22 ? -5.047  -6.141  4.976   1.00 0.38 ? 22 LYS A O    1 
ATOM 345  C CB   . LYS A 1 22 ? -7.005  -4.030  4.926   1.00 0.35 ? 22 LYS A CB   1 
ATOM 346  C CG   . LYS A 1 22 ? -7.896  -2.841  4.560   1.00 0.93 ? 22 LYS A CG   1 
ATOM 347  C CD   . LYS A 1 22 ? -7.144  -1.537  4.833   1.00 0.54 ? 22 LYS A CD   1 
ATOM 348  C CE   . LYS A 1 22 ? -8.103  -0.353  4.678   1.00 0.76 ? 22 LYS A CE   1 
ATOM 349  N NZ   . LYS A 1 22 ? -7.459  0.761   5.427   1.00 1.40 ? 22 LYS A NZ   1 
ATOM 350  H H    . LYS A 1 22 ? -7.482  -5.553  2.964   1.00 0.35 ? 22 LYS A H    1 
ATOM 351  H HA   . LYS A 1 22 ? -5.603  -3.316  3.458   1.00 0.27 ? 22 LYS A HA   1 
ATOM 352  H HB2  . LYS A 1 22 ? -7.615  -4.915  5.044   1.00 0.67 ? 22 LYS A HB2  1 
ATOM 353  H HB3  . LYS A 1 22 ? -6.492  -3.821  5.852   1.00 0.60 ? 22 LYS A HB3  1 
ATOM 354  H HG2  . LYS A 1 22 ? -8.156  -2.895  3.512   1.00 1.59 ? 22 LYS A HG2  1 
ATOM 355  H HG3  . LYS A 1 22 ? -8.796  -2.868  5.156   1.00 1.79 ? 22 LYS A HG3  1 
ATOM 356  H HD2  . LYS A 1 22 ? -6.749  -1.554  5.838   1.00 0.98 ? 22 LYS A HD2  1 
ATOM 357  H HD3  . LYS A 1 22 ? -6.333  -1.434  4.128   1.00 0.75 ? 22 LYS A HD3  1 
ATOM 358  H HE2  . LYS A 1 22 ? -8.213  -0.095  3.634   1.00 1.43 ? 22 LYS A HE2  1 
ATOM 359  H HE3  . LYS A 1 22 ? -9.062  -0.585  5.113   1.00 1.23 ? 22 LYS A HE3  1 
ATOM 360  H HZ1  . LYS A 1 22 ? -8.192  1.378   5.830   1.00 1.91 ? 22 LYS A HZ1  1 
ATOM 361  H HZ2  . LYS A 1 22 ? -6.859  1.313   4.779   1.00 1.94 ? 22 LYS A HZ2  1 
ATOM 362  H HZ3  . LYS A 1 22 ? -6.875  0.374   6.194   1.00 1.90 ? 22 LYS A HZ3  1 
ATOM 363  N N    . ILE A 1 23 ? -3.617  -4.778  4.015   1.00 0.35 ? 23 ILE A N    1 
ATOM 364  C CA   . ILE A 1 23 ? -2.457  -5.596  4.477   1.00 0.43 ? 23 ILE A CA   1 
ATOM 365  C C    . ILE A 1 23 ? -2.591  -5.907  5.969   1.00 0.48 ? 23 ILE A C    1 
ATOM 366  O O    . ILE A 1 23 ? -2.037  -6.867  6.464   1.00 0.56 ? 23 ILE A O    1 
ATOM 367  C CB   . ILE A 1 23 ? -1.230  -4.721  4.219   1.00 0.52 ? 23 ILE A CB   1 
ATOM 368  C CG1  . ILE A 1 23 ? 0.038   -5.531  4.498   1.00 0.62 ? 23 ILE A CG1  1 
ATOM 369  C CG2  . ILE A 1 23 ? -1.268  -3.501  5.140   1.00 0.59 ? 23 ILE A CG2  1 
ATOM 370  C CD1  . ILE A 1 23 ? 1.264   -4.628  4.344   1.00 0.76 ? 23 ILE A CD1  1 
ATOM 371  H H    . ILE A 1 23 ? -3.465  -3.970  3.483   1.00 0.42 ? 23 ILE A H    1 
ATOM 372  H HA   . ILE A 1 23 ? -2.387  -6.507  3.904   1.00 0.43 ? 23 ILE A HA   1 
ATOM 373  H HB   . ILE A 1 23 ? -1.231  -4.394  3.188   1.00 0.55 ? 23 ILE A HB   1 
ATOM 374  H HG12 . ILE A 1 23 ? 0.001   -5.922  5.505   1.00 0.86 ? 23 ILE A HG12 1 
ATOM 375  H HG13 . ILE A 1 23 ? 0.106   -6.348  3.796   1.00 0.76 ? 23 ILE A HG13 1 
ATOM 376  H HG21 . ILE A 1 23 ? -0.369  -2.920  5.005   1.00 1.21 ? 23 ILE A HG21 1 
ATOM 377  H HG22 . ILE A 1 23 ? -1.335  -3.829  6.168   1.00 1.11 ? 23 ILE A HG22 1 
ATOM 378  H HG23 . ILE A 1 23 ? -2.128  -2.895  4.899   1.00 1.19 ? 23 ILE A HG23 1 
ATOM 379  H HD11 . ILE A 1 23 ? 1.067   -3.672  4.804   1.00 1.35 ? 23 ILE A HD11 1 
ATOM 380  H HD12 . ILE A 1 23 ? 1.479   -4.487  3.296   1.00 1.11 ? 23 ILE A HD12 1 
ATOM 381  H HD13 . ILE A 1 23 ? 2.114   -5.090  4.826   1.00 1.36 ? 23 ILE A HD13 1 
ATOM 382  N N    . GLN A 1 24 ? -3.321  -5.102  6.689   1.00 0.49 ? 24 GLN A N    1 
ATOM 383  C CA   . GLN A 1 24 ? -3.490  -5.353  8.150   1.00 0.57 ? 24 GLN A CA   1 
ATOM 384  C C    . GLN A 1 24 ? -4.365  -6.589  8.376   1.00 0.53 ? 24 GLN A C    1 
ATOM 385  O O    . GLN A 1 24 ? -4.404  -7.144  9.457   1.00 0.59 ? 24 GLN A O    1 
ATOM 386  C CB   . GLN A 1 24 ? -4.182  -4.101  8.690   1.00 0.70 ? 24 GLN A CB   1 
ATOM 387  C CG   . GLN A 1 24 ? -5.557  -3.954  8.036   1.00 0.75 ? 24 GLN A CG   1 
ATOM 388  C CD   . GLN A 1 24 ? -6.601  -3.638  9.107   1.00 0.73 ? 24 GLN A CD   1 
ATOM 389  O OE1  . GLN A 1 24 ? -6.574  -4.203  10.182  1.00 1.19 ? 24 GLN A OE1  1 
ATOM 390  N NE2  . GLN A 1 24 ? -7.526  -2.752  8.859   1.00 0.76 ? 24 GLN A NE2  1 
ATOM 391  H H    . GLN A 1 24 ? -3.762  -4.332  6.270   1.00 0.48 ? 24 GLN A H    1 
ATOM 392  H HA   . GLN A 1 24 ? -2.530  -5.477  8.624   1.00 0.64 ? 24 GLN A HA   1 
ATOM 393  H HB2  . GLN A 1 24 ? -4.299  -4.189  9.761   1.00 0.76 ? 24 GLN A HB2  1 
ATOM 394  H HB3  . GLN A 1 24 ? -3.581  -3.231  8.462   1.00 0.77 ? 24 GLN A HB3  1 
ATOM 395  H HG2  . GLN A 1 24 ? -5.527  -3.151  7.313   1.00 0.97 ? 24 GLN A HG2  1 
ATOM 396  H HG3  . GLN A 1 24 ? -5.820  -4.875  7.539   1.00 0.96 ? 24 GLN A HG3  1 
ATOM 397  H HE21 . GLN A 1 24 ? -7.548  -2.297  7.992   1.00 0.95 ? 24 GLN A HE21 1 
ATOM 398  H HE22 . GLN A 1 24 ? -8.201  -2.543  9.539   1.00 0.97 ? 24 GLN A HE22 1 
ATOM 399  N N    . GLU A 1 25 ? -5.066  -7.025  7.367   1.00 0.48 ? 25 GLU A N    1 
ATOM 400  C CA   . GLU A 1 25 ? -5.937  -8.224  7.525   1.00 0.51 ? 25 GLU A CA   1 
ATOM 401  C C    . GLU A 1 25 ? -5.446  -9.359  6.622   1.00 0.45 ? 25 GLU A C    1 
ATOM 402  O O    . GLU A 1 25 ? -5.104  -10.430 7.083   1.00 0.59 ? 25 GLU A O    1 
ATOM 403  C CB   . GLU A 1 25 ? -7.330  -7.763  7.097   1.00 0.58 ? 25 GLU A CB   1 
ATOM 404  C CG   . GLU A 1 25 ? -7.941  -6.896  8.200   1.00 0.73 ? 25 GLU A CG   1 
ATOM 405  C CD   . GLU A 1 25 ? -9.426  -7.233  8.350   1.00 1.30 ? 25 GLU A CD   1 
ATOM 406  O OE1  . GLU A 1 25 ? -10.213 -6.716  7.573   1.00 1.76 ? 25 GLU A OE1  1 
ATOM 407  O OE2  . GLU A 1 25 ? -9.753  -8.001  9.240   1.00 2.06 ? 25 GLU A OE2  1 
ATOM 408  H H    . GLU A 1 25 ? -5.021  -6.563  6.504   1.00 0.47 ? 25 GLU A H    1 
ATOM 409  H HA   . GLU A 1 25 ? -5.956  -8.543  8.554   1.00 0.59 ? 25 GLU A HA   1 
ATOM 410  H HB2  . GLU A 1 25 ? -7.253  -7.188  6.188   1.00 0.57 ? 25 GLU A HB2  1 
ATOM 411  H HB3  . GLU A 1 25 ? -7.959  -8.623  6.928   1.00 0.61 ? 25 GLU A HB3  1 
ATOM 412  H HG2  . GLU A 1 25 ? -7.432  -7.087  9.133   1.00 0.95 ? 25 GLU A HG2  1 
ATOM 413  H HG3  . GLU A 1 25 ? -7.836  -5.853  7.939   1.00 0.91 ? 25 GLU A HG3  1 
ATOM 414  N N    . LYS A 1 26 ? -5.409  -9.131  5.338   1.00 0.34 ? 26 LYS A N    1 
ATOM 415  C CA   . LYS A 1 26 ? -4.939  -10.197 4.405   1.00 0.39 ? 26 LYS A CA   1 
ATOM 416  C C    . LYS A 1 26 ? -3.547  -10.687 4.817   1.00 0.35 ? 26 LYS A C    1 
ATOM 417  O O    . LYS A 1 26 ? -3.188  -11.825 4.592   1.00 0.47 ? 26 LYS A O    1 
ATOM 418  C CB   . LYS A 1 26 ? -4.887  -9.528  3.033   1.00 0.47 ? 26 LYS A CB   1 
ATOM 419  C CG   . LYS A 1 26 ? -4.317  -10.510 2.007   1.00 0.66 ? 26 LYS A CG   1 
ATOM 420  C CD   . LYS A 1 26 ? -5.455  -11.074 1.153   1.00 0.72 ? 26 LYS A CD   1 
ATOM 421  C CE   . LYS A 1 26 ? -4.894  -12.108 0.174   1.00 0.86 ? 26 LYS A CE   1 
ATOM 422  N NZ   . LYS A 1 26 ? -6.085  -12.639 -0.546  1.00 1.71 ? 26 LYS A NZ   1 
ATOM 423  H H    . LYS A 1 26 ? -5.688  -8.261  4.984   1.00 0.33 ? 26 LYS A H    1 
ATOM 424  H HA   . LYS A 1 26 ? -5.637  -11.017 4.387   1.00 0.50 ? 26 LYS A HA   1 
ATOM 425  H HB2  . LYS A 1 26 ? -5.886  -9.235  2.737   1.00 0.58 ? 26 LYS A HB2  1 
ATOM 426  H HB3  . LYS A 1 26 ? -4.254  -8.655  3.084   1.00 0.49 ? 26 LYS A HB3  1 
ATOM 427  H HG2  . LYS A 1 26 ? -3.609  -9.997  1.372   1.00 1.13 ? 26 LYS A HG2  1 
ATOM 428  H HG3  . LYS A 1 26 ? -3.819  -11.319 2.520   1.00 1.20 ? 26 LYS A HG3  1 
ATOM 429  H HD2  . LYS A 1 26 ? -6.187  -11.543 1.795   1.00 1.26 ? 26 LYS A HD2  1 
ATOM 430  H HD3  . LYS A 1 26 ? -5.921  -10.271 0.600   1.00 1.22 ? 26 LYS A HD3  1 
ATOM 431  H HE2  . LYS A 1 26 ? -4.211  -11.637 -0.518  1.00 1.29 ? 26 LYS A HE2  1 
ATOM 432  H HE3  . LYS A 1 26 ? -4.401  -12.904 0.709   1.00 1.28 ? 26 LYS A HE3  1 
ATOM 433  H HZ1  . LYS A 1 26 ? -5.778  -13.325 -1.265  1.00 2.14 ? 26 LYS A HZ1  1 
ATOM 434  H HZ2  . LYS A 1 26 ? -6.588  -11.853 -1.010  1.00 2.26 ? 26 LYS A HZ2  1 
ATOM 435  H HZ3  . LYS A 1 26 ? -6.719  -13.107 0.129   1.00 2.22 ? 26 LYS A HZ3  1 
ATOM 436  N N    . PHE A 1 27 ? -2.763  -9.835  5.420   1.00 0.33 ? 27 PHE A N    1 
ATOM 437  C CA   . PHE A 1 27 ? -1.397  -10.252 5.846   1.00 0.37 ? 27 PHE A CA   1 
ATOM 438  C C    . PHE A 1 27 ? -1.239  -10.078 7.359   1.00 0.42 ? 27 PHE A C    1 
ATOM 439  O O    . PHE A 1 27 ? -0.217  -9.628  7.838   1.00 0.46 ? 27 PHE A O    1 
ATOM 440  C CB   . PHE A 1 27 ? -0.447  -9.319  5.096   1.00 0.41 ? 27 PHE A CB   1 
ATOM 441  C CG   . PHE A 1 27 ? -0.451  -9.671  3.627   1.00 0.44 ? 27 PHE A CG   1 
ATOM 442  C CD1  . PHE A 1 27 ? 0.074   -10.896 3.200   1.00 1.20 ? 27 PHE A CD1  1 
ATOM 443  C CD2  . PHE A 1 27 ? -0.978  -8.770  2.694   1.00 1.39 ? 27 PHE A CD2  1 
ATOM 444  C CE1  . PHE A 1 27 ? 0.070   -11.221 1.838   1.00 1.22 ? 27 PHE A CE1  1 
ATOM 445  C CE2  . PHE A 1 27 ? -0.982  -9.096  1.333   1.00 1.46 ? 27 PHE A CE2  1 
ATOM 446  C CZ   . PHE A 1 27 ? -0.458  -10.321 0.904   1.00 0.65 ? 27 PHE A CZ   1 
ATOM 447  H H    . PHE A 1 27 ? -3.074  -8.921  5.592   1.00 0.39 ? 27 PHE A H    1 
ATOM 448  H HA   . PHE A 1 27 ? -1.209  -11.275 5.562   1.00 0.40 ? 27 PHE A HA   1 
ATOM 449  H HB2  . PHE A 1 27 ? -0.772  -8.296  5.223   1.00 0.44 ? 27 PHE A HB2  1 
ATOM 450  H HB3  . PHE A 1 27 ? 0.554   -9.432  5.489   1.00 0.49 ? 27 PHE A HB3  1 
ATOM 451  H HD1  . PHE A 1 27 ? 0.481   -11.591 3.920   1.00 2.09 ? 27 PHE A HD1  1 
ATOM 452  H HD2  . PHE A 1 27 ? -1.382  -7.824  3.025   1.00 2.27 ? 27 PHE A HD2  1 
ATOM 453  H HE1  . PHE A 1 27 ? 0.474   -12.167 1.508   1.00 2.09 ? 27 PHE A HE1  1 
ATOM 454  H HE2  . PHE A 1 27 ? -1.389  -8.402  0.612   1.00 2.36 ? 27 PHE A HE2  1 
ATOM 455  H HZ   . PHE A 1 27 ? -0.461  -10.574 -0.146  1.00 0.76 ? 27 PHE A HZ   1 
ATOM 456  N N    . LYS A 1 28 ? -2.243  -10.431 8.114   1.00 0.48 ? 28 LYS A N    1 
ATOM 457  C CA   . LYS A 1 28 ? -2.149  -10.287 9.596   1.00 0.56 ? 28 LYS A CA   1 
ATOM 458  C C    . LYS A 1 28 ? -0.798  -10.809 10.094  1.00 0.52 ? 28 LYS A C    1 
ATOM 459  O O    . LYS A 1 28 ? -0.199  -10.251 10.992  1.00 0.55 ? 28 LYS A O    1 
ATOM 460  C CB   . LYS A 1 28 ? -3.291  -11.137 10.150  1.00 0.73 ? 28 LYS A CB   1 
ATOM 461  C CG   . LYS A 1 28 ? -4.192  -10.272 11.033  1.00 1.06 ? 28 LYS A CG   1 
ATOM 462  C CD   . LYS A 1 28 ? -5.659  -10.592 10.735  1.00 1.88 ? 28 LYS A CD   1 
ATOM 463  C CE   . LYS A 1 28 ? -6.257  -11.379 11.903  1.00 2.32 ? 28 LYS A CE   1 
ATOM 464  N NZ   . LYS A 1 28 ? -7.702  -11.521 11.570  1.00 3.01 ? 28 LYS A NZ   1 
ATOM 465  H H    . LYS A 1 28 ? -3.058  -10.792 7.709   1.00 0.50 ? 28 LYS A H    1 
ATOM 466  H HA   . LYS A 1 28 ? -2.284  -9.256  9.884   1.00 0.62 ? 28 LYS A HA   1 
ATOM 467  H HB2  . LYS A 1 28 ? -3.869  -11.541 9.331   1.00 1.32 ? 28 LYS A HB2  1 
ATOM 468  H HB3  . LYS A 1 28 ? -2.884  -11.947 10.739  1.00 1.32 ? 28 LYS A HB3  1 
ATOM 469  H HG2  . LYS A 1 28 ? -3.982  -10.478 12.072  1.00 1.52 ? 28 LYS A HG2  1 
ATOM 470  H HG3  . LYS A 1 28 ? -4.004  -9.230  10.827  1.00 1.55 ? 28 LYS A HG3  1 
ATOM 471  H HD2  . LYS A 1 28 ? -6.207  -9.671  10.602  1.00 2.25 ? 28 LYS A HD2  1 
ATOM 472  H HD3  . LYS A 1 28 ? -5.722  -11.184 9.835   1.00 2.30 ? 28 LYS A HD3  1 
ATOM 473  H HE2  . LYS A 1 28 ? -5.789  -12.351 11.979  1.00 2.55 ? 28 LYS A HE2  1 
ATOM 474  H HE3  . LYS A 1 28 ? -6.143  -10.830 12.825  1.00 2.47 ? 28 LYS A HE3  1 
ATOM 475  H HZ1  . LYS A 1 28 ? -8.055  -10.629 11.169  1.00 3.40 ? 28 LYS A HZ1  1 
ATOM 476  H HZ2  . LYS A 1 28 ? -8.236  -11.750 12.433  1.00 3.43 ? 28 LYS A HZ2  1 
ATOM 477  H HZ3  . LYS A 1 28 ? -7.823  -12.284 10.873  1.00 3.27 ? 28 LYS A HZ3  1 
ATOM 478  N N    . ASN A 1 29 ? -0.315  -11.876 9.518   1.00 0.52 ? 29 ASN A N    1 
ATOM 479  C CA   . ASN A 1 29 ? 0.995   -12.432 9.960   1.00 0.56 ? 29 ASN A CA   1 
ATOM 480  C C    . ASN A 1 29 ? 2.104   -12.004 8.997   1.00 0.52 ? 29 ASN A C    1 
ATOM 481  O O    . ASN A 1 29 ? 2.861   -12.817 8.504   1.00 0.60 ? 29 ASN A O    1 
ATOM 482  C CB   . ASN A 1 29 ? 0.812   -13.950 9.927   1.00 0.67 ? 29 ASN A CB   1 
ATOM 483  C CG   . ASN A 1 29 ? 0.116   -14.408 11.209  1.00 0.75 ? 29 ASN A CG   1 
ATOM 484  O OD1  . ASN A 1 29 ? 0.763   -14.837 12.145  1.00 1.52 ? 29 ASN A OD1  1 
ATOM 485  N ND2  . ASN A 1 29 ? -1.184  -14.339 11.292  1.00 0.99 ? 29 ASN A ND2  1 
ATOM 486  H H    . ASN A 1 29 ? -0.815  -12.311 8.797   1.00 0.54 ? 29 ASN A H    1 
ATOM 487  H HA   . ASN A 1 29 ? 1.222   -12.111 10.964  1.00 0.59 ? 29 ASN A HA   1 
ATOM 488  H HB2  . ASN A 1 29 ? 0.207   -14.220 9.071   1.00 0.75 ? 29 ASN A HB2  1 
ATOM 489  H HB3  . ASN A 1 29 ? 1.778   -14.428 9.852   1.00 0.74 ? 29 ASN A HB3  1 
ATOM 490  H HD21 . ASN A 1 29 ? -1.705  -13.994 10.538  1.00 1.65 ? 29 ASN A HD21 1 
ATOM 491  H HD22 . ASN A 1 29 ? -1.639  -14.631 12.111  1.00 1.02 ? 29 ASN A HD22 1 
ATOM 492  N N    . GLY A 1 30 ? 2.209   -10.731 8.726   1.00 0.47 ? 30 GLY A N    1 
ATOM 493  C CA   . GLY A 1 30 ? 3.269   -10.251 7.796   1.00 0.47 ? 30 GLY A CA   1 
ATOM 494  C C    . GLY A 1 30 ? 2.900   -10.628 6.361   1.00 0.42 ? 30 GLY A C    1 
ATOM 495  O O    . GLY A 1 30 ? 1.893   -11.261 6.114   1.00 0.44 ? 30 GLY A O    1 
ATOM 496  H H    . GLY A 1 30 ? 1.589   -10.091 9.135   1.00 0.47 ? 30 GLY A H    1 
ATOM 497  H HA2  . GLY A 1 30 ? 3.360   -9.177  7.877   1.00 0.50 ? 30 GLY A HA2  1 
ATOM 498  H HA3  . GLY A 1 30 ? 4.211   -10.713 8.054   1.00 0.54 ? 30 GLY A HA3  1 
ATOM 499  N N    . MET A 1 31 ? 3.708   -10.243 5.410   1.00 0.40 ? 31 MET A N    1 
ATOM 500  C CA   . MET A 1 31 ? 3.401   -10.578 3.990   1.00 0.37 ? 31 MET A CA   1 
ATOM 501  C C    . MET A 1 31 ? 4.359   -11.661 3.483   1.00 0.38 ? 31 MET A C    1 
ATOM 502  O O    . MET A 1 31 ? 5.474   -11.782 3.948   1.00 0.53 ? 31 MET A O    1 
ATOM 503  C CB   . MET A 1 31 ? 3.610   -9.273  3.220   1.00 0.37 ? 31 MET A CB   1 
ATOM 504  C CG   . MET A 1 31 ? 2.629   -8.217  3.729   1.00 0.42 ? 31 MET A CG   1 
ATOM 505  S SD   . MET A 1 31 ? 1.952   -7.296  2.325   1.00 1.09 ? 31 MET A SD   1 
ATOM 506  C CE   . MET A 1 31 ? 3.503   -7.095  1.415   1.00 1.16 ? 31 MET A CE   1 
ATOM 507  H H    . MET A 1 31 ? 4.514   -9.732  5.630   1.00 0.43 ? 31 MET A H    1 
ATOM 508  H HA   . MET A 1 31 ? 2.378   -10.903 3.892   1.00 0.38 ? 31 MET A HA   1 
ATOM 509  H HB2  . MET A 1 31 ? 4.623   -8.926  3.370   1.00 0.39 ? 31 MET A HB2  1 
ATOM 510  H HB3  . MET A 1 31 ? 3.440   -9.443  2.167   1.00 0.39 ? 31 MET A HB3  1 
ATOM 511  H HG2  . MET A 1 31 ? 1.826   -8.701  4.264   1.00 0.68 ? 31 MET A HG2  1 
ATOM 512  H HG3  . MET A 1 31 ? 3.144   -7.537  4.391   1.00 0.67 ? 31 MET A HG3  1 
ATOM 513  H HE1  . MET A 1 31 ? 4.308   -6.914  2.115   1.00 1.77 ? 31 MET A HE1  1 
ATOM 514  H HE2  . MET A 1 31 ? 3.421   -6.260  0.741   1.00 1.61 ? 31 MET A HE2  1 
ATOM 515  H HE3  . MET A 1 31 ? 3.706   -7.995  0.849   1.00 1.75 ? 31 MET A HE3  1 
ATOM 516  N N    . LEU A 1 32 ? 3.931   -12.449 2.535   1.00 0.36 ? 32 LEU A N    1 
ATOM 517  C CA   . LEU A 1 32 ? 4.818   -13.521 2.002   1.00 0.40 ? 32 LEU A CA   1 
ATOM 518  C C    . LEU A 1 32 ? 6.096   -12.914 1.421   1.00 0.37 ? 32 LEU A C    1 
ATOM 519  O O    . LEU A 1 32 ? 6.145   -11.744 1.092   1.00 0.37 ? 32 LEU A O    1 
ATOM 520  C CB   . LEU A 1 32 ? 3.999   -14.203 0.906   1.00 0.46 ? 32 LEU A CB   1 
ATOM 521  C CG   . LEU A 1 32 ? 2.847   -14.985 1.540   1.00 0.64 ? 32 LEU A CG   1 
ATOM 522  C CD1  . LEU A 1 32 ? 1.814   -15.333 0.467   1.00 1.37 ? 32 LEU A CD1  1 
ATOM 523  C CD2  . LEU A 1 32 ? 3.389   -16.274 2.161   1.00 1.25 ? 32 LEU A CD2  1 
ATOM 524  H H    . LEU A 1 32 ? 3.028   -12.334 2.173   1.00 0.43 ? 32 LEU A H    1 
ATOM 525  H HA   . LEU A 1 32 ? 5.056   -14.232 2.777   1.00 0.45 ? 32 LEU A HA   1 
ATOM 526  H HB2  . LEU A 1 32 ? 3.600   -13.452 0.238   1.00 0.45 ? 32 LEU A HB2  1 
ATOM 527  H HB3  . LEU A 1 32 ? 4.632   -14.884 0.352   1.00 0.53 ? 32 LEU A HB3  1 
ATOM 528  H HG   . LEU A 1 32 ? 2.383   -14.382 2.305   1.00 1.08 ? 32 LEU A HG   1 
ATOM 529  H HD11 . LEU A 1 32 ? 1.626   -14.465 -0.147  1.00 1.89 ? 32 LEU A HD11 1 
ATOM 530  H HD12 . LEU A 1 32 ? 0.895   -15.645 0.942   1.00 1.87 ? 32 LEU A HD12 1 
ATOM 531  H HD13 . LEU A 1 32 ? 2.192   -16.135 -0.149  1.00 1.93 ? 32 LEU A HD13 1 
ATOM 532  H HD21 . LEU A 1 32 ? 2.590   -16.996 2.247   1.00 1.68 ? 32 LEU A HD21 1 
ATOM 533  H HD22 . LEU A 1 32 ? 3.789   -16.061 3.142   1.00 1.79 ? 32 LEU A HD22 1 
ATOM 534  H HD23 . LEU A 1 32 ? 4.170   -16.676 1.534   1.00 1.86 ? 32 LEU A HD23 1 
ATOM 535  N N    . HIS A 1 33 ? 7.133   -13.697 1.292   1.00 0.39 ? 33 HIS A N    1 
ATOM 536  C CA   . HIS A 1 33 ? 8.408   -13.161 0.732   1.00 0.38 ? 33 HIS A CA   1 
ATOM 537  C C    . HIS A 1 33 ? 8.269   -12.926 -0.774  1.00 0.38 ? 33 HIS A C    1 
ATOM 538  O O    . HIS A 1 33 ? 7.839   -13.792 -1.510  1.00 0.43 ? 33 HIS A O    1 
ATOM 539  C CB   . HIS A 1 33 ? 9.447   -14.246 1.014   1.00 0.45 ? 33 HIS A CB   1 
ATOM 540  C CG   . HIS A 1 33 ? 10.681  -13.986 0.195   1.00 0.52 ? 33 HIS A CG   1 
ATOM 541  N ND1  . HIS A 1 33 ? 11.383  -12.792 0.271   1.00 0.68 ? 33 HIS A ND1  1 
ATOM 542  C CD2  . HIS A 1 33 ? 11.351  -14.755 -0.725  1.00 1.03 ? 33 HIS A CD2  1 
ATOM 543  C CE1  . HIS A 1 33 ? 12.422  -12.878 -0.579  1.00 0.64 ? 33 HIS A CE1  1 
ATOM 544  N NE2  . HIS A 1 33 ? 12.450  -14.054 -1.211  1.00 0.96 ? 33 HIS A NE2  1 
ATOM 545  H H    . HIS A 1 33 ? 7.072   -14.636 1.564   1.00 0.45 ? 33 HIS A H    1 
ATOM 546  H HA   . HIS A 1 33 ? 8.685   -12.249 1.233   1.00 0.36 ? 33 HIS A HA   1 
ATOM 547  H HB2  . HIS A 1 33 ? 9.705   -14.233 2.064   1.00 0.51 ? 33 HIS A HB2  1 
ATOM 548  H HB3  . HIS A 1 33 ? 9.040   -15.211 0.753   1.00 0.50 ? 33 HIS A HB3  1 
ATOM 549  H HD1  . HIS A 1 33 ? 11.161  -12.026 0.839   1.00 1.13 ? 33 HIS A HD1  1 
ATOM 550  H HD2  . HIS A 1 33 ? 11.068  -15.754 -1.024  1.00 1.57 ? 33 HIS A HD2  1 
ATOM 551  H HE1  . HIS A 1 33 ? 13.146  -12.091 -0.731  1.00 0.83 ? 33 HIS A HE1  1 
ATOM 552  N N    . GLY A 1 34 ? 8.636   -11.762 -1.240  1.00 0.36 ? 34 GLY A N    1 
ATOM 553  C CA   . GLY A 1 34 ? 8.529   -11.475 -2.699  1.00 0.39 ? 34 GLY A CA   1 
ATOM 554  C C    . GLY A 1 34 ? 7.116   -10.990 -3.035  1.00 0.37 ? 34 GLY A C    1 
ATOM 555  O O    . GLY A 1 34 ? 6.881   -10.421 -4.082  1.00 0.50 ? 34 GLY A O    1 
ATOM 556  H H    . GLY A 1 34 ? 8.985   -11.080 -0.628  1.00 0.37 ? 34 GLY A H    1 
ATOM 557  H HA2  . GLY A 1 34 ? 9.246   -10.710 -2.965  1.00 0.40 ? 34 GLY A HA2  1 
ATOM 558  H HA3  . GLY A 1 34 ? 8.739   -12.374 -3.258  1.00 0.44 ? 34 GLY A HA3  1 
ATOM 559  N N    . ASP A 1 35 ? 6.172   -11.211 -2.161  1.00 0.31 ? 35 ASP A N    1 
ATOM 560  C CA   . ASP A 1 35 ? 4.777   -10.762 -2.438  1.00 0.31 ? 35 ASP A CA   1 
ATOM 561  C C    . ASP A 1 35 ? 4.783   -9.355  -3.043  1.00 0.29 ? 35 ASP A C    1 
ATOM 562  O O    . ASP A 1 35 ? 5.347   -8.434  -2.490  1.00 0.47 ? 35 ASP A O    1 
ATOM 563  C CB   . ASP A 1 35 ? 4.084   -10.758 -1.076  1.00 0.33 ? 35 ASP A CB   1 
ATOM 564  C CG   . ASP A 1 35 ? 2.593   -11.049 -1.259  1.00 0.88 ? 35 ASP A CG   1 
ATOM 565  O OD1  . ASP A 1 35 ? 2.278   -12.009 -1.942  1.00 1.48 ? 35 ASP A OD1  1 
ATOM 566  O OD2  . ASP A 1 35 ? 1.793   -10.308 -0.713  1.00 1.63 ? 35 ASP A OD2  1 
ATOM 567  H H    . ASP A 1 35 ? 6.380   -11.673 -1.322  1.00 0.37 ? 35 ASP A H    1 
ATOM 568  H HA   . ASP A 1 35 ? 4.283   -11.456 -3.100  1.00 0.35 ? 35 ASP A HA   1 
ATOM 569  H HB2  . ASP A 1 35 ? 4.525   -11.517 -0.445  1.00 0.74 ? 35 ASP A HB2  1 
ATOM 570  H HB3  . ASP A 1 35 ? 4.204   -9.790  -0.612  1.00 0.59 ? 35 ASP A HB3  1 
ATOM 571  N N    . LYS A 1 36 ? 4.155   -9.182  -4.174  1.00 0.26 ? 36 LYS A N    1 
ATOM 572  C CA   . LYS A 1 36 ? 4.127   -7.833  -4.810  1.00 0.24 ? 36 LYS A CA   1 
ATOM 573  C C    . LYS A 1 36 ? 2.796   -7.136  -4.515  1.00 0.24 ? 36 LYS A C    1 
ATOM 574  O O    . LYS A 1 36 ? 1.735   -7.697  -4.706  1.00 0.29 ? 36 LYS A O    1 
ATOM 575  C CB   . LYS A 1 36 ? 4.274   -8.097  -6.309  1.00 0.29 ? 36 LYS A CB   1 
ATOM 576  C CG   . LYS A 1 36 ? 5.759   -8.167  -6.672  1.00 0.44 ? 36 LYS A CG   1 
ATOM 577  C CD   . LYS A 1 36 ? 6.027   -7.290  -7.897  1.00 0.43 ? 36 LYS A CD   1 
ATOM 578  C CE   . LYS A 1 36 ? 6.875   -8.068  -8.906  1.00 1.26 ? 36 LYS A CE   1 
ATOM 579  N NZ   . LYS A 1 36 ? 6.796   -7.277  -10.165 1.00 1.66 ? 36 LYS A NZ   1 
ATOM 580  H H    . LYS A 1 36 ? 3.705   -9.936  -4.606  1.00 0.41 ? 36 LYS A H    1 
ATOM 581  H HA   . LYS A 1 36 ? 4.952   -7.233  -4.459  1.00 0.23 ? 36 LYS A HA   1 
ATOM 582  H HB2  . LYS A 1 36 ? 3.798   -9.034  -6.556  1.00 0.36 ? 36 LYS A HB2  1 
ATOM 583  H HB3  . LYS A 1 36 ? 3.807   -7.298  -6.864  1.00 0.32 ? 36 LYS A HB3  1 
ATOM 584  H HG2  . LYS A 1 36 ? 6.351   -7.813  -5.839  1.00 0.67 ? 36 LYS A HG2  1 
ATOM 585  H HG3  . LYS A 1 36 ? 6.028   -9.187  -6.896  1.00 0.70 ? 36 LYS A HG3  1 
ATOM 586  H HD2  . LYS A 1 36 ? 5.087   -7.013  -8.353  1.00 0.89 ? 36 LYS A HD2  1 
ATOM 587  H HD3  . LYS A 1 36 ? 6.557   -6.400  -7.594  1.00 0.99 ? 36 LYS A HD3  1 
ATOM 588  H HE2  . LYS A 1 36 ? 7.898   -8.134  -8.562  1.00 1.89 ? 36 LYS A HE2  1 
ATOM 589  H HE3  . LYS A 1 36 ? 6.464   -9.053  -9.062  1.00 1.79 ? 36 LYS A HE3  1 
ATOM 590  H HZ1  . LYS A 1 36 ? 7.308   -7.773  -10.920 1.00 2.01 ? 36 LYS A HZ1  1 
ATOM 591  H HZ2  . LYS A 1 36 ? 7.224   -6.339  -10.012 1.00 2.21 ? 36 LYS A HZ2  1 
ATOM 592  H HZ3  . LYS A 1 36 ? 5.800   -7.162  -10.441 1.00 2.00 ? 36 LYS A HZ3  1 
ATOM 593  N N    . VAL A 1 37 ? 2.843   -5.915  -4.055  1.00 0.21 ? 37 VAL A N    1 
ATOM 594  C CA   . VAL A 1 37 ? 1.579   -5.184  -3.751  1.00 0.23 ? 37 VAL A CA   1 
ATOM 595  C C    . VAL A 1 37 ? 1.697   -3.720  -4.186  1.00 0.20 ? 37 VAL A C    1 
ATOM 596  O O    . VAL A 1 37 ? 2.726   -3.096  -4.025  1.00 0.22 ? 37 VAL A O    1 
ATOM 597  C CB   . VAL A 1 37 ? 1.421   -5.281  -2.233  1.00 0.28 ? 37 VAL A CB   1 
ATOM 598  C CG1  . VAL A 1 37 ? 1.350   -6.751  -1.819  1.00 0.82 ? 37 VAL A CG1  1 
ATOM 599  C CG2  . VAL A 1 37 ? 2.623   -4.617  -1.553  1.00 0.92 ? 37 VAL A CG2  1 
ATOM 600  H H    . VAL A 1 37 ? 3.709   -5.479  -3.910  1.00 0.19 ? 37 VAL A H    1 
ATOM 601  H HA   . VAL A 1 37 ? 0.742   -5.657  -4.238  1.00 0.26 ? 37 VAL A HA   1 
ATOM 602  H HB   . VAL A 1 37 ? 0.513   -4.778  -1.933  1.00 0.73 ? 37 VAL A HB   1 
ATOM 603  H HG11 . VAL A 1 37 ? 0.617   -7.261  -2.427  1.00 1.40 ? 37 VAL A HG11 1 
ATOM 604  H HG12 . VAL A 1 37 ? 1.066   -6.820  -0.779  1.00 1.30 ? 37 VAL A HG12 1 
ATOM 605  H HG13 . VAL A 1 37 ? 2.317   -7.211  -1.958  1.00 1.39 ? 37 VAL A HG13 1 
ATOM 606  H HG21 . VAL A 1 37 ? 3.503   -4.758  -2.163  1.00 1.48 ? 37 VAL A HG21 1 
ATOM 607  H HG22 . VAL A 1 37 ? 2.781   -5.068  -0.585  1.00 1.56 ? 37 VAL A HG22 1 
ATOM 608  H HG23 . VAL A 1 37 ? 2.431   -3.562  -1.434  1.00 1.41 ? 37 VAL A HG23 1 
ATOM 609  N N    . SER A 1 38 ? 0.650   -3.169  -4.738  1.00 0.20 ? 38 SER A N    1 
ATOM 610  C CA   . SER A 1 38 ? 0.705   -1.746  -5.184  1.00 0.20 ? 38 SER A CA   1 
ATOM 611  C C    . SER A 1 38 ? 0.038   -0.838  -4.147  1.00 0.19 ? 38 SER A C    1 
ATOM 612  O O    . SER A 1 38 ? -0.976  -1.179  -3.570  1.00 0.23 ? 38 SER A O    1 
ATOM 613  C CB   . SER A 1 38 ? -0.070  -1.715  -6.499  1.00 0.23 ? 38 SER A CB   1 
ATOM 614  O OG   . SER A 1 38 ? -0.060  -3.012  -7.082  1.00 0.29 ? 38 SER A OG   1 
ATOM 615  H H    . SER A 1 38 ? -0.171  -3.689  -4.859  1.00 0.24 ? 38 SER A H    1 
ATOM 616  H HA   . SER A 1 38 ? 1.726   -1.445  -5.353  1.00 0.21 ? 38 SER A HA   1 
ATOM 617  H HB2  . SER A 1 38 ? -1.091  -1.419  -6.311  1.00 0.23 ? 38 SER A HB2  1 
ATOM 618  H HB3  . SER A 1 38 ? 0.391   -1.003  -7.173  1.00 0.25 ? 38 SER A HB3  1 
ATOM 619  H HG   . SER A 1 38 ? -0.570  -2.975  -7.895  1.00 0.83 ? 38 SER A HG   1 
ATOM 620  N N    . PHE A 1 39 ? 0.597   0.317   -3.910  1.00 0.19 ? 39 PHE A N    1 
ATOM 621  C CA   . PHE A 1 39 ? -0.008  1.247   -2.912  1.00 0.21 ? 39 PHE A CA   1 
ATOM 622  C C    . PHE A 1 39 ? -0.820  2.329   -3.630  1.00 0.20 ? 39 PHE A C    1 
ATOM 623  O O    . PHE A 1 39 ? -0.420  2.838   -4.658  1.00 0.23 ? 39 PHE A O    1 
ATOM 624  C CB   . PHE A 1 39 ? 1.180   1.868   -2.177  1.00 0.25 ? 39 PHE A CB   1 
ATOM 625  C CG   . PHE A 1 39 ? 1.687   0.901   -1.132  1.00 0.26 ? 39 PHE A CG   1 
ATOM 626  C CD1  . PHE A 1 39 ? 2.582   -0.113  -1.494  1.00 1.20 ? 39 PHE A CD1  1 
ATOM 627  C CD2  . PHE A 1 39 ? 1.260   1.018   0.196   1.00 1.24 ? 39 PHE A CD2  1 
ATOM 628  C CE1  . PHE A 1 39 ? 3.051   -1.010  -0.527  1.00 1.21 ? 39 PHE A CE1  1 
ATOM 629  C CE2  . PHE A 1 39 ? 1.730   0.121   1.163   1.00 1.24 ? 39 PHE A CE2  1 
ATOM 630  C CZ   . PHE A 1 39 ? 2.626   -0.893  0.801   1.00 0.31 ? 39 PHE A CZ   1 
ATOM 631  H H    . PHE A 1 39 ? 1.413   0.573   -4.388  1.00 0.20 ? 39 PHE A H    1 
ATOM 632  H HA   . PHE A 1 39 ? -0.630  0.705   -2.218  1.00 0.23 ? 39 PHE A HA   1 
ATOM 633  H HB2  . PHE A 1 39 ? 1.969   2.081   -2.884  1.00 0.26 ? 39 PHE A HB2  1 
ATOM 634  H HB3  . PHE A 1 39 ? 0.868   2.784   -1.695  1.00 0.29 ? 39 PHE A HB3  1 
ATOM 635  H HD1  . PHE A 1 39 ? 2.910   -0.203  -2.519  1.00 2.10 ? 39 PHE A HD1  1 
ATOM 636  H HD2  . PHE A 1 39 ? 0.571   1.800   0.475   1.00 2.14 ? 39 PHE A HD2  1 
ATOM 637  H HE1  . PHE A 1 39 ? 3.742   -1.792  -0.806  1.00 2.11 ? 39 PHE A HE1  1 
ATOM 638  H HE2  . PHE A 1 39 ? 1.401   0.211   2.187   1.00 2.14 ? 39 PHE A HE2  1 
ATOM 639  H HZ   . PHE A 1 39 ? 2.988   -1.584  1.547   1.00 0.34 ? 39 PHE A HZ   1 
ATOM 640  N N    . PHE A 1 40 ? -1.960  2.680   -3.104  1.00 0.21 ? 40 PHE A N    1 
ATOM 641  C CA   . PHE A 1 40 ? -2.792  3.723   -3.769  1.00 0.19 ? 40 PHE A CA   1 
ATOM 642  C C    . PHE A 1 40 ? -2.263  5.122   -3.442  1.00 0.20 ? 40 PHE A C    1 
ATOM 643  O O    . PHE A 1 40 ? -2.078  5.476   -2.294  1.00 0.26 ? 40 PHE A O    1 
ATOM 644  C CB   . PHE A 1 40 ? -4.198  3.536   -3.196  1.00 0.22 ? 40 PHE A CB   1 
ATOM 645  C CG   . PHE A 1 40 ? -4.952  2.533   -4.035  1.00 0.27 ? 40 PHE A CG   1 
ATOM 646  C CD1  . PHE A 1 40 ? -5.497  2.918   -5.266  1.00 1.24 ? 40 PHE A CD1  1 
ATOM 647  C CD2  . PHE A 1 40 ? -5.109  1.217   -3.581  1.00 1.23 ? 40 PHE A CD2  1 
ATOM 648  C CE1  . PHE A 1 40 ? -6.198  1.989   -6.043  1.00 1.25 ? 40 PHE A CE1  1 
ATOM 649  C CE2  . PHE A 1 40 ? -5.809  0.288   -4.359  1.00 1.27 ? 40 PHE A CE2  1 
ATOM 650  C CZ   . PHE A 1 40 ? -6.354  0.673   -5.591  1.00 0.45 ? 40 PHE A CZ   1 
ATOM 651  H H    . PHE A 1 40 ? -2.271  2.258   -2.276  1.00 0.25 ? 40 PHE A H    1 
ATOM 652  H HA   . PHE A 1 40 ? -2.808  3.567   -4.836  1.00 0.19 ? 40 PHE A HA   1 
ATOM 653  H HB2  . PHE A 1 40 ? -4.126  3.175   -2.178  1.00 0.27 ? 40 PHE A HB2  1 
ATOM 654  H HB3  . PHE A 1 40 ? -4.722  4.483   -3.209  1.00 0.23 ? 40 PHE A HB3  1 
ATOM 655  H HD1  . PHE A 1 40 ? -5.376  3.934   -5.614  1.00 2.15 ? 40 PHE A HD1  1 
ATOM 656  H HD2  . PHE A 1 40 ? -4.689  0.920   -2.632  1.00 2.12 ? 40 PHE A HD2  1 
ATOM 657  H HE1  . PHE A 1 40 ? -6.617  2.287   -6.992  1.00 2.15 ? 40 PHE A HE1  1 
ATOM 658  H HE2  . PHE A 1 40 ? -5.930  -0.727  -4.010  1.00 2.18 ? 40 PHE A HE2  1 
ATOM 659  H HZ   . PHE A 1 40 ? -6.894  -0.044  -6.191  1.00 0.53 ? 40 PHE A HZ   1 
ATOM 660  N N    . CYS A 1 41 ? -2.026  5.923   -4.445  1.00 0.19 ? 41 CYS A N    1 
ATOM 661  C CA   . CYS A 1 41 ? -1.515  7.302   -4.197  1.00 0.22 ? 41 CYS A CA   1 
ATOM 662  C C    . CYS A 1 41 ? -2.300  8.310   -5.042  1.00 0.22 ? 41 CYS A C    1 
ATOM 663  O O    . CYS A 1 41 ? -3.177  7.947   -5.800  1.00 0.35 ? 41 CYS A O    1 
ATOM 664  C CB   . CYS A 1 41 ? -0.049  7.266   -4.630  1.00 0.28 ? 41 CYS A CB   1 
ATOM 665  S SG   . CYS A 1 41 ? 1.011   7.594   -3.199  1.00 0.87 ? 41 CYS A SG   1 
ATOM 666  H H    . CYS A 1 41 ? -2.187  5.619   -5.362  1.00 0.21 ? 41 CYS A H    1 
ATOM 667  H HA   . CYS A 1 41 ? -1.586  7.549   -3.150  1.00 0.24 ? 41 CYS A HA   1 
ATOM 668  H HB2  . CYS A 1 41 ? 0.183   6.291   -5.034  1.00 0.46 ? 41 CYS A HB2  1 
ATOM 669  H HB3  . CYS A 1 41 ? 0.122   8.022   -5.385  1.00 0.59 ? 41 CYS A HB3  1 
ATOM 670  N N    . LYS A 1 42 ? -1.995  9.573   -4.918  1.00 0.27 ? 42 LYS A N    1 
ATOM 671  C CA   . LYS A 1 42 ? -2.729  10.597  -5.716  1.00 0.26 ? 42 LYS A CA   1 
ATOM 672  C C    . LYS A 1 42 ? -1.757  11.394  -6.587  1.00 0.33 ? 42 LYS A C    1 
ATOM 673  O O    . LYS A 1 42 ? -0.598  11.551  -6.261  1.00 0.43 ? 42 LYS A O    1 
ATOM 674  C CB   . LYS A 1 42 ? -3.392  11.510  -4.684  1.00 0.33 ? 42 LYS A CB   1 
ATOM 675  C CG   . LYS A 1 42 ? -2.321  12.123  -3.779  1.00 0.48 ? 42 LYS A CG   1 
ATOM 676  C CD   . LYS A 1 42 ? -2.664  11.836  -2.317  1.00 0.95 ? 42 LYS A CD   1 
ATOM 677  C CE   . LYS A 1 42 ? -4.006  12.484  -1.972  1.00 0.78 ? 42 LYS A CE   1 
ATOM 678  N NZ   . LYS A 1 42 ? -3.767  13.208  -0.692  1.00 1.32 ? 42 LYS A NZ   1 
ATOM 679  H H    . LYS A 1 42 ? -1.285  9.847   -4.300  1.00 0.40 ? 42 LYS A H    1 
ATOM 680  H HA   . LYS A 1 42 ? -3.483  10.129  -6.329  1.00 0.25 ? 42 LYS A HA   1 
ATOM 681  H HB2  . LYS A 1 42 ? -3.927  12.300  -5.195  1.00 0.35 ? 42 LYS A HB2  1 
ATOM 682  H HB3  . LYS A 1 42 ? -4.080  10.934  -4.087  1.00 0.37 ? 42 LYS A HB3  1 
ATOM 683  H HG2  . LYS A 1 42 ? -1.359  11.692  -4.016  1.00 0.93 ? 42 LYS A HG2  1 
ATOM 684  H HG3  . LYS A 1 42 ? -2.285  13.190  -3.936  1.00 0.78 ? 42 LYS A HG3  1 
ATOM 685  H HD2  . LYS A 1 42 ? -2.728  10.769  -2.164  1.00 1.68 ? 42 LYS A HD2  1 
ATOM 686  H HD3  . LYS A 1 42 ? -1.894  12.247  -1.679  1.00 1.75 ? 42 LYS A HD3  1 
ATOM 687  H HE2  . LYS A 1 42 ? -4.300  13.175  -2.749  1.00 1.19 ? 42 LYS A HE2  1 
ATOM 688  H HE3  . LYS A 1 42 ? -4.764  11.728  -1.831  1.00 1.05 ? 42 LYS A HE3  1 
ATOM 689  H HZ1  . LYS A 1 42 ? -4.667  13.327  -0.186  1.00 1.70 ? 42 LYS A HZ1  1 
ATOM 690  H HZ2  . LYS A 1 42 ? -3.355  14.143  -0.896  1.00 1.81 ? 42 LYS A HZ2  1 
ATOM 691  H HZ3  . LYS A 1 42 ? -3.109  12.660  -0.101  1.00 1.81 ? 42 LYS A HZ3  1 
ATOM 692  N N    . ASN A 1 43 ? -2.228  11.898  -7.692  1.00 0.35 ? 43 ASN A N    1 
ATOM 693  C CA   . ASN A 1 43 ? -1.342  12.687  -8.594  1.00 0.48 ? 43 ASN A CA   1 
ATOM 694  C C    . ASN A 1 43 ? -1.817  14.142  -8.656  1.00 0.56 ? 43 ASN A C    1 
ATOM 695  O O    . ASN A 1 43 ? -2.981  14.416  -8.865  1.00 0.63 ? 43 ASN A O    1 
ATOM 696  C CB   . ASN A 1 43 ? -1.479  12.021  -9.963  1.00 0.51 ? 43 ASN A CB   1 
ATOM 697  C CG   . ASN A 1 43 ? -0.174  12.188  -10.744 1.00 0.65 ? 43 ASN A CG   1 
ATOM 698  O OD1  . ASN A 1 43 ? 0.585   13.103  -10.494 1.00 1.35 ? 43 ASN A OD1  1 
ATOM 699  N ND2  . ASN A 1 43 ? 0.122   11.334  -11.686 1.00 1.10 ? 43 ASN A ND2  1 
ATOM 700  H H    . ASN A 1 43 ? -3.168  11.754  -7.930  1.00 0.33 ? 43 ASN A H    1 
ATOM 701  H HA   . ASN A 1 43 ? -0.318  12.636  -8.259  1.00 0.52 ? 43 ASN A HA   1 
ATOM 702  H HB2  . ASN A 1 43 ? -1.692  10.969  -9.833  1.00 0.48 ? 43 ASN A HB2  1 
ATOM 703  H HB3  . ASN A 1 43 ? -2.285  12.489  -10.511 1.00 0.56 ? 43 ASN A HB3  1 
ATOM 704  H HD21 . ASN A 1 43 ? -0.490  10.595  -11.887 1.00 1.77 ? 43 ASN A HD21 1 
ATOM 705  H HD22 . ASN A 1 43 ? 0.957   11.431  -12.190 1.00 1.13 ? 43 ASN A HD22 1 
ATOM 706  N N    . LYS A 1 44 ? -0.924  15.077  -8.475  1.00 0.67 ? 44 LYS A N    1 
ATOM 707  C CA   . LYS A 1 44 ? -1.328  16.511  -8.525  1.00 0.76 ? 44 LYS A CA   1 
ATOM 708  C C    . LYS A 1 44 ? -1.267  17.029  -9.965  1.00 0.81 ? 44 LYS A C    1 
ATOM 709  O O    . LYS A 1 44 ? -2.100  17.805  -10.391 1.00 0.94 ? 44 LYS A O    1 
ATOM 710  C CB   . LYS A 1 44 ? -0.311  17.242  -7.648  1.00 0.87 ? 44 LYS A CB   1 
ATOM 711  C CG   . LYS A 1 44 ? -1.044  18.200  -6.707  1.00 1.52 ? 44 LYS A CG   1 
ATOM 712  C CD   . LYS A 1 44 ? -0.085  18.678  -5.614  1.00 1.81 ? 44 LYS A CD   1 
ATOM 713  C CE   . LYS A 1 44 ? -0.882  19.038  -4.357  1.00 2.50 ? 44 LYS A CE   1 
ATOM 714  N NZ   . LYS A 1 44 ? 0.003   19.962  -3.595  1.00 3.09 ? 44 LYS A NZ   1 
ATOM 715  H H    . LYS A 1 44 ? 0.011   14.837  -8.308  1.00 0.75 ? 44 LYS A H    1 
ATOM 716  H HA   . LYS A 1 44 ? -2.322  16.637  -8.121  1.00 0.74 ? 44 LYS A HA   1 
ATOM 717  H HB2  . LYS A 1 44 ? 0.247   16.522  -7.067  1.00 1.24 ? 44 LYS A HB2  1 
ATOM 718  H HB3  . LYS A 1 44 ? 0.366   17.802  -8.273  1.00 0.98 ? 44 LYS A HB3  1 
ATOM 719  H HG2  . LYS A 1 44 ? -1.404  19.050  -7.269  1.00 1.99 ? 44 LYS A HG2  1 
ATOM 720  H HG3  . LYS A 1 44 ? -1.879  17.690  -6.252  1.00 2.17 ? 44 LYS A HG3  1 
ATOM 721  H HD2  . LYS A 1 44 ? 0.618   17.891  -5.384  1.00 2.08 ? 44 LYS A HD2  1 
ATOM 722  H HD3  . LYS A 1 44 ? 0.450   19.549  -5.962  1.00 2.10 ? 44 LYS A HD3  1 
ATOM 723  H HE2  . LYS A 1 44 ? -1.804  19.533  -4.628  1.00 2.87 ? 44 LYS A HE2  1 
ATOM 724  H HE3  . LYS A 1 44 ? -1.084  18.155  -3.775  1.00 2.87 ? 44 LYS A HE3  1 
ATOM 725  H HZ1  . LYS A 1 44 ? 0.996   19.746  -3.807  1.00 3.37 ? 44 LYS A HZ1  1 
ATOM 726  H HZ2  . LYS A 1 44 ? -0.171  19.844  -2.575  1.00 3.56 ? 44 LYS A HZ2  1 
ATOM 727  H HZ3  . LYS A 1 44 ? -0.202  20.944  -3.870  1.00 3.37 ? 44 LYS A HZ3  1 
ATOM 728  N N    . GLU A 1 45 ? -0.286  16.607  -10.716 1.00 0.76 ? 45 GLU A N    1 
ATOM 729  C CA   . GLU A 1 45 ? -0.176  17.075  -12.128 1.00 0.83 ? 45 GLU A CA   1 
ATOM 730  C C    . GLU A 1 45 ? -1.248  16.407  -12.992 1.00 0.79 ? 45 GLU A C    1 
ATOM 731  O O    . GLU A 1 45 ? -1.578  16.877  -14.062 1.00 0.97 ? 45 GLU A O    1 
ATOM 732  C CB   . GLU A 1 45 ? 1.222   16.651  -12.579 1.00 0.89 ? 45 GLU A CB   1 
ATOM 733  C CG   . GLU A 1 45 ? 1.946   17.850  -13.192 1.00 1.48 ? 45 GLU A CG   1 
ATOM 734  C CD   . GLU A 1 45 ? 3.298   17.400  -13.750 1.00 1.54 ? 45 GLU A CD   1 
ATOM 735  O OE1  . GLU A 1 45 ? 3.690   16.280  -13.469 1.00 2.13 ? 45 GLU A OE1  1 
ATOM 736  O OE2  . GLU A 1 45 ? 3.917   18.183  -14.451 1.00 1.96 ? 45 GLU A OE2  1 
ATOM 737  H H    . GLU A 1 45 ? 0.374   15.982  -10.354 1.00 0.74 ? 45 GLU A H    1 
ATOM 738  H HA   . GLU A 1 45 ? -0.268  18.149  -12.176 1.00 0.89 ? 45 GLU A HA   1 
ATOM 739  H HB2  . GLU A 1 45 ? 1.780   16.288  -11.727 1.00 1.14 ? 45 GLU A HB2  1 
ATOM 740  H HB3  . GLU A 1 45 ? 1.139   15.866  -13.316 1.00 0.97 ? 45 GLU A HB3  1 
ATOM 741  H HG2  . GLU A 1 45 ? 1.347   18.264  -13.989 1.00 2.13 ? 45 GLU A HG2  1 
ATOM 742  H HG3  . GLU A 1 45 ? 2.106   18.601  -12.433 1.00 2.05 ? 45 GLU A HG3  1 
ATOM 743  N N    . LYS A 1 46 ? -1.794  15.314  -12.536 1.00 0.66 ? 46 LYS A N    1 
ATOM 744  C CA   . LYS A 1 46 ? -2.846  14.617  -13.333 1.00 0.65 ? 46 LYS A CA   1 
ATOM 745  C C    . LYS A 1 46 ? -4.210  14.768  -12.652 1.00 0.60 ? 46 LYS A C    1 
ATOM 746  O O    . LYS A 1 46 ? -5.241  14.608  -13.271 1.00 0.63 ? 46 LYS A O    1 
ATOM 747  C CB   . LYS A 1 46 ? -2.417  13.152  -13.360 1.00 0.64 ? 46 LYS A CB   1 
ATOM 748  C CG   . LYS A 1 46 ? -1.018  13.041  -13.969 1.00 0.83 ? 46 LYS A CG   1 
ATOM 749  C CD   . LYS A 1 46 ? -0.968  11.841  -14.917 1.00 1.12 ? 46 LYS A CD   1 
ATOM 750  C CE   . LYS A 1 46 ? 0.105   12.077  -15.983 1.00 1.69 ? 46 LYS A CE   1 
ATOM 751  N NZ   . LYS A 1 46 ? -0.137  11.026  -17.009 1.00 2.21 ? 46 LYS A NZ   1 
ATOM 752  H H    . LYS A 1 46 ? -1.515  14.951  -11.670 1.00 0.65 ? 46 LYS A H    1 
ATOM 753  H HA   . LYS A 1 46 ? -2.880  15.009  -14.335 1.00 0.75 ? 46 LYS A HA   1 
ATOM 754  H HB2  . LYS A 1 46 ? -2.404  12.763  -12.352 1.00 0.56 ? 46 LYS A HB2  1 
ATOM 755  H HB3  . LYS A 1 46 ? -3.114  12.583  -13.959 1.00 0.70 ? 46 LYS A HB3  1 
ATOM 756  H HG2  . LYS A 1 46 ? -0.792  13.945  -14.517 1.00 1.23 ? 46 LYS A HG2  1 
ATOM 757  H HG3  . LYS A 1 46 ? -0.292  12.905  -13.182 1.00 1.16 ? 46 LYS A HG3  1 
ATOM 758  H HD2  . LYS A 1 46 ? -0.729  10.949  -14.356 1.00 1.58 ? 46 LYS A HD2  1 
ATOM 759  H HD3  . LYS A 1 46 ? -1.928  11.720  -15.396 1.00 1.56 ? 46 LYS A HD3  1 
ATOM 760  H HE2  . LYS A 1 46 ? -0.007  13.062  -16.415 1.00 2.22 ? 46 LYS A HE2  1 
ATOM 761  H HE3  . LYS A 1 46 ? 1.090   11.961  -15.559 1.00 2.10 ? 46 LYS A HE3  1 
ATOM 762  H HZ1  . LYS A 1 46 ? -0.616  10.216  -16.571 1.00 2.43 ? 46 LYS A HZ1  1 
ATOM 763  H HZ2  . LYS A 1 46 ? 0.775   10.717  -17.408 1.00 2.69 ? 46 LYS A HZ2  1 
ATOM 764  H HZ3  . LYS A 1 46 ? -0.734  11.412  -17.767 1.00 2.67 ? 46 LYS A HZ3  1 
ATOM 765  N N    . LYS A 1 47 ? -4.217  15.080  -11.384 1.00 0.57 ? 47 LYS A N    1 
ATOM 766  C CA   . LYS A 1 47 ? -5.509  15.250  -10.652 1.00 0.58 ? 47 LYS A CA   1 
ATOM 767  C C    . LYS A 1 47 ? -6.217  13.902  -10.481 1.00 0.50 ? 47 LYS A C    1 
ATOM 768  O O    . LYS A 1 47 ? -7.428  13.830  -10.440 1.00 0.56 ? 47 LYS A O    1 
ATOM 769  C CB   . LYS A 1 47 ? -6.353  16.183  -11.522 1.00 0.71 ? 47 LYS A CB   1 
ATOM 770  C CG   . LYS A 1 47 ? -5.474  17.297  -12.097 1.00 0.88 ? 47 LYS A CG   1 
ATOM 771  C CD   . LYS A 1 47 ? -6.265  18.608  -12.121 1.00 1.22 ? 47 LYS A CD   1 
ATOM 772  C CE   . LYS A 1 47 ? -5.321  19.779  -11.840 1.00 1.84 ? 47 LYS A CE   1 
ATOM 773  N NZ   . LYS A 1 47 ? -6.217  20.919  -11.498 1.00 2.26 ? 47 LYS A NZ   1 
ATOM 774  H H    . LYS A 1 47 ? -3.370  15.207  -10.909 1.00 0.57 ? 47 LYS A H    1 
ATOM 775  H HA   . LYS A 1 47 ? -5.336  15.705  -9.691  1.00 0.61 ? 47 LYS A HA   1 
ATOM 776  H HB2  . LYS A 1 47 ? -6.794  15.616  -12.329 1.00 0.75 ? 47 LYS A HB2  1 
ATOM 777  H HB3  . LYS A 1 47 ? -7.136  16.621  -10.920 1.00 0.72 ? 47 LYS A HB3  1 
ATOM 778  H HG2  . LYS A 1 47 ? -4.596  17.417  -11.479 1.00 1.08 ? 47 LYS A HG2  1 
ATOM 779  H HG3  . LYS A 1 47 ? -5.178  17.040  -13.102 1.00 1.10 ? 47 LYS A HG3  1 
ATOM 780  H HD2  . LYS A 1 47 ? -6.720  18.735  -13.093 1.00 1.82 ? 47 LYS A HD2  1 
ATOM 781  H HD3  . LYS A 1 47 ? -7.034  18.577  -11.364 1.00 1.46 ? 47 LYS A HD3  1 
ATOM 782  H HE2  . LYS A 1 47 ? -4.670  19.545  -11.009 1.00 2.24 ? 47 LYS A HE2  1 
ATOM 783  H HE3  . LYS A 1 47 ? -4.742  20.015  -12.719 1.00 2.39 ? 47 LYS A HE3  1 
ATOM 784  H HZ1  . LYS A 1 47 ? -5.799  21.805  -11.843 1.00 2.56 ? 47 LYS A HZ1  1 
ATOM 785  H HZ2  . LYS A 1 47 ? -6.333  20.969  -10.464 1.00 2.75 ? 47 LYS A HZ2  1 
ATOM 786  H HZ3  . LYS A 1 47 ? -7.145  20.777  -11.944 1.00 2.55 ? 47 LYS A HZ3  1 
ATOM 787  N N    . CYS A 1 48 ? -5.474  12.835  -10.371 1.00 0.40 ? 48 CYS A N    1 
ATOM 788  C CA   . CYS A 1 48 ? -6.115  11.499  -10.193 1.00 0.35 ? 48 CYS A CA   1 
ATOM 789  C C    . CYS A 1 48 ? -5.255  10.637  -9.273  1.00 0.28 ? 48 CYS A C    1 
ATOM 790  O O    . CYS A 1 48 ? -4.247  11.076  -8.756  1.00 0.33 ? 48 CYS A O    1 
ATOM 791  C CB   . CYS A 1 48 ? -6.184  10.840  -11.579 1.00 0.41 ? 48 CYS A CB   1 
ATOM 792  S SG   . CYS A 1 48 ? -6.218  12.075  -12.906 1.00 0.76 ? 48 CYS A SG   1 
ATOM 793  H H    . CYS A 1 48 ? -4.498  12.911  -10.399 1.00 0.39 ? 48 CYS A H    1 
ATOM 794  H HA   . CYS A 1 48 ? -7.109  11.607  -9.789  1.00 0.36 ? 48 CYS A HA   1 
ATOM 795  H HB2  . CYS A 1 48 ? -5.319  10.209  -11.710 1.00 0.32 ? 48 CYS A HB2  1 
ATOM 796  H HB3  . CYS A 1 48 ? -7.079  10.233  -11.633 1.00 0.56 ? 48 CYS A HB3  1 
ATOM 797  N N    . SER A 1 49 ? -5.635  9.407   -9.074  1.00 0.25 ? 49 SER A N    1 
ATOM 798  C CA   . SER A 1 49 ? -4.827  8.515   -8.203  1.00 0.20 ? 49 SER A CA   1 
ATOM 799  C C    . SER A 1 49 ? -4.327  7.316   -9.009  1.00 0.19 ? 49 SER A C    1 
ATOM 800  O O    . SER A 1 49 ? -4.735  7.093   -10.134 1.00 0.24 ? 49 SER A O    1 
ATOM 801  C CB   . SER A 1 49 ? -5.780  8.059   -7.104  1.00 0.24 ? 49 SER A CB   1 
ATOM 802  O OG   . SER A 1 49 ? -6.901  7.412   -7.692  1.00 0.77 ? 49 SER A OG   1 
ATOM 803  H H    . SER A 1 49 ? -6.446  9.066   -9.506  1.00 0.32 ? 49 SER A H    1 
ATOM 804  H HA   . SER A 1 49 ? -3.998  9.054   -7.774  1.00 0.21 ? 49 SER A HA   1 
ATOM 805  H HB2  . SER A 1 49 ? -5.276  7.367   -6.450  1.00 0.54 ? 49 SER A HB2  1 
ATOM 806  H HB3  . SER A 1 49 ? -6.107  8.919   -6.532  1.00 0.71 ? 49 SER A HB3  1 
ATOM 807  H HG   . SER A 1 49 ? -6.775  6.464   -7.610  1.00 1.01 ? 49 SER A HG   1 
ATOM 808  N N    . TYR A 1 50 ? -3.448  6.542   -8.436  1.00 0.18 ? 50 TYR A N    1 
ATOM 809  C CA   . TYR A 1 50 ? -2.918  5.350   -9.156  1.00 0.22 ? 50 TYR A CA   1 
ATOM 810  C C    . TYR A 1 50 ? -2.313  4.363   -8.154  1.00 0.20 ? 50 TYR A C    1 
ATOM 811  O O    . TYR A 1 50 ? -2.377  4.566   -6.957  1.00 0.28 ? 50 TYR A O    1 
ATOM 812  C CB   . TYR A 1 50 ? -1.842  5.891   -10.101 1.00 0.28 ? 50 TYR A CB   1 
ATOM 813  C CG   . TYR A 1 50 ? -0.970  6.888   -9.373  1.00 0.26 ? 50 TYR A CG   1 
ATOM 814  C CD1  . TYR A 1 50 ? -0.220  6.483   -8.263  1.00 1.18 ? 50 TYR A CD1  1 
ATOM 815  C CD2  . TYR A 1 50 ? -0.911  8.217   -9.811  1.00 1.30 ? 50 TYR A CD2  1 
ATOM 816  C CE1  . TYR A 1 50 ? 0.592   7.406   -7.593  1.00 1.15 ? 50 TYR A CE1  1 
ATOM 817  C CE2  . TYR A 1 50 ? -0.099  9.139   -9.138  1.00 1.37 ? 50 TYR A CE2  1 
ATOM 818  C CZ   . TYR A 1 50 ? 0.651   8.733   -8.030  1.00 0.41 ? 50 TYR A CZ   1 
ATOM 819  O OH   . TYR A 1 50 ? 1.452   9.642   -7.368  1.00 0.53 ? 50 TYR A OH   1 
ATOM 820  H H    . TYR A 1 50 ? -3.141  6.744   -7.529  1.00 0.16 ? 50 TYR A H    1 
ATOM 821  H HA   . TYR A 1 50 ? -3.701  4.874   -9.725  1.00 0.26 ? 50 TYR A HA   1 
ATOM 822  H HB2  . TYR A 1 50 ? -1.231  5.073   -10.456 1.00 0.34 ? 50 TYR A HB2  1 
ATOM 823  H HB3  . TYR A 1 50 ? -2.317  6.379   -10.942 1.00 0.33 ? 50 TYR A HB3  1 
ATOM 824  H HD1  . TYR A 1 50 ? -0.266  5.459   -7.925  1.00 2.12 ? 50 TYR A HD1  1 
ATOM 825  H HD2  . TYR A 1 50 ? -1.492  8.531   -10.667 1.00 2.20 ? 50 TYR A HD2  1 
ATOM 826  H HE1  . TYR A 1 50 ? 1.171   7.092   -6.737  1.00 2.05 ? 50 TYR A HE1  1 
ATOM 827  H HE2  . TYR A 1 50 ? -0.052  10.164  -9.477  1.00 2.31 ? 50 TYR A HE2  1 
ATOM 828  H HH   . TYR A 1 50 ? 1.038   9.843   -6.525  1.00 1.01 ? 50 TYR A HH   1 
ATOM 829  N N    . THR A 1 51 ? -1.728  3.296   -8.626  1.00 0.21 ? 51 THR A N    1 
ATOM 830  C CA   . THR A 1 51 ? -1.127  2.306   -7.688  1.00 0.20 ? 51 THR A CA   1 
ATOM 831  C C    . THR A 1 51 ? 0.390   2.239   -7.875  1.00 0.22 ? 51 THR A C    1 
ATOM 832  O O    . THR A 1 51 ? 0.901   2.387   -8.968  1.00 0.27 ? 51 THR A O    1 
ATOM 833  C CB   . THR A 1 51 ? -1.763  0.966   -8.052  1.00 0.23 ? 51 THR A CB   1 
ATOM 834  O OG1  . THR A 1 51 ? -1.694  0.776   -9.460  1.00 0.29 ? 51 THR A OG1  1 
ATOM 835  C CG2  . THR A 1 51 ? -3.227  0.952   -7.606  1.00 0.25 ? 51 THR A CG2  1 
ATOM 836  H H    . THR A 1 51 ? -1.686  3.146   -9.593  1.00 0.30 ? 51 THR A H    1 
ATOM 837  H HA   . THR A 1 51 ? -1.368  2.560   -6.668  1.00 0.18 ? 51 THR A HA   1 
ATOM 838  H HB   . THR A 1 51 ? -1.232  0.169   -7.553  1.00 0.26 ? 51 THR A HB   1 
ATOM 839  H HG1  . THR A 1 51 ? -1.403  -0.124  -9.624  1.00 0.84 ? 51 THR A HG1  1 
ATOM 840  H HG21 . THR A 1 51 ? -3.862  0.748   -8.455  1.00 1.05 ? 51 THR A HG21 1 
ATOM 841  H HG22 . THR A 1 51 ? -3.484  1.915   -7.189  1.00 1.01 ? 51 THR A HG22 1 
ATOM 842  H HG23 . THR A 1 51 ? -3.368  0.186   -6.858  1.00 1.10 ? 51 THR A HG23 1 
ATOM 843  N N    . GLU A 1 52 ? 1.108   2.006   -6.813  1.00 0.22 ? 52 GLU A N    1 
ATOM 844  C CA   . GLU A 1 52 ? 2.592   1.913   -6.915  1.00 0.28 ? 52 GLU A CA   1 
ATOM 845  C C    . GLU A 1 52 ? 3.038   0.495   -6.557  1.00 0.25 ? 52 GLU A C    1 
ATOM 846  O O    . GLU A 1 52 ? 3.377   0.208   -5.426  1.00 0.24 ? 52 GLU A O    1 
ATOM 847  C CB   . GLU A 1 52 ? 3.124   2.921   -5.895  1.00 0.33 ? 52 GLU A CB   1 
ATOM 848  C CG   . GLU A 1 52 ? 3.391   4.258   -6.590  1.00 0.69 ? 52 GLU A CG   1 
ATOM 849  C CD   . GLU A 1 52 ? 4.838   4.297   -7.086  1.00 1.17 ? 52 GLU A CD   1 
ATOM 850  O OE1  . GLU A 1 52 ? 5.730   4.234   -6.257  1.00 1.63 ? 52 GLU A OE1  1 
ATOM 851  O OE2  . GLU A 1 52 ? 5.027   4.388   -8.288  1.00 1.98 ? 52 GLU A OE2  1 
ATOM 852  H H    . GLU A 1 52 ? 0.668   1.881   -5.946  1.00 0.21 ? 52 GLU A H    1 
ATOM 853  H HA   . GLU A 1 52 ? 2.922   2.177   -7.906  1.00 0.34 ? 52 GLU A HA   1 
ATOM 854  H HB2  . GLU A 1 52 ? 2.394   3.059   -5.111  1.00 0.55 ? 52 GLU A HB2  1 
ATOM 855  H HB3  . GLU A 1 52 ? 4.044   2.549   -5.469  1.00 0.45 ? 52 GLU A HB3  1 
ATOM 856  H HG2  . GLU A 1 52 ? 2.718   4.369   -7.427  1.00 1.05 ? 52 GLU A HG2  1 
ATOM 857  H HG3  . GLU A 1 52 ? 3.232   5.065   -5.891  1.00 1.15 ? 52 GLU A HG3  1 
ATOM 858  N N    . ASP A 1 53 ? 3.023   -0.396  -7.510  1.00 0.27 ? 53 ASP A N    1 
ATOM 859  C CA   . ASP A 1 53 ? 3.430   -1.802  -7.228  1.00 0.25 ? 53 ASP A CA   1 
ATOM 860  C C    . ASP A 1 53 ? 4.637   -1.843  -6.291  1.00 0.23 ? 53 ASP A C    1 
ATOM 861  O O    . ASP A 1 53 ? 5.513   -1.002  -6.346  1.00 0.25 ? 53 ASP A O    1 
ATOM 862  C CB   . ASP A 1 53 ? 3.794   -2.395  -8.586  1.00 0.31 ? 53 ASP A CB   1 
ATOM 863  C CG   . ASP A 1 53 ? 2.586   -2.317  -9.520  1.00 0.38 ? 53 ASP A CG   1 
ATOM 864  O OD1  . ASP A 1 53 ? 1.635   -1.637  -9.172  1.00 1.17 ? 53 ASP A OD1  1 
ATOM 865  O OD2  . ASP A 1 53 ? 2.632   -2.940  -10.569 1.00 1.11 ? 53 ASP A OD2  1 
ATOM 866  H H    . ASP A 1 53 ? 2.733   -0.142  -8.411  1.00 0.31 ? 53 ASP A H    1 
ATOM 867  H HA   . ASP A 1 53 ? 2.608   -2.351  -6.800  1.00 0.25 ? 53 ASP A HA   1 
ATOM 868  H HB2  . ASP A 1 53 ? 4.617   -1.839  -9.010  1.00 0.33 ? 53 ASP A HB2  1 
ATOM 869  H HB3  . ASP A 1 53 ? 4.082   -3.429  -8.458  1.00 0.31 ? 53 ASP A HB3  1 
ATOM 870  N N    . ALA A 1 54 ? 4.686   -2.822  -5.435  1.00 0.21 ? 54 ALA A N    1 
ATOM 871  C CA   . ALA A 1 54 ? 5.832   -2.939  -4.487  1.00 0.20 ? 54 ALA A CA   1 
ATOM 872  C C    . ALA A 1 54 ? 6.306   -4.394  -4.422  1.00 0.19 ? 54 ALA A C    1 
ATOM 873  O O    . ALA A 1 54 ? 5.719   -5.273  -5.021  1.00 0.25 ? 54 ALA A O    1 
ATOM 874  C CB   . ALA A 1 54 ? 5.276   -2.492  -3.136  1.00 0.22 ? 54 ALA A CB   1 
ATOM 875  H H    . ALA A 1 54 ? 3.967   -3.486  -5.416  1.00 0.22 ? 54 ALA A H    1 
ATOM 876  H HA   . ALA A 1 54 ? 6.639   -2.291  -4.789  1.00 0.23 ? 54 ALA A HA   1 
ATOM 877  H HB1  . ALA A 1 54 ? 5.059   -3.361  -2.531  1.00 1.04 ? 54 ALA A HB1  1 
ATOM 878  H HB2  . ALA A 1 54 ? 4.371   -1.923  -3.288  1.00 1.05 ? 54 ALA A HB2  1 
ATOM 879  H HB3  . ALA A 1 54 ? 6.008   -1.877  -2.631  1.00 1.01 ? 54 ALA A HB3  1 
ATOM 880  N N    . GLN A 1 55 ? 7.361   -4.657  -3.702  1.00 0.19 ? 55 GLN A N    1 
ATOM 881  C CA   . GLN A 1 55 ? 7.865   -6.058  -3.607  1.00 0.21 ? 55 GLN A CA   1 
ATOM 882  C C    . GLN A 1 55 ? 8.211   -6.402  -2.156  1.00 0.21 ? 55 GLN A C    1 
ATOM 883  O O    . GLN A 1 55 ? 8.768   -5.601  -1.433  1.00 0.30 ? 55 GLN A O    1 
ATOM 884  C CB   . GLN A 1 55 ? 9.119   -6.088  -4.480  1.00 0.25 ? 55 GLN A CB   1 
ATOM 885  C CG   . GLN A 1 55 ? 9.368   -7.518  -4.967  1.00 0.31 ? 55 GLN A CG   1 
ATOM 886  C CD   . GLN A 1 55 ? 10.819  -7.652  -5.435  1.00 0.69 ? 55 GLN A CD   1 
ATOM 887  O OE1  . GLN A 1 55 ? 11.735  -7.303  -4.718  1.00 1.55 ? 55 GLN A OE1  1 
ATOM 888  N NE2  . GLN A 1 55 ? 11.066  -8.146  -6.617  1.00 1.20 ? 55 GLN A NE2  1 
ATOM 889  H H    . GLN A 1 55 ? 7.824   -3.935  -3.224  1.00 0.23 ? 55 GLN A H    1 
ATOM 890  H HA   . GLN A 1 55 ? 7.130   -6.748  -3.993  1.00 0.24 ? 55 GLN A HA   1 
ATOM 891  H HB2  . GLN A 1 55 ? 8.981   -5.436  -5.331  1.00 0.32 ? 55 GLN A HB2  1 
ATOM 892  H HB3  . GLN A 1 55 ? 9.967   -5.753  -3.902  1.00 0.26 ? 55 GLN A HB3  1 
ATOM 893  H HG2  . GLN A 1 55 ? 9.184   -8.210  -4.158  1.00 0.49 ? 55 GLN A HG2  1 
ATOM 894  H HG3  . GLN A 1 55 ? 8.704   -7.738  -5.789  1.00 0.60 ? 55 GLN A HG3  1 
ATOM 895  H HE21 . GLN A 1 55 ? 10.326  -8.427  -7.196  1.00 1.84 ? 55 GLN A HE21 1 
ATOM 896  H HE22 . GLN A 1 55 ? 11.991  -8.237  -6.926  1.00 1.40 ? 55 GLN A HE22 1 
ATOM 897  N N    . CYS A 1 56 ? 7.887   -7.592  -1.727  1.00 0.24 ? 56 CYS A N    1 
ATOM 898  C CA   . CYS A 1 56 ? 8.200   -7.989  -0.326  1.00 0.28 ? 56 CYS A CA   1 
ATOM 899  C C    . CYS A 1 56 ? 9.523   -8.755  -0.280  1.00 0.29 ? 56 CYS A C    1 
ATOM 900  O O    . CYS A 1 56 ? 9.960   -9.320  -1.264  1.00 0.37 ? 56 CYS A O    1 
ATOM 901  C CB   . CYS A 1 56 ? 7.042   -8.893  0.096   1.00 0.35 ? 56 CYS A CB   1 
ATOM 902  S SG   . CYS A 1 56 ? 6.392   -8.336  1.691   1.00 1.04 ? 56 CYS A SG   1 
ATOM 903  H H    . CYS A 1 56 ? 7.440   -8.224  -2.325  1.00 0.32 ? 56 CYS A H    1 
ATOM 904  H HA   . CYS A 1 56 ? 8.243   -7.122  0.312   1.00 0.29 ? 56 CYS A HA   1 
ATOM 905  H HB2  . CYS A 1 56 ? 6.260   -8.846  -0.647  1.00 0.76 ? 56 CYS A HB2  1 
ATOM 906  H HB3  . CYS A 1 56 ? 7.393   -9.909  0.187   1.00 0.55 ? 56 CYS A HB3  1 
ATOM 907  N N    . ILE A 1 57 ? 10.166  -8.777  0.853   1.00 0.27 ? 57 ILE A N    1 
ATOM 908  C CA   . ILE A 1 57 ? 11.463  -9.503  0.960   1.00 0.33 ? 57 ILE A CA   1 
ATOM 909  C C    . ILE A 1 57 ? 11.551  -10.237 2.301   1.00 0.39 ? 57 ILE A C    1 
ATOM 910  O O    . ILE A 1 57 ? 10.647  -10.187 3.110   1.00 0.46 ? 57 ILE A O    1 
ATOM 911  C CB   . ILE A 1 57 ? 12.534  -8.416  0.870   1.00 0.34 ? 57 ILE A CB   1 
ATOM 912  C CG1  . ILE A 1 57 ? 12.191  -7.456  -0.273  1.00 0.54 ? 57 ILE A CG1  1 
ATOM 913  C CG2  . ILE A 1 57 ? 13.896  -9.057  0.600   1.00 0.51 ? 57 ILE A CG2  1 
ATOM 914  C CD1  . ILE A 1 57 ? 12.261  -8.204  -1.607  1.00 1.25 ? 57 ILE A CD1  1 
ATOM 915  H H    . ILE A 1 57 ? 9.798   -8.313  1.633   1.00 0.28 ? 57 ILE A H    1 
ATOM 916  H HA   . ILE A 1 57 ? 11.574  -10.196 0.142   1.00 0.39 ? 57 ILE A HA   1 
ATOM 917  H HB   . ILE A 1 57 ? 12.572  -7.869  1.801   1.00 0.44 ? 57 ILE A HB   1 
ATOM 918  H HG12 . ILE A 1 57 ? 11.194  -7.066  -0.131  1.00 1.38 ? 57 ILE A HG12 1 
ATOM 919  H HG13 . ILE A 1 57 ? 12.900  -6.641  -0.284  1.00 1.19 ? 57 ILE A HG13 1 
ATOM 920  H HG21 . ILE A 1 57 ? 13.766  -9.930  -0.022  1.00 1.16 ? 57 ILE A HG21 1 
ATOM 921  H HG22 . ILE A 1 57 ? 14.348  -9.349  1.538   1.00 1.11 ? 57 ILE A HG22 1 
ATOM 922  H HG23 . ILE A 1 57 ? 14.535  -8.349  0.097   1.00 1.19 ? 57 ILE A HG23 1 
ATOM 923  H HD11 . ILE A 1 57 ? 11.521  -7.803  -2.284  1.00 1.88 ? 57 ILE A HD11 1 
ATOM 924  H HD12 . ILE A 1 57 ? 12.067  -9.254  -1.440  1.00 1.69 ? 57 ILE A HD12 1 
ATOM 925  H HD13 . ILE A 1 57 ? 13.245  -8.083  -2.036  1.00 1.85 ? 57 ILE A HD13 1 
ATOM 926  N N    . ASP A 1 58 ? 12.636  -10.921 2.536   1.00 0.43 ? 58 ASP A N    1 
ATOM 927  C CA   . ASP A 1 58 ? 12.793  -11.667 3.819   1.00 0.52 ? 58 ASP A CA   1 
ATOM 928  C C    . ASP A 1 58 ? 12.565  -10.742 5.019   1.00 0.53 ? 58 ASP A C    1 
ATOM 929  O O    . ASP A 1 58 ? 13.453  -10.034 5.448   1.00 0.66 ? 58 ASP A O    1 
ATOM 930  C CB   . ASP A 1 58 ? 14.235  -12.171 3.804   1.00 0.64 ? 58 ASP A CB   1 
ATOM 931  C CG   . ASP A 1 58 ? 14.325  -13.484 4.583   1.00 0.81 ? 58 ASP A CG   1 
ATOM 932  O OD1  . ASP A 1 58 ? 14.027  -14.516 4.004   1.00 1.46 ? 58 ASP A OD1  1 
ATOM 933  O OD2  . ASP A 1 58 ? 14.690  -13.437 5.747   1.00 1.26 ? 58 ASP A OD2  1 
ATOM 934  H H    . ASP A 1 58 ? 13.350  -10.948 1.866   1.00 0.44 ? 58 ASP A H    1 
ATOM 935  H HA   . ASP A 1 58 ? 12.114  -12.504 3.853   1.00 0.56 ? 58 ASP A HA   1 
ATOM 936  H HB2  . ASP A 1 58 ? 14.547  -12.335 2.781   1.00 0.63 ? 58 ASP A HB2  1 
ATOM 937  H HB3  . ASP A 1 58 ? 14.879  -11.436 4.267   1.00 0.66 ? 58 ASP A HB3  1 
ATOM 938  N N    . GLY A 1 59 ? 11.380  -10.751 5.568   1.00 0.47 ? 59 GLY A N    1 
ATOM 939  C CA   . GLY A 1 59 ? 11.091  -9.884  6.747   1.00 0.52 ? 59 GLY A CA   1 
ATOM 940  C C    . GLY A 1 59 ? 11.493  -8.437  6.454   1.00 0.45 ? 59 GLY A C    1 
ATOM 941  O O    . GLY A 1 59 ? 11.668  -7.640  7.354   1.00 0.54 ? 59 GLY A O    1 
ATOM 942  H H    . GLY A 1 59 ? 10.681  -11.335 5.209   1.00 0.48 ? 59 GLY A H    1 
ATOM 943  H HA2  . GLY A 1 59 ? 10.035  -9.924  6.970   1.00 0.57 ? 59 GLY A HA2  1 
ATOM 944  H HA3  . GLY A 1 59 ? 11.650  -10.242 7.598   1.00 0.62 ? 59 GLY A HA3  1 
ATOM 945  N N    . THR A 1 60 ? 11.638  -8.086  5.206   1.00 0.42 ? 60 THR A N    1 
ATOM 946  C CA   . THR A 1 60 ? 12.025  -6.683  4.872   1.00 0.39 ? 60 THR A CA   1 
ATOM 947  C C    . THR A 1 60 ? 11.245  -6.196  3.650   1.00 0.34 ? 60 THR A C    1 
ATOM 948  O O    . THR A 1 60 ? 10.935  -6.958  2.758   1.00 0.34 ? 60 THR A O    1 
ATOM 949  C CB   . THR A 1 60 ? 13.518  -6.742  4.562   1.00 0.42 ? 60 THR A CB   1 
ATOM 950  O OG1  . THR A 1 60 ? 14.222  -7.205  5.706   1.00 0.50 ? 60 THR A OG1  1 
ATOM 951  C CG2  . THR A 1 60 ? 14.018  -5.346  4.184   1.00 0.49 ? 60 THR A CG2  1 
ATOM 952  H H    . THR A 1 60 ? 11.490  -8.737  4.489   1.00 0.53 ? 60 THR A H    1 
ATOM 953  H HA   . THR A 1 60 ? 11.850  -6.033  5.713   1.00 0.44 ? 60 THR A HA   1 
ATOM 954  H HB   . THR A 1 60 ? 13.688  -7.415  3.737   1.00 0.43 ? 60 THR A HB   1 
ATOM 955  H HG1  . THR A 1 60 ? 15.146  -6.966  5.604   1.00 0.98 ? 60 THR A HG1  1 
ATOM 956  H HG21 . THR A 1 60 ? 13.173  -4.696  4.013   1.00 1.13 ? 60 THR A HG21 1 
ATOM 957  H HG22 . THR A 1 60 ? 14.612  -5.408  3.283   1.00 1.10 ? 60 THR A HG22 1 
ATOM 958  H HG23 . THR A 1 60 ? 14.621  -4.949  4.985   1.00 1.13 ? 60 THR A HG23 1 
ATOM 959  N N    . ILE A 1 61 ? 10.926  -4.934  3.598   1.00 0.36 ? 61 ILE A N    1 
ATOM 960  C CA   . ILE A 1 61 ? 10.168  -4.406  2.427   1.00 0.33 ? 61 ILE A CA   1 
ATOM 961  C C    . ILE A 1 61 ? 10.359  -2.892  2.311   1.00 0.37 ? 61 ILE A C    1 
ATOM 962  O O    . ILE A 1 61 ? 10.473  -2.193  3.299   1.00 0.44 ? 61 ILE A O    1 
ATOM 963  C CB   . ILE A 1 61 ? 8.705   -4.744  2.711   1.00 0.36 ? 61 ILE A CB   1 
ATOM 964  C CG1  . ILE A 1 61 ? 7.806   -3.949  1.761   1.00 0.49 ? 61 ILE A CG1  1 
ATOM 965  C CG2  . ILE A 1 61 ? 8.365   -4.379  4.157   1.00 0.34 ? 61 ILE A CG2  1 
ATOM 966  C CD1  . ILE A 1 61 ? 6.769   -4.885  1.136   1.00 0.57 ? 61 ILE A CD1  1 
ATOM 967  H H    . ILE A 1 61 ? 11.187  -4.332  4.326   1.00 0.43 ? 61 ILE A H    1 
ATOM 968  H HA   . ILE A 1 61 ? 10.489  -4.895  1.520   1.00 0.32 ? 61 ILE A HA   1 
ATOM 969  H HB   . ILE A 1 61 ? 8.546   -5.801  2.560   1.00 0.43 ? 61 ILE A HB   1 
ATOM 970  H HG12 . ILE A 1 61 ? 7.303   -3.167  2.310   1.00 0.98 ? 61 ILE A HG12 1 
ATOM 971  H HG13 . ILE A 1 61 ? 8.409   -3.510  0.979   1.00 0.89 ? 61 ILE A HG13 1 
ATOM 972  H HG21 . ILE A 1 61 ? 9.023   -4.911  4.828   1.00 1.01 ? 61 ILE A HG21 1 
ATOM 973  H HG22 . ILE A 1 61 ? 7.340   -4.654  4.366   1.00 1.00 ? 61 ILE A HG22 1 
ATOM 974  H HG23 . ILE A 1 61 ? 8.488   -3.317  4.300   1.00 1.07 ? 61 ILE A HG23 1 
ATOM 975  H HD11 . ILE A 1 61 ? 6.005   -4.299  0.647   1.00 1.31 ? 61 ILE A HD11 1 
ATOM 976  H HD12 . ILE A 1 61 ? 6.319   -5.491  1.909   1.00 1.13 ? 61 ILE A HD12 1 
ATOM 977  H HD13 . ILE A 1 61 ? 7.252   -5.524  0.413   1.00 1.01 ? 61 ILE A HD13 1 
ATOM 978  N N    . GLU A 1 62 ? 10.393  -2.382  1.112   1.00 0.38 ? 62 GLU A N    1 
ATOM 979  C CA   . GLU A 1 62 ? 10.576  -0.914  0.931   1.00 0.48 ? 62 GLU A CA   1 
ATOM 980  C C    . GLU A 1 62 ? 9.263   -0.271  0.473   1.00 0.48 ? 62 GLU A C    1 
ATOM 981  O O    . GLU A 1 62 ? 9.028   -0.090  -0.704  1.00 0.90 ? 62 GLU A O    1 
ATOM 982  C CB   . GLU A 1 62 ? 11.644  -0.778  -0.152  1.00 0.56 ? 62 GLU A CB   1 
ATOM 983  C CG   . GLU A 1 62 ? 13.030  -0.758  0.496   1.00 1.01 ? 62 GLU A CG   1 
ATOM 984  C CD   . GLU A 1 62 ? 13.974  0.105   -0.342  1.00 1.60 ? 62 GLU A CD   1 
ATOM 985  O OE1  . GLU A 1 62 ? 13.515  1.101   -0.878  1.00 2.12 ? 62 GLU A OE1  1 
ATOM 986  O OE2  . GLU A 1 62 ? 15.140  -0.243  -0.435  1.00 2.30 ? 62 GLU A OE2  1 
ATOM 987  H H    . GLU A 1 62 ? 10.298  -2.964  0.329   1.00 0.38 ? 62 GLU A H    1 
ATOM 988  H HA   . GLU A 1 62 ? 10.919  -0.461  1.848   1.00 0.55 ? 62 GLU A HA   1 
ATOM 989  H HB2  . GLU A 1 62 ? 11.577  -1.616  -0.832  1.00 0.92 ? 62 GLU A HB2  1 
ATOM 990  H HB3  . GLU A 1 62 ? 11.492  0.142   -0.698  1.00 0.95 ? 62 GLU A HB3  1 
ATOM 991  H HG2  . GLU A 1 62 ? 12.955  -0.349  1.493   1.00 1.41 ? 62 GLU A HG2  1 
ATOM 992  H HG3  . GLU A 1 62 ? 13.418  -1.765  0.548   1.00 1.56 ? 62 GLU A HG3  1 
ATOM 993  N N    . VAL A 1 63 ? 8.407   0.076   1.397   1.00 0.63 ? 63 VAL A N    1 
ATOM 994  C CA   . VAL A 1 63 ? 7.111   0.705   1.012   1.00 0.62 ? 63 VAL A CA   1 
ATOM 995  C C    . VAL A 1 63 ? 7.362   1.935   0.127   1.00 0.63 ? 63 VAL A C    1 
ATOM 996  O O    . VAL A 1 63 ? 8.328   2.645   0.324   1.00 0.77 ? 63 VAL A O    1 
ATOM 997  C CB   . VAL A 1 63 ? 6.466   1.118   2.335   1.00 0.79 ? 63 VAL A CB   1 
ATOM 998  C CG1  . VAL A 1 63 ? 5.268   2.027   2.059   1.00 1.09 ? 63 VAL A CG1  1 
ATOM 999  C CG2  . VAL A 1 63 ? 5.997   -0.131  3.083   1.00 1.31 ? 63 VAL A CG2  1 
ATOM 1000 H H    . VAL A 1 63 ? 8.615   -0.080  2.341   1.00 1.02 ? 63 VAL A H    1 
ATOM 1001 H HA   . VAL A 1 63 ? 6.484   -0.010  0.504   1.00 0.54 ? 63 VAL A HA   1 
ATOM 1002 H HB   . VAL A 1 63 ? 7.191   1.648   2.934   1.00 1.34 ? 63 VAL A HB   1 
ATOM 1003 H HG11 . VAL A 1 63 ? 5.542   2.776   1.331   1.00 1.54 ? 63 VAL A HG11 1 
ATOM 1004 H HG12 . VAL A 1 63 ? 4.966   2.512   2.977   1.00 1.66 ? 63 VAL A HG12 1 
ATOM 1005 H HG13 . VAL A 1 63 ? 4.448   1.437   1.678   1.00 1.67 ? 63 VAL A HG13 1 
ATOM 1006 H HG21 . VAL A 1 63 ? 6.447   -1.008  2.639   1.00 1.68 ? 63 VAL A HG21 1 
ATOM 1007 H HG22 . VAL A 1 63 ? 4.921   -0.207  3.017   1.00 1.84 ? 63 VAL A HG22 1 
ATOM 1008 H HG23 . VAL A 1 63 ? 6.289   -0.061  4.119   1.00 1.91 ? 63 VAL A HG23 1 
ATOM 1009 N N    . PRO A 1 64 ? 6.484   2.151   -0.824  1.00 0.53 ? 64 PRO A N    1 
ATOM 1010 C CA   . PRO A 1 64 ? 6.622   3.309   -1.738  1.00 0.60 ? 64 PRO A CA   1 
ATOM 1011 C C    . PRO A 1 64 ? 6.544   4.625   -0.956  1.00 0.77 ? 64 PRO A C    1 
ATOM 1012 O O    . PRO A 1 64 ? 5.613   4.860   -0.210  1.00 0.82 ? 64 PRO A O    1 
ATOM 1013 C CB   . PRO A 1 64 ? 5.417   3.148   -2.671  1.00 0.48 ? 64 PRO A CB   1 
ATOM 1014 C CG   . PRO A 1 64 ? 4.628   1.892   -2.252  1.00 0.38 ? 64 PRO A CG   1 
ATOM 1015 C CD   . PRO A 1 64 ? 5.317   1.262   -1.033  1.00 0.42 ? 64 PRO A CD   1 
ATOM 1016 H HA   . PRO A 1 64 ? 7.539   3.248   -2.301  1.00 0.67 ? 64 PRO A HA   1 
ATOM 1017 H HB2  . PRO A 1 64 ? 4.781   4.021   -2.593  1.00 0.52 ? 64 PRO A HB2  1 
ATOM 1018 H HB3  . PRO A 1 64 ? 5.759   3.034   -3.690  1.00 0.52 ? 64 PRO A HB3  1 
ATOM 1019 H HG2  . PRO A 1 64 ? 3.616   2.168   -1.994  1.00 0.40 ? 64 PRO A HG2  1 
ATOM 1020 H HG3  . PRO A 1 64 ? 4.617   1.182   -3.065  1.00 0.39 ? 64 PRO A HG3  1 
ATOM 1021 H HD2  . PRO A 1 64 ? 4.659   1.273   -0.174  1.00 0.51 ? 64 PRO A HD2  1 
ATOM 1022 H HD3  . PRO A 1 64 ? 5.646   0.258   -1.253  1.00 0.40 ? 64 PRO A HD3  1 
ATOM 1023 N N    . LYS A 1 65 ? 7.515   5.480   -1.118  1.00 1.01 ? 65 LYS A N    1 
ATOM 1024 C CA   . LYS A 1 65 ? 7.498   6.778   -0.382  1.00 1.20 ? 65 LYS A CA   1 
ATOM 1025 C C    . LYS A 1 65 ? 6.152   7.482   -0.575  1.00 1.11 ? 65 LYS A C    1 
ATOM 1026 O O    . LYS A 1 65 ? 5.516   7.894   0.374   1.00 1.23 ? 65 LYS A O    1 
ATOM 1027 C CB   . LYS A 1 65 ? 8.628   7.600   -1.002  1.00 1.41 ? 65 LYS A CB   1 
ATOM 1028 C CG   . LYS A 1 65 ? 9.676   7.915   0.066   1.00 1.75 ? 65 LYS A CG   1 
ATOM 1029 C CD   . LYS A 1 65 ? 11.034  8.144   -0.602  1.00 2.25 ? 65 LYS A CD   1 
ATOM 1030 C CE   . LYS A 1 65 ? 11.031  9.501   -1.310  1.00 2.90 ? 65 LYS A CE   1 
ATOM 1031 N NZ   . LYS A 1 65 ? 12.382  9.616   -1.925  1.00 3.76 ? 65 LYS A NZ   1 
ATOM 1032 H H    . LYS A 1 65 ? 8.257   5.271   -1.723  1.00 1.12 ? 65 LYS A H    1 
ATOM 1033 H HA   . LYS A 1 65 ? 7.693   6.618   0.666   1.00 1.30 ? 65 LYS A HA   1 
ATOM 1034 H HB2  . LYS A 1 65 ? 9.085   7.037   -1.804  1.00 1.90 ? 65 LYS A HB2  1 
ATOM 1035 H HB3  . LYS A 1 65 ? 8.228   8.524   -1.394  1.00 1.78 ? 65 LYS A HB3  1 
ATOM 1036 H HG2  . LYS A 1 65 ? 9.385   8.803   0.606   1.00 2.15 ? 65 LYS A HG2  1 
ATOM 1037 H HG3  . LYS A 1 65 ? 9.751   7.084   0.752   1.00 2.33 ? 65 LYS A HG3  1 
ATOM 1038 H HD2  . LYS A 1 65 ? 11.811  8.131   0.149   1.00 2.70 ? 65 LYS A HD2  1 
ATOM 1039 H HD3  . LYS A 1 65 ? 11.216  7.364   -1.325  1.00 2.59 ? 65 LYS A HD3  1 
ATOM 1040 H HE2  . LYS A 1 65 ? 10.264  9.525   -2.072  1.00 3.15 ? 65 LYS A HE2  1 
ATOM 1041 H HE3  . LYS A 1 65 ? 10.881  10.298  -0.598  1.00 3.15 ? 65 LYS A HE3  1 
ATOM 1042 H HZ1  . LYS A 1 65 ? 12.678  8.687   -2.288  1.00 4.18 ? 65 LYS A HZ1  1 
ATOM 1043 H HZ2  . LYS A 1 65 ? 13.063  9.942   -1.208  1.00 4.09 ? 65 LYS A HZ2  1 
ATOM 1044 H HZ3  . LYS A 1 65 ? 12.350  10.297  -2.709  1.00 4.05 ? 65 LYS A HZ3  1 
ATOM 1045 N N    . CYS A 1 66 ? 5.715   7.625   -1.798  1.00 0.97 ? 66 CYS A N    1 
ATOM 1046 C CA   . CYS A 1 66 ? 4.412   8.305   -2.048  1.00 0.95 ? 66 CYS A CA   1 
ATOM 1047 C C    . CYS A 1 66 ? 3.366   7.835   -1.034  1.00 0.97 ? 66 CYS A C    1 
ATOM 1048 O O    . CYS A 1 66 ? 2.452   8.559   -0.690  1.00 1.13 ? 66 CYS A O    1 
ATOM 1049 C CB   . CYS A 1 66 ? 4.011   7.889   -3.462  1.00 0.90 ? 66 CYS A CB   1 
ATOM 1050 S SG   . CYS A 1 66 ? 2.493   8.752   -3.938  1.00 1.20 ? 66 CYS A SG   1 
ATOM 1051 H H    . CYS A 1 66 ? 6.244   7.288   -2.549  1.00 0.94 ? 66 CYS A H    1 
ATOM 1052 H HA   . CYS A 1 66 ? 4.530   9.377   -1.998  1.00 1.03 ? 66 CYS A HA   1 
ATOM 1053 H HB2  . CYS A 1 66 ? 4.803   8.146   -4.152  1.00 1.36 ? 66 CYS A HB2  1 
ATOM 1054 H HB3  . CYS A 1 66 ? 3.843   6.822   -3.489  1.00 1.35 ? 66 CYS A HB3  1 
ATOM 1055 N N    . PHE A 1 67 ? 3.493   6.630   -0.553  1.00 0.91 ? 67 PHE A N    1 
ATOM 1056 C CA   . PHE A 1 67 ? 2.506   6.115   0.439   1.00 1.00 ? 67 PHE A CA   1 
ATOM 1057 C C    . PHE A 1 67 ? 2.413   7.066   1.636   1.00 1.34 ? 67 PHE A C    1 
ATOM 1058 O O    . PHE A 1 67 ? 3.176   8.003   1.757   1.00 1.63 ? 67 PHE A O    1 
ATOM 1059 C CB   . PHE A 1 67 ? 3.053   4.756   0.874   1.00 0.96 ? 67 PHE A CB   1 
ATOM 1060 C CG   . PHE A 1 67 ? 2.153   4.164   1.930   1.00 1.01 ? 67 PHE A CG   1 
ATOM 1061 C CD1  . PHE A 1 67 ? 0.829   3.833   1.617   1.00 1.71 ? 67 PHE A CD1  1 
ATOM 1062 C CD2  . PHE A 1 67 ? 2.640   3.947   3.225   1.00 1.45 ? 67 PHE A CD2  1 
ATOM 1063 C CE1  . PHE A 1 67 ? -0.007  3.286   2.598   1.00 1.78 ? 67 PHE A CE1  1 
ATOM 1064 C CE2  . PHE A 1 67 ? 1.804   3.399   4.204   1.00 1.51 ? 67 PHE A CE2  1 
ATOM 1065 C CZ   . PHE A 1 67 ? 0.481   3.068   3.891   1.00 1.19 ? 67 PHE A CZ   1 
ATOM 1066 H H    . PHE A 1 67 ? 4.237   6.062   -0.843  1.00 0.89 ? 67 PHE A H    1 
ATOM 1067 H HA   . PHE A 1 67 ? 1.538   5.992   -0.021  1.00 1.18 ? 67 PHE A HA   1 
ATOM 1068 H HB2  . PHE A 1 67 ? 3.092   4.094   0.020   1.00 1.11 ? 67 PHE A HB2  1 
ATOM 1069 H HB3  . PHE A 1 67 ? 4.047   4.881   1.278   1.00 1.08 ? 67 PHE A HB3  1 
ATOM 1070 H HD1  . PHE A 1 67 ? 0.454   4.000   0.618   1.00 2.50 ? 67 PHE A HD1  1 
ATOM 1071 H HD2  . PHE A 1 67 ? 3.662   4.201   3.466   1.00 2.19 ? 67 PHE A HD2  1 
ATOM 1072 H HE1  . PHE A 1 67 ? -1.028  3.031   2.355   1.00 2.58 ? 67 PHE A HE1  1 
ATOM 1073 H HE2  . PHE A 1 67 ? 2.181   3.231   5.203   1.00 2.26 ? 67 PHE A HE2  1 
ATOM 1074 H HZ   . PHE A 1 67 ? -0.165  2.646   4.647   1.00 1.29 ? 67 PHE A HZ   1 
ATOM 1075 N N    . LYS A 1 68 ? 1.484   6.828   2.522   1.00 1.56 ? 68 LYS A N    1 
ATOM 1076 C CA   . LYS A 1 68 ? 1.342   7.716   3.712   1.00 2.02 ? 68 LYS A CA   1 
ATOM 1077 C C    . LYS A 1 68 ? 0.844   6.905   4.910   1.00 1.94 ? 68 LYS A C    1 
ATOM 1078 O O    . LYS A 1 68 ? -0.316  6.556   4.997   1.00 2.17 ? 68 LYS A O    1 
ATOM 1079 C CB   . LYS A 1 68 ? 0.309   8.766   3.304   1.00 2.63 ? 68 LYS A CB   1 
ATOM 1080 C CG   . LYS A 1 68 ? 1.008   9.912   2.571   1.00 3.23 ? 68 LYS A CG   1 
ATOM 1081 C CD   . LYS A 1 68 ? 0.633   11.242  3.229   1.00 3.74 ? 68 LYS A CD   1 
ATOM 1082 C CE   . LYS A 1 68 ? -0.287  12.033  2.296   1.00 4.57 ? 68 LYS A CE   1 
ATOM 1083 N NZ   . LYS A 1 68 ? -0.012  13.464  2.606   1.00 5.17 ? 68 LYS A NZ   1 
ATOM 1084 H H    . LYS A 1 68 ? 0.880   6.067   2.405   1.00 1.56 ? 68 LYS A H    1 
ATOM 1085 H HA   . LYS A 1 68 ? 2.282   8.193   3.942   1.00 2.22 ? 68 LYS A HA   1 
ATOM 1086 H HB2  . LYS A 1 68 ? -0.424  8.314   2.652   1.00 2.91 ? 68 LYS A HB2  1 
ATOM 1087 H HB3  . LYS A 1 68 ? -0.183  9.150   4.185   1.00 2.99 ? 68 LYS A HB3  1 
ATOM 1088 H HG2  . LYS A 1 68 ? 2.078   9.774   2.624   1.00 3.46 ? 68 LYS A HG2  1 
ATOM 1089 H HG3  . LYS A 1 68 ? 0.695   9.923   1.538   1.00 3.66 ? 68 LYS A HG3  1 
ATOM 1090 H HD2  . LYS A 1 68 ? 0.122   11.050  4.162   1.00 4.02 ? 68 LYS A HD2  1 
ATOM 1091 H HD3  . LYS A 1 68 ? 1.528   11.815  3.421   1.00 3.76 ? 68 LYS A HD3  1 
ATOM 1092 H HE2  . LYS A 1 68 ? -0.048  11.816  1.264   1.00 4.87 ? 68 LYS A HE2  1 
ATOM 1093 H HE3  . LYS A 1 68 ? -1.320  11.802  2.501   1.00 4.87 ? 68 LYS A HE3  1 
ATOM 1094 H HZ1  . LYS A 1 68 ? -0.876  14.022  2.465   1.00 5.61 ? 68 LYS A HZ1  1 
ATOM 1095 H HZ2  . LYS A 1 68 ? 0.739   13.815  1.977   1.00 5.35 ? 68 LYS A HZ2  1 
ATOM 1096 H HZ3  . LYS A 1 68 ? 0.296   13.550  3.595   1.00 5.35 ? 68 LYS A HZ3  1 
ATOM 1097 N N    . GLU A 1 69 ? 1.716   6.600   5.832   1.00 1.90 ? 69 GLU A N    1 
ATOM 1098 C CA   . GLU A 1 69 ? 1.298   5.806   7.025   1.00 2.03 ? 69 GLU A CA   1 
ATOM 1099 C C    . GLU A 1 69 ? -0.063  6.289   7.540   1.00 2.49 ? 69 GLU A C    1 
ATOM 1100 O O    . GLU A 1 69 ? -0.990  5.518   7.682   1.00 3.17 ? 69 GLU A O    1 
ATOM 1101 C CB   . GLU A 1 69 ? 2.388   6.056   8.064   1.00 2.28 ? 69 GLU A CB   1 
ATOM 1102 C CG   . GLU A 1 69 ? 1.902   5.594   9.439   1.00 2.85 ? 69 GLU A CG   1 
ATOM 1103 C CD   . GLU A 1 69 ? 2.944   5.955   10.498  1.00 3.34 ? 69 GLU A CD   1 
ATOM 1104 O OE1  . GLU A 1 69 ? 3.216   7.133   10.656  1.00 3.56 ? 69 GLU A OE1  1 
ATOM 1105 O OE2  . GLU A 1 69 ? 3.452   5.044   11.133  1.00 3.96 ? 69 GLU A OE2  1 
ATOM 1106 H H    . GLU A 1 69 ? 2.647   6.888   5.740   1.00 1.99 ? 69 GLU A H    1 
ATOM 1107 H HA   . GLU A 1 69 ? 1.255   4.756   6.781   1.00 1.89 ? 69 GLU A HA   1 
ATOM 1108 H HB2  . GLU A 1 69 ? 3.276   5.503   7.791   1.00 2.36 ? 69 GLU A HB2  1 
ATOM 1109 H HB3  . GLU A 1 69 ? 2.619   7.109   8.099   1.00 2.55 ? 69 GLU A HB3  1 
ATOM 1110 H HG2  . GLU A 1 69 ? 0.965   6.083   9.671   1.00 3.15 ? 69 GLU A HG2  1 
ATOM 1111 H HG3  . GLU A 1 69 ? 1.757   4.524   9.429   1.00 3.20 ? 69 GLU A HG3  1 
ATOM 1112 N N    . HIS A 1 70 ? -0.193  7.560   7.816   1.00 2.57 ? 70 HIS A N    1 
ATOM 1113 C CA   . HIS A 1 70 ? -1.498  8.080   8.317   1.00 3.03 ? 70 HIS A CA   1 
ATOM 1114 C C    . HIS A 1 70 ? -1.589  9.594   8.107   1.00 3.02 ? 70 HIS A C    1 
ATOM 1115 O O    . HIS A 1 70 ? -2.642  10.126  7.817   1.00 3.38 ? 70 HIS A O    1 
ATOM 1116 C CB   . HIS A 1 70 ? -1.521  7.742   9.809   1.00 3.78 ? 70 HIS A CB   1 
ATOM 1117 C CG   . HIS A 1 70 ? -0.335  8.369   10.484  1.00 4.42 ? 70 HIS A CG   1 
ATOM 1118 N ND1  . HIS A 1 70 ? -0.452  9.113   11.649  1.00 5.33 ? 70 HIS A ND1  1 
ATOM 1119 C CD2  . HIS A 1 70 ? 1.000   8.372   10.171  1.00 4.74 ? 70 HIS A CD2  1 
ATOM 1120 C CE1  . HIS A 1 70 ? 0.783   9.527   11.990  1.00 6.00 ? 70 HIS A CE1  1 
ATOM 1121 N NE2  . HIS A 1 70 ? 1.704   9.103   11.124  1.00 5.72 ? 70 HIS A NE2  1 
ATOM 1122 H H    . HIS A 1 70 ? 0.565   8.169   7.691   1.00 2.67 ? 70 HIS A H    1 
ATOM 1123 H HA   . HIS A 1 70 ? -2.312  7.584   7.818   1.00 3.41 ? 70 HIS A HA   1 
ATOM 1124 H HB2  . HIS A 1 70 ? -2.431  8.124   10.250  1.00 4.09 ? 70 HIS A HB2  1 
ATOM 1125 H HB3  . HIS A 1 70 ? -1.481  6.671   9.937   1.00 4.08 ? 70 HIS A HB3  1 
ATOM 1126 H HD1  . HIS A 1 70 ? -1.282  9.302   12.134  1.00 5.66 ? 70 HIS A HD1  1 
ATOM 1127 H HD2  . HIS A 1 70 ? 1.435   7.884   9.313   1.00 4.58 ? 70 HIS A HD2  1 
ATOM 1128 H HE1  . HIS A 1 70 ? 1.000   10.130  12.860  1.00 6.87 ? 70 HIS A HE1  1 
ATOM 1129 N N    . SER A 1 71 ? -0.496  10.294  8.251   1.00 3.28 ? 71 SER A N    1 
ATOM 1130 C CA   . SER A 1 71 ? -0.528  11.773  8.059   1.00 3.84 ? 71 SER A CA   1 
ATOM 1131 C C    . SER A 1 71 ? -1.723  12.373  8.804   1.00 4.00 ? 71 SER A C    1 
ATOM 1132 O O    . SER A 1 71 ? -2.828  12.406  8.300   1.00 4.35 ? 71 SER A O    1 
ATOM 1133 C CB   . SER A 1 71 ? -0.680  11.973  6.552   1.00 4.50 ? 71 SER A CB   1 
ATOM 1134 O OG   . SER A 1 71 ? 0.543   12.464  6.020   1.00 5.05 ? 71 SER A OG   1 
ATOM 1135 H H    . SER A 1 71 ? 0.344   9.848   8.485   1.00 3.50 ? 71 SER A H    1 
ATOM 1136 H HA   . SER A 1 71 ? 0.393   12.218  8.400   1.00 4.18 ? 71 SER A HA   1 
ATOM 1137 H HB2  . SER A 1 71 ? -0.919  11.031  6.084   1.00 4.79 ? 71 SER A HB2  1 
ATOM 1138 H HB3  . SER A 1 71 ? -1.478  12.681  6.363   1.00 4.78 ? 71 SER A HB3  1 
ATOM 1139 H HG   . SER A 1 71 ? 0.339   13.205  5.444   1.00 5.40 ? 71 SER A HG   1 
ATOM 1140 N N    . SER A 1 72 ? -1.511  12.848  10.001  1.00 4.16 ? 72 SER A N    1 
ATOM 1141 C CA   . SER A 1 72 ? -2.636  13.444  10.777  1.00 4.62 ? 72 SER A CA   1 
ATOM 1142 C C    . SER A 1 72 ? -3.302  14.561  9.971   1.00 4.42 ? 72 SER A C    1 
ATOM 1143 O O    . SER A 1 72 ? -3.113  14.676  8.776   1.00 4.50 ? 72 SER A O    1 
ATOM 1144 C CB   . SER A 1 72 ? -1.990  14.009  12.041  1.00 5.33 ? 72 SER A CB   1 
ATOM 1145 O OG   . SER A 1 72 ? -1.242  12.985  12.684  1.00 5.62 ? 72 SER A OG   1 
ATOM 1146 H H    . SER A 1 72 ? -0.612  12.811  10.390  1.00 4.25 ? 72 SER A H    1 
ATOM 1147 H HA   . SER A 1 72 ? -3.357  12.687  11.040  1.00 4.97 ? 72 SER A HA   1 
ATOM 1148 H HB2  . SER A 1 72 ? -1.330  14.820  11.781  1.00 5.58 ? 72 SER A HB2  1 
ATOM 1149 H HB3  . SER A 1 72 ? -2.761  14.376  12.704  1.00 5.77 ? 72 SER A HB3  1 
ATOM 1150 H HG   . SER A 1 72 ? -1.678  12.775  13.512  1.00 6.07 ? 72 SER A HG   1 
ATOM 1151 N N    . LEU A 1 73 ? -4.081  15.387  10.615  1.00 4.58 ? 73 LEU A N    1 
ATOM 1152 C CA   . LEU A 1 73 ? -4.759  16.497  9.887   1.00 4.72 ? 73 LEU A CA   1 
ATOM 1153 C C    . LEU A 1 73 ? -5.617  15.939  8.747   1.00 4.54 ? 73 LEU A C    1 
ATOM 1154 O O    . LEU A 1 73 ? -5.297  16.092  7.585   1.00 4.62 ? 73 LEU A O    1 
ATOM 1155 C CB   . LEU A 1 73 ? -3.624  17.358  9.331   1.00 5.25 ? 73 LEU A CB   1 
ATOM 1156 C CG   . LEU A 1 73 ? -3.204  18.387  10.382  1.00 5.91 ? 73 LEU A CG   1 
ATOM 1157 C CD1  . LEU A 1 73 ? -1.813  18.036  10.915  1.00 6.60 ? 73 LEU A CD1  1 
ATOM 1158 C CD2  . LEU A 1 73 ? -3.170  19.777  9.747   1.00 6.41 ? 73 LEU A CD2  1 
ATOM 1159 H H    . LEU A 1 73 ? -4.220  15.277  11.579  1.00 4.88 ? 73 LEU A H    1 
ATOM 1160 H HA   . LEU A 1 73 ? -5.364  17.078  10.564  1.00 5.02 ? 73 LEU A HA   1 
ATOM 1161 H HB2  . LEU A 1 73 ? -2.780  16.727  9.086   1.00 5.31 ? 73 LEU A HB2  1 
ATOM 1162 H HB3  . LEU A 1 73 ? -3.962  17.871  8.444   1.00 5.44 ? 73 LEU A HB3  1 
ATOM 1163 H HG   . LEU A 1 73 ? -3.914  18.378  11.197  1.00 5.93 ? 73 LEU A HG   1 
ATOM 1164 H HD11 . LEU A 1 73 ? -1.168  17.774  10.090  1.00 6.84 ? 73 LEU A HD11 1 
ATOM 1165 H HD12 . LEU A 1 73 ? -1.889  17.198  11.592  1.00 6.82 ? 73 LEU A HD12 1 
ATOM 1166 H HD13 . LEU A 1 73 ? -1.403  18.886  11.438  1.00 6.97 ? 73 LEU A HD13 1 
ATOM 1167 H HD21 . LEU A 1 73 ? -2.206  19.940  9.286   1.00 6.76 ? 73 LEU A HD21 1 
ATOM 1168 H HD22 . LEU A 1 73 ? -3.336  20.526  10.507  1.00 6.63 ? 73 LEU A HD22 1 
ATOM 1169 H HD23 . LEU A 1 73 ? -3.943  19.850  8.995   1.00 6.54 ? 73 LEU A HD23 1 
ATOM 1170 N N    . ALA A 1 74 ? -6.706  15.296  9.070   1.00 4.78 ? 74 ALA A N    1 
ATOM 1171 C CA   . ALA A 1 74 ? -7.584  14.732  8.005   1.00 5.08 ? 74 ALA A CA   1 
ATOM 1172 C C    . ALA A 1 74 ? -8.594  15.785  7.544   1.00 4.67 ? 74 ALA A C    1 
ATOM 1173 O O    . ALA A 1 74 ? -9.666  15.916  8.100   1.00 4.78 ? 74 ALA A O    1 
ATOM 1174 C CB   . ALA A 1 74 ? -8.300  13.552  8.663   1.00 5.83 ? 74 ALA A CB   1 
ATOM 1175 H H    . ALA A 1 74 ? -6.947  15.185  10.013  1.00 5.07 ? 74 ALA A H    1 
ATOM 1176 H HA   . ALA A 1 74 ? -6.991  14.385  7.172   1.00 5.43 ? 74 ALA A HA   1 
ATOM 1177 H HB1  . ALA A 1 74 ? -8.555  12.820  7.912   1.00 6.17 ? 74 ALA A HB1  1 
ATOM 1178 H HB2  . ALA A 1 74 ? -9.200  13.903  9.147   1.00 6.08 ? 74 ALA A HB2  1 
ATOM 1179 H HB3  . ALA A 1 74 ? -7.649  13.102  9.399   1.00 6.15 ? 74 ALA A HB3  1 
ATOM 1180 N N    . PHE A 1 75 ? -8.260  16.541  6.534   1.00 4.60 ? 75 PHE A N    1 
ATOM 1181 C CA   . PHE A 1 75 ? -9.202  17.588  6.041   1.00 4.48 ? 75 PHE A CA   1 
ATOM 1182 C C    . PHE A 1 75 ? -9.831  17.158  4.714   1.00 4.21 ? 75 PHE A C    1 
ATOM 1183 O O    . PHE A 1 75 ? -9.858  15.991  4.376   1.00 4.63 ? 75 PHE A O    1 
ATOM 1184 C CB   . PHE A 1 75 ? -8.339  18.835  5.845   1.00 5.12 ? 75 PHE A CB   1 
ATOM 1185 C CG   . PHE A 1 75 ? -8.631  19.828  6.944   1.00 5.75 ? 75 PHE A CG   1 
ATOM 1186 C CD1  . PHE A 1 75 ? -8.023  19.684  8.197   1.00 6.24 ? 75 PHE A CD1  1 
ATOM 1187 C CD2  . PHE A 1 75 ? -9.509  20.892  6.710   1.00 6.22 ? 75 PHE A CD2  1 
ATOM 1188 C CE1  . PHE A 1 75 ? -8.295  20.604  9.216   1.00 7.12 ? 75 PHE A CE1  1 
ATOM 1189 C CE2  . PHE A 1 75 ? -9.780  21.813  7.730   1.00 7.10 ? 75 PHE A CE2  1 
ATOM 1190 C CZ   . PHE A 1 75 ? -9.173  21.669  8.983   1.00 7.52 ? 75 PHE A CZ   1 
ATOM 1191 H H    . PHE A 1 75 ? -7.389  16.422  6.101   1.00 4.89 ? 75 PHE A H    1 
ATOM 1192 H HA   . PHE A 1 75 ? -9.967  17.782  6.777   1.00 4.56 ? 75 PHE A HA   1 
ATOM 1193 H HB2  . PHE A 1 75 ? -7.295  18.559  5.877   1.00 5.34 ? 75 PHE A HB2  1 
ATOM 1194 H HB3  . PHE A 1 75 ? -8.564  19.281  4.888   1.00 5.28 ? 75 PHE A HB3  1 
ATOM 1195 H HD1  . PHE A 1 75 ? -7.345  18.862  8.378   1.00 6.17 ? 75 PHE A HD1  1 
ATOM 1196 H HD2  . PHE A 1 75 ? -9.978  21.004  5.744   1.00 6.12 ? 75 PHE A HD2  1 
ATOM 1197 H HE1  . PHE A 1 75 ? -7.826  20.493  10.183  1.00 7.66 ? 75 PHE A HE1  1 
ATOM 1198 H HE2  . PHE A 1 75 ? -10.458 22.634  7.549   1.00 7.64 ? 75 PHE A HE2  1 
ATOM 1199 H HZ   . PHE A 1 75 ? -9.382  22.380  9.768   1.00 8.33 ? 75 PHE A HZ   1 
ATOM 1200 N N    . TRP A 1 76 ? -10.341 18.095  3.960   1.00 3.83 ? 76 TRP A N    1 
ATOM 1201 C CA   . TRP A 1 76 ? -10.971 17.745  2.655   1.00 3.82 ? 76 TRP A CA   1 
ATOM 1202 C C    . TRP A 1 76 ? -9.952  17.072  1.734   1.00 3.22 ? 76 TRP A C    1 
ATOM 1203 O O    . TRP A 1 76 ? -9.211  17.727  1.028   1.00 3.59 ? 76 TRP A O    1 
ATOM 1204 C CB   . TRP A 1 76 ? -11.425 19.077  2.071   1.00 4.57 ? 76 TRP A CB   1 
ATOM 1205 C CG   . TRP A 1 76 ? -12.900 19.210  2.257   1.00 5.44 ? 76 TRP A CG   1 
ATOM 1206 C CD1  . TRP A 1 76 ? -13.836 18.691  1.434   1.00 5.94 ? 76 TRP A CD1  1 
ATOM 1207 C CD2  . TRP A 1 76 ? -13.622 19.884  3.325   1.00 6.25 ? 76 TRP A CD2  1 
ATOM 1208 N NE1  . TRP A 1 76 ? -15.090 19.015  1.921   1.00 6.89 ? 76 TRP A NE1  1 
ATOM 1209 C CE2  . TRP A 1 76 ? -15.009 19.748  3.088   1.00 7.13 ? 76 TRP A CE2  1 
ATOM 1210 C CE3  . TRP A 1 76 ? -13.208 20.592  4.464   1.00 6.58 ? 76 TRP A CE3  1 
ATOM 1211 C CZ2  . TRP A 1 76 ? -15.955 20.302  3.951   1.00 8.18 ? 76 TRP A CZ2  1 
ATOM 1212 C CZ3  . TRP A 1 76 ? -14.156 21.152  5.337   1.00 7.71 ? 76 TRP A CZ3  1 
ATOM 1213 C CH2  . TRP A 1 76 ? -15.527 21.007  5.081   1.00 8.46 ? 76 TRP A CH2  1 
ATOM 1214 H H    . TRP A 1 76 ? -10.309 19.029  4.254   1.00 3.83 ? 76 TRP A H    1 
ATOM 1215 H HA   . TRP A 1 76 ? -11.827 17.106  2.807   1.00 4.18 ? 76 TRP A HA   1 
ATOM 1216 H HB2  . TRP A 1 76 ? -10.921 19.886  2.578   1.00 4.82 ? 76 TRP A HB2  1 
ATOM 1217 H HB3  . TRP A 1 76 ? -11.193 19.108  1.017   1.00 4.55 ? 76 TRP A HB3  1 
ATOM 1218 H HD1  . TRP A 1 76 ? -13.635 18.121  0.540   1.00 5.84 ? 76 TRP A HD1  1 
ATOM 1219 H HE1  . TRP A 1 76 ? -15.941 18.762  1.505   1.00 7.48 ? 76 TRP A HE1  1 
ATOM 1220 H HE3  . TRP A 1 76 ? -12.154 20.706  4.668   1.00 6.12 ? 76 TRP A HE3  1 
ATOM 1221 H HZ2  . TRP A 1 76 ? -17.010 20.188  3.749   1.00 8.89 ? 76 TRP A HZ2  1 
ATOM 1222 H HZ3  . TRP A 1 76 ? -13.828 21.696  6.209   1.00 8.14 ? 76 TRP A HZ3  1 
ATOM 1223 H HH2  . TRP A 1 76 ? -16.251 21.438  5.756   1.00 9.37 ? 76 TRP A HH2  1 
ATOM 1224 N N    . LYS A 1 77 ? -9.910  15.767  1.732   1.00 2.86 ? 77 LYS A N    1 
ATOM 1225 C CA   . LYS A 1 77 ? -8.938  15.053  0.854   1.00 2.83 ? 77 LYS A CA   1 
ATOM 1226 C C    . LYS A 1 77 ? -9.099  13.538  1.008   1.00 2.34 ? 77 LYS A C    1 
ATOM 1227 O O    . LYS A 1 77 ? -8.743  12.966  2.020   1.00 2.56 ? 77 LYS A O    1 
ATOM 1228 C CB   . LYS A 1 77 ? -7.560  15.497  1.347   1.00 3.70 ? 77 LYS A CB   1 
ATOM 1229 C CG   . LYS A 1 77 ? -7.396  15.113  2.818   1.00 4.43 ? 77 LYS A CG   1 
ATOM 1230 C CD   . LYS A 1 77 ? -6.628  16.214  3.551   1.00 5.42 ? 77 LYS A CD   1 
ATOM 1231 C CE   . LYS A 1 77 ? -5.536  15.584  4.418   1.00 6.25 ? 77 LYS A CE   1 
ATOM 1232 N NZ   . LYS A 1 77 ? -4.454  16.605  4.473   1.00 6.95 ? 77 LYS A NZ   1 
ATOM 1233 H H    . LYS A 1 77 ? -10.516 15.257  2.309   1.00 3.08 ? 77 LYS A H    1 
ATOM 1234 H HA   . LYS A 1 77 ? -9.074  15.344  -0.175  1.00 3.13 ? 77 LYS A HA   1 
ATOM 1235 H HB2  . LYS A 1 77 ? -6.795  15.011  0.759   1.00 4.06 ? 77 LYS A HB2  1 
ATOM 1236 H HB3  . LYS A 1 77 ? -7.467  16.567  1.243   1.00 3.97 ? 77 LYS A HB3  1 
ATOM 1237 H HG2  . LYS A 1 77 ? -8.371  14.991  3.268   1.00 4.42 ? 77 LYS A HG2  1 
ATOM 1238 H HG3  . LYS A 1 77 ? -6.848  14.186  2.890   1.00 4.73 ? 77 LYS A HG3  1 
ATOM 1239 H HD2  . LYS A 1 77 ? -6.177  16.880  2.830   1.00 5.78 ? 77 LYS A HD2  1 
ATOM 1240 H HD3  . LYS A 1 77 ? -7.307  16.771  4.179   1.00 5.54 ? 77 LYS A HD3  1 
ATOM 1241 H HE2  . LYS A 1 77 ? -5.916  15.380  5.411   1.00 6.49 ? 77 LYS A HE2  1 
ATOM 1242 H HE3  . LYS A 1 77 ? -5.168  14.679  3.961   1.00 6.45 ? 77 LYS A HE3  1 
ATOM 1243 H HZ1  . LYS A 1 77 ? -4.801  17.453  4.964   1.00 7.24 ? 77 LYS A HZ1  1 
ATOM 1244 H HZ2  . LYS A 1 77 ? -4.164  16.856  3.506   1.00 7.31 ? 77 LYS A HZ2  1 
ATOM 1245 H HZ3  . LYS A 1 77 ? -3.638  16.219  4.990   1.00 7.07 ? 77 LYS A HZ3  1 
ATOM 1246 N N    . THR A 1 78 ? -9.632  12.884  0.013   1.00 2.26 ? 78 THR A N    1 
ATOM 1247 C CA   . THR A 1 78 ? -9.814  11.406  0.104   1.00 1.81 ? 78 THR A CA   1 
ATOM 1248 C C    . THR A 1 78 ? -8.470  10.696  -0.082  1.00 1.37 ? 78 THR A C    1 
ATOM 1249 O O    . THR A 1 78 ? -7.659  11.087  -0.897  1.00 1.45 ? 78 THR A O    1 
ATOM 1250 C CB   . THR A 1 78 ? -10.771 11.054  -1.037  1.00 1.83 ? 78 THR A CB   1 
ATOM 1251 O OG1  . THR A 1 78 ? -11.604 12.171  -1.315  1.00 2.22 ? 78 THR A OG1  1 
ATOM 1252 C CG2  . THR A 1 78 ? -11.636 9.861   -0.630  1.00 1.72 ? 78 THR A CG2  1 
ATOM 1253 H H    . THR A 1 78 ? -9.913  13.364  -0.795  1.00 2.82 ? 78 THR A H    1 
ATOM 1254 H HA   . THR A 1 78 ? -10.255 11.139  1.051   1.00 1.98 ? 78 THR A HA   1 
ATOM 1255 H HB   . THR A 1 78 ? -10.203 10.798  -1.917  1.00 1.91 ? 78 THR A HB   1 
ATOM 1256 H HG1  . THR A 1 78 ? -12.145 11.954  -2.078  1.00 2.47 ? 78 THR A HG1  1 
ATOM 1257 H HG21 . THR A 1 78 ? -12.466 9.767   -1.314  1.00 2.01 ? 78 THR A HG21 1 
ATOM 1258 H HG22 . THR A 1 78 ? -12.010 10.012  0.373   1.00 2.00 ? 78 THR A HG22 1 
ATOM 1259 H HG23 . THR A 1 78 ? -11.041 8.960   -0.659  1.00 1.94 ? 78 THR A HG23 1 
ATOM 1260 N N    . ASP A 1 79 ? -8.229  9.656   0.667   1.00 1.11 ? 79 ASP A N    1 
ATOM 1261 C CA   . ASP A 1 79 ? -6.937  8.924   0.533   1.00 0.89 ? 79 ASP A CA   1 
ATOM 1262 C C    . ASP A 1 79 ? -6.857  8.239   -0.834  1.00 0.63 ? 79 ASP A C    1 
ATOM 1263 O O    . ASP A 1 79 ? -7.817  7.666   -1.309  1.00 0.63 ? 79 ASP A O    1 
ATOM 1264 C CB   . ASP A 1 79 ? -6.953  7.884   1.655   1.00 1.07 ? 79 ASP A CB   1 
ATOM 1265 C CG   . ASP A 1 79 ? -7.066  8.591   3.006   1.00 1.69 ? 79 ASP A CG   1 
ATOM 1266 O OD1  . ASP A 1 79 ? -6.741  9.765   3.066   1.00 2.49 ? 79 ASP A OD1  1 
ATOM 1267 O OD2  . ASP A 1 79 ? -7.477  7.948   3.957   1.00 2.26 ? 79 ASP A OD2  1 
ATOM 1268 H H    . ASP A 1 79 ? -8.897  9.358   1.321   1.00 1.27 ? 79 ASP A H    1 
ATOM 1269 H HA   . ASP A 1 79 ? -6.106  9.597   0.667   1.00 1.08 ? 79 ASP A HA   1 
ATOM 1270 H HB2  . ASP A 1 79 ? -7.798  7.223   1.521   1.00 1.63 ? 79 ASP A HB2  1 
ATOM 1271 H HB3  . ASP A 1 79 ? -6.039  7.311   1.627   1.00 1.56 ? 79 ASP A HB3  1 
ATOM 1272 N N    . ALA A 1 80 ? -5.717  8.295   -1.469  1.00 0.52 ? 80 ALA A N    1 
ATOM 1273 C CA   . ALA A 1 80 ? -5.573  7.649   -2.805  1.00 0.37 ? 80 ALA A CA   1 
ATOM 1274 C C    . ALA A 1 80 ? -6.258  6.279   -2.811  1.00 0.35 ? 80 ALA A C    1 
ATOM 1275 O O    . ALA A 1 80 ? -6.810  5.854   -3.806  1.00 0.42 ? 80 ALA A O    1 
ATOM 1276 C CB   . ALA A 1 80 ? -4.066  7.494   -3.010  1.00 0.48 ? 80 ALA A CB   1 
ATOM 1277 H H    . ALA A 1 80 ? -4.956  8.764   -1.068  1.00 0.64 ? 80 ALA A H    1 
ATOM 1278 H HA   . ALA A 1 80 ? -5.985  8.278   -3.577  1.00 0.38 ? 80 ALA A HA   1 
ATOM 1279 H HB1  . ALA A 1 80 ? -3.648  6.923   -2.193  1.00 1.09 ? 80 ALA A HB1  1 
ATOM 1280 H HB2  . ALA A 1 80 ? -3.605  8.469   -3.041  1.00 1.09 ? 80 ALA A HB2  1 
ATOM 1281 H HB3  . ALA A 1 80 ? -3.881  6.978   -3.940  1.00 1.15 ? 80 ALA A HB3  1 
ATOM 1282 N N    . SER A 1 81 ? -6.226  5.586   -1.706  1.00 0.42 ? 81 SER A N    1 
ATOM 1283 C CA   . SER A 1 81 ? -6.874  4.245   -1.647  1.00 0.51 ? 81 SER A CA   1 
ATOM 1284 C C    . SER A 1 81 ? -8.369  4.362   -1.955  1.00 0.54 ? 81 SER A C    1 
ATOM 1285 O O    . SER A 1 81 ? -9.041  3.379   -2.196  1.00 0.63 ? 81 SER A O    1 
ATOM 1286 C CB   . SER A 1 81 ? -6.659  3.765   -0.212  1.00 0.68 ? 81 SER A CB   1 
ATOM 1287 O OG   . SER A 1 81 ? -7.799  3.028   0.210   1.00 1.44 ? 81 SER A OG   1 
ATOM 1288 H H    . SER A 1 81 ? -5.773  5.948   -0.915  1.00 0.49 ? 81 SER A H    1 
ATOM 1289 H HA   . SER A 1 81 ? -6.398  3.567   -2.337  1.00 0.52 ? 81 SER A HA   1 
ATOM 1290 H HB2  . SER A 1 81 ? -5.791  3.130   -0.169  1.00 1.29 ? 81 SER A HB2  1 
ATOM 1291 H HB3  . SER A 1 81 ? -6.511  4.621   0.433   1.00 1.17 ? 81 SER A HB3  1 
ATOM 1292 H HG   . SER A 1 81 ? -7.563  2.098   0.222   1.00 1.84 ? 81 SER A HG   1 
ATOM 1293 N N    . ASP A 1 82 ? -8.898  5.556   -1.951  1.00 0.54 ? 82 ASP A N    1 
ATOM 1294 C CA   . ASP A 1 82 ? -10.351 5.728   -2.241  1.00 0.65 ? 82 ASP A CA   1 
ATOM 1295 C C    . ASP A 1 82 ? -10.555 6.743   -3.370  1.00 0.59 ? 82 ASP A C    1 
ATOM 1296 O O    . ASP A 1 82 ? -11.559 7.426   -3.428  1.00 0.67 ? 82 ASP A O    1 
ATOM 1297 C CB   . ASP A 1 82 ? -10.955 6.246   -0.938  1.00 0.77 ? 82 ASP A CB   1 
ATOM 1298 C CG   . ASP A 1 82 ? -10.825 5.178   0.148   1.00 0.84 ? 82 ASP A CG   1 
ATOM 1299 O OD1  . ASP A 1 82 ? -11.617 4.250   0.136   1.00 1.33 ? 82 ASP A OD1  1 
ATOM 1300 O OD2  . ASP A 1 82 ? -9.936  5.304   0.973   1.00 1.40 ? 82 ASP A OD2  1 
ATOM 1301 H H    . ASP A 1 82 ? -8.342  6.338   -1.752  1.00 0.53 ? 82 ASP A H    1 
ATOM 1302 H HA   . ASP A 1 82 ? -10.796 4.782   -2.500  1.00 0.71 ? 82 ASP A HA   1 
ATOM 1303 H HB2  . ASP A 1 82 ? -10.429 7.139   -0.631  1.00 0.78 ? 82 ASP A HB2  1 
ATOM 1304 H HB3  . ASP A 1 82 ? -11.999 6.478   -1.090  1.00 0.90 ? 82 ASP A HB3  1 
ATOM 1305 N N    . VAL A 1 83 ? -9.613  6.845   -4.266  1.00 0.50 ? 83 VAL A N    1 
ATOM 1306 C CA   . VAL A 1 83 ? -9.761  7.816   -5.391  1.00 0.49 ? 83 VAL A CA   1 
ATOM 1307 C C    . VAL A 1 83 ? -9.873  7.069   -6.721  1.00 0.53 ? 83 VAL A C    1 
ATOM 1308 O O    . VAL A 1 83 ? -9.567  5.898   -6.816  1.00 0.55 ? 83 VAL A O    1 
ATOM 1309 C CB   . VAL A 1 83 ? -8.489  8.664   -5.362  1.00 0.41 ? 83 VAL A CB   1 
ATOM 1310 C CG1  . VAL A 1 83 ? -8.704  9.932   -6.191  1.00 0.46 ? 83 VAL A CG1  1 
ATOM 1311 C CG2  . VAL A 1 83 ? -8.164  9.051   -3.918  1.00 0.46 ? 83 VAL A CG2  1 
ATOM 1312 H H    . VAL A 1 83 ? -8.814  6.284   -4.203  1.00 0.47 ? 83 VAL A H    1 
ATOM 1313 H HA   . VAL A 1 83 ? -10.624 8.443   -5.237  1.00 0.55 ? 83 VAL A HA   1 
ATOM 1314 H HB   . VAL A 1 83 ? -7.670  8.097   -5.778  1.00 0.36 ? 83 VAL A HB   1 
ATOM 1315 H HG11 . VAL A 1 83 ? -9.585  10.447  -5.840  1.00 1.08 ? 83 VAL A HG11 1 
ATOM 1316 H HG12 . VAL A 1 83 ? -8.833  9.665   -7.229  1.00 1.05 ? 83 VAL A HG12 1 
ATOM 1317 H HG13 . VAL A 1 83 ? -7.845  10.578  -6.088  1.00 1.05 ? 83 VAL A HG13 1 
ATOM 1318 H HG21 . VAL A 1 83 ? -7.939  8.162   -3.348  1.00 1.16 ? 83 VAL A HG21 1 
ATOM 1319 H HG22 . VAL A 1 83 ? -9.015  9.555   -3.480  1.00 1.07 ? 83 VAL A HG22 1 
ATOM 1320 H HG23 . VAL A 1 83 ? -7.310  9.713   -3.906  1.00 1.13 ? 83 VAL A HG23 1 
ATOM 1321 N N    . LYS A 1 84 ? -10.309 7.741   -7.753  1.00 0.58 ? 84 LYS A N    1 
ATOM 1322 C CA   . LYS A 1 84 ? -10.439 7.070   -9.077  1.00 0.65 ? 84 LYS A CA   1 
ATOM 1323 C C    . LYS A 1 84 ? -9.131  7.208   -9.867  1.00 0.53 ? 84 LYS A C    1 
ATOM 1324 O O    . LYS A 1 84 ? -8.526  8.262   -9.869  1.00 0.47 ? 84 LYS A O    1 
ATOM 1325 C CB   . LYS A 1 84 ? -11.572 7.815   -9.784  1.00 0.81 ? 84 LYS A CB   1 
ATOM 1326 C CG   . LYS A 1 84 ? -12.505 6.808   -10.460 1.00 1.69 ? 84 LYS A CG   1 
ATOM 1327 C CD   . LYS A 1 84 ? -13.726 7.542   -11.021 1.00 2.07 ? 84 LYS A CD   1 
ATOM 1328 C CE   . LYS A 1 84 ? -14.610 8.021   -9.867  1.00 3.04 ? 84 LYS A CE   1 
ATOM 1329 N NZ   . LYS A 1 84 ? -15.517 9.036   -10.472 1.00 3.54 ? 84 LYS A NZ   1 
ATOM 1330 H H    . LYS A 1 84 ? -10.551 8.686   -7.655  1.00 0.60 ? 84 LYS A H    1 
ATOM 1331 H HA   . LYS A 1 84 ? -10.704 6.034   -8.947  1.00 0.72 ? 84 LYS A HA   1 
ATOM 1332 H HB2  . LYS A 1 84 ? -12.129 8.393   -9.061  1.00 1.16 ? 84 LYS A HB2  1 
ATOM 1333 H HB3  . LYS A 1 84 ? -11.158 8.475   -10.530 1.00 1.45 ? 84 LYS A HB3  1 
ATOM 1334 H HG2  . LYS A 1 84 ? -11.979 6.315   -11.264 1.00 2.34 ? 84 LYS A HG2  1 
ATOM 1335 H HG3  . LYS A 1 84 ? -12.830 6.075   -9.737  1.00 2.25 ? 84 LYS A HG3  1 
ATOM 1336 H HD2  . LYS A 1 84 ? -13.399 8.393   -11.602 1.00 2.11 ? 84 LYS A HD2  1 
ATOM 1337 H HD3  . LYS A 1 84 ? -14.292 6.871   -11.651 1.00 2.43 ? 84 LYS A HD3  1 
ATOM 1338 H HE2  . LYS A 1 84 ? -15.180 7.195   -9.464  1.00 3.51 ? 84 LYS A HE2  1 
ATOM 1339 H HE3  . LYS A 1 84 ? -14.009 8.475   -9.095  1.00 3.45 ? 84 LYS A HE3  1 
ATOM 1340 H HZ1  . LYS A 1 84 ? -15.892 8.673   -11.372 1.00 3.73 ? 84 LYS A HZ1  1 
ATOM 1341 H HZ2  . LYS A 1 84 ? -14.987 9.914   -10.644 1.00 4.04 ? 84 LYS A HZ2  1 
ATOM 1342 H HZ3  . LYS A 1 84 ? -16.305 9.226   -9.823  1.00 3.71 ? 84 LYS A HZ3  1 
ATOM 1343 N N    . PRO A 1 85 ? -8.729  6.144   -10.522 1.00 0.54 ? 85 PRO A N    1 
ATOM 1344 C CA   . PRO A 1 85 ? -7.480  6.171   -11.321 1.00 0.46 ? 85 PRO A CA   1 
ATOM 1345 C C    . PRO A 1 85 ? -7.596  7.203   -12.446 1.00 0.47 ? 85 PRO A C    1 
ATOM 1346 O O    . PRO A 1 85 ? -8.607  7.294   -13.112 1.00 0.58 ? 85 PRO A O    1 
ATOM 1347 C CB   . PRO A 1 85 ? -7.407  4.748   -11.882 1.00 0.54 ? 85 PRO A CB   1 
ATOM 1348 C CG   . PRO A 1 85 ? -8.629  3.953   -11.380 1.00 0.65 ? 85 PRO A CG   1 
ATOM 1349 C CD   . PRO A 1 85 ? -9.489  4.873   -10.502 1.00 0.65 ? 85 PRO A CD   1 
ATOM 1350 H HA   . PRO A 1 85 ? -6.626  6.370   -10.696 1.00 0.40 ? 85 PRO A HA   1 
ATOM 1351 H HB2  . PRO A 1 85 ? -7.416  4.784   -12.964 1.00 0.56 ? 85 PRO A HB2  1 
ATOM 1352 H HB3  . PRO A 1 85 ? -6.502  4.268   -11.540 1.00 0.52 ? 85 PRO A HB3  1 
ATOM 1353 H HG2  . PRO A 1 85 ? -9.209  3.609   -12.224 1.00 0.71 ? 85 PRO A HG2  1 
ATOM 1354 H HG3  . PRO A 1 85 ? -8.297  3.108   -10.796 1.00 0.68 ? 85 PRO A HG3  1 
ATOM 1355 H HD2  . PRO A 1 85 ? -10.473 5.002   -10.935 1.00 0.72 ? 85 PRO A HD2  1 
ATOM 1356 H HD3  . PRO A 1 85 ? -9.557  4.493   -9.496  1.00 0.69 ? 85 PRO A HD3  1 
ATOM 1357 N N    . CYS A 1 86 ? -6.571  7.982   -12.665 1.00 0.41 ? 86 CYS A N    1 
ATOM 1358 C CA   . CYS A 1 86 ? -6.644  9.003   -13.750 1.00 0.49 ? 86 CYS A CA   1 
ATOM 1359 C C    . CYS A 1 86 ? -7.239  8.385   -15.018 1.00 0.59 ? 86 CYS A C    1 
ATOM 1360 O O    . CYS A 1 86 ? -7.148  7.177   -15.162 1.00 1.26 ? 86 CYS A O    1 
ATOM 1361 C CB   . CYS A 1 86 ? -5.199  9.438   -13.995 1.00 0.50 ? 86 CYS A CB   1 
ATOM 1362 S SG   . CYS A 1 86 ? -5.164  11.205  -14.396 1.00 0.60 ? 86 CYS A SG   1 
ATOM 1363 O OXT  . CYS A 1 86 ? -7.772  9.131   -15.822 1.00 1.20 ? 86 CYS A OXT  1 
ATOM 1364 H H    . CYS A 1 86 ? -5.759  7.898   -12.117 1.00 0.36 ? 86 CYS A H    1 
ATOM 1365 H HA   . CYS A 1 86 ? -7.234  9.848   -13.430 1.00 0.50 ? 86 CYS A HA   1 
ATOM 1366 H HB2  . CYS A 1 86 ? -4.609  9.256   -13.107 1.00 0.43 ? 86 CYS A HB2  1 
ATOM 1367 H HB3  . CYS A 1 86 ? -4.791  8.873   -14.820 1.00 0.58 ? 86 CYS A HB3  1 
# 
